data_3PKJ
#
_entry.id   3PKJ
#
_cell.length_a   89.042
_cell.length_b   135.780
_cell.length_c   89.105
_cell.angle_alpha   90.00
_cell.angle_beta   120.02
_cell.angle_gamma   90.00
#
_symmetry.space_group_name_H-M   'P 1 21 1'
#
loop_
_entity.id
_entity.type
_entity.pdbx_description
1 polymer 'NAD-dependent deacetylase sirtuin-6'
2 non-polymer '[(2R,3S,4R,5R)-4-(acetylamino)-3,5-dihydroxytetrahydrofuran-2-yl]methyl [(2R,3S,4R,5R)-5-(6-amino-9H-purin-9-yl)-3,4-dihydroxytetrahydrofuran-2-yl]methyl dihydrogen diphosphate'
3 non-polymer 'ZINC ION'
4 non-polymer 'SULFATE ION'
5 non-polymer 'UNKNOWN ATOM OR ION'
6 water water
#
_entity_poly.entity_id   1
_entity_poly.type   'polypeptide(L)'
_entity_poly.pdbx_seq_one_letter_code
;GSVNYAAGLSPYADKGKCGLPEIFDPPEELERKVWELARLVWQSSSVVFHTGAGISTASGIPDFRGPHGVWTMEERGLAP
KFDTTFESARPTQTHMALVQLERVGLLRFLVSQNVDGLHVRSGFPRDKLAELHGNMFVEECAKCKTQYVRDTVVGTMGLK
ATGRLCTVAKARGLRACRGELRDTILDWEDSLPDRDLALADEASRNADLSITLGTSLQIRPSGNLPLATKRRGGRLVIVN
LQPTKHDRHADLRIHGYVDEVMTRLMEHLGLEIPAWDGPRVLERALPPLPRPPTPKLEPKEESPTRINGSIPAGPKQEPC
AQHNGSEPASPKRERPTSPAPHRPPKRVKAKAVPS
;
_entity_poly.pdbx_strand_id   A,B,C,D,E,F
#
# COMPACT_ATOMS: atom_id res chain seq x y z
N ALA A 13 25.83 -19.13 16.74
CA ALA A 13 26.31 -19.23 15.37
C ALA A 13 27.75 -19.81 15.32
N ASP A 14 28.60 -19.32 14.35
CA ASP A 14 29.97 -19.78 14.14
C ASP A 14 30.95 -18.60 13.99
N LYS A 15 32.15 -18.71 14.61
CA LYS A 15 33.21 -17.70 14.57
C LYS A 15 34.10 -17.81 13.31
N GLY A 16 34.05 -18.97 12.64
CA GLY A 16 34.80 -19.27 11.43
C GLY A 16 36.28 -19.49 11.70
N LYS A 17 37.11 -19.41 10.64
CA LYS A 17 38.55 -19.59 10.78
C LYS A 17 39.20 -18.29 11.30
N CYS A 18 39.76 -18.35 12.52
CA CYS A 18 40.37 -17.22 13.21
C CYS A 18 41.90 -17.33 13.31
N GLY A 19 42.56 -16.17 13.34
CA GLY A 19 44.00 -16.03 13.48
C GLY A 19 44.87 -16.70 12.44
N LEU A 20 44.41 -16.71 11.17
CA LEU A 20 45.14 -17.27 10.04
C LEU A 20 46.45 -16.48 9.79
N PRO A 21 47.56 -17.10 9.31
CA PRO A 21 48.79 -16.34 9.08
C PRO A 21 48.62 -15.26 8.03
N GLU A 22 49.29 -14.10 8.25
CA GLU A 22 49.22 -12.96 7.35
C GLU A 22 50.23 -13.10 6.21
N ILE A 23 49.81 -12.71 4.99
CA ILE A 23 50.64 -12.75 3.79
C ILE A 23 50.94 -11.30 3.38
N PHE A 24 52.19 -11.03 3.01
CA PHE A 24 52.65 -9.71 2.60
C PHE A 24 53.31 -9.79 1.23
N ASP A 25 52.85 -8.96 0.27
CA ASP A 25 53.43 -8.90 -1.07
C ASP A 25 54.72 -8.07 -1.01
N PRO A 26 55.83 -8.51 -1.66
CA PRO A 26 57.07 -7.70 -1.64
C PRO A 26 56.89 -6.35 -2.36
N PRO A 27 57.74 -5.30 -2.09
CA PRO A 27 57.54 -3.99 -2.73
C PRO A 27 57.37 -4.01 -4.26
N GLU A 28 58.10 -4.90 -4.97
CA GLU A 28 58.05 -5.04 -6.44
C GLU A 28 56.71 -5.60 -6.91
N GLU A 29 56.23 -6.70 -6.29
CA GLU A 29 54.97 -7.36 -6.63
C GLU A 29 53.77 -6.48 -6.27
N LEU A 30 53.84 -5.75 -5.12
CA LEU A 30 52.80 -4.85 -4.61
C LEU A 30 52.56 -3.67 -5.57
N GLU A 31 53.65 -3.03 -6.05
CA GLU A 31 53.61 -1.90 -6.97
C GLU A 31 52.93 -2.25 -8.29
N ARG A 32 53.26 -3.43 -8.87
CA ARG A 32 52.69 -3.94 -10.13
C ARG A 32 51.21 -4.24 -9.98
N LYS A 33 50.78 -4.75 -8.80
CA LYS A 33 49.39 -5.09 -8.49
C LYS A 33 48.49 -3.85 -8.35
N VAL A 34 49.03 -2.76 -7.76
CA VAL A 34 48.29 -1.49 -7.59
C VAL A 34 48.10 -0.85 -8.99
N TRP A 35 49.09 -0.98 -9.88
CA TRP A 35 48.98 -0.48 -11.24
C TRP A 35 47.93 -1.29 -12.02
N GLU A 36 47.89 -2.63 -11.79
CA GLU A 36 46.91 -3.53 -12.41
C GLU A 36 45.51 -3.16 -11.90
N LEU A 37 45.39 -2.79 -10.61
CA LEU A 37 44.14 -2.35 -9.97
C LEU A 37 43.67 -1.02 -10.60
N ALA A 38 44.62 -0.06 -10.80
CA ALA A 38 44.37 1.25 -11.41
C ALA A 38 43.81 1.09 -12.83
N ARG A 39 44.36 0.11 -13.61
CA ARG A 39 43.94 -0.23 -14.98
C ARG A 39 42.50 -0.73 -14.97
N LEU A 40 42.17 -1.62 -13.99
CA LEU A 40 40.84 -2.20 -13.82
C LEU A 40 39.79 -1.13 -13.48
N VAL A 41 40.15 -0.12 -12.64
CA VAL A 41 39.27 0.99 -12.24
C VAL A 41 38.98 1.89 -13.46
N TRP A 42 40.03 2.26 -14.24
CA TRP A 42 39.91 3.12 -15.44
C TRP A 42 39.03 2.50 -16.54
N GLN A 43 39.10 1.17 -16.73
CA GLN A 43 38.35 0.46 -17.77
C GLN A 43 36.90 0.09 -17.37
N SER A 44 36.59 0.01 -16.05
CA SER A 44 35.27 -0.38 -15.55
C SER A 44 34.27 0.76 -15.47
N SER A 45 33.00 0.45 -15.83
CA SER A 45 31.87 1.39 -15.82
C SER A 45 31.18 1.45 -14.44
N SER A 46 30.96 0.27 -13.81
CA SER A 46 30.31 0.17 -12.50
C SER A 46 31.25 -0.47 -11.46
N VAL A 47 31.90 0.36 -10.63
CA VAL A 47 32.84 -0.10 -9.61
C VAL A 47 32.13 -0.16 -8.23
N VAL A 48 32.08 -1.37 -7.61
CA VAL A 48 31.48 -1.56 -6.30
C VAL A 48 32.55 -2.05 -5.30
N PHE A 49 32.70 -1.29 -4.20
CA PHE A 49 33.64 -1.61 -3.14
C PHE A 49 32.94 -2.36 -2.00
N HIS A 50 33.64 -3.33 -1.41
CA HIS A 50 33.15 -4.16 -0.30
C HIS A 50 34.10 -4.03 0.91
N THR A 51 33.67 -3.36 1.97
CA THR A 51 34.57 -3.14 3.09
C THR A 51 34.23 -3.96 4.33
N GLY A 52 35.27 -4.33 5.06
CA GLY A 52 35.20 -5.09 6.29
C GLY A 52 35.98 -4.43 7.40
N ALA A 53 36.05 -5.10 8.57
CA ALA A 53 36.69 -4.63 9.81
C ALA A 53 38.18 -4.20 9.68
N GLY A 54 38.87 -4.75 8.68
CA GLY A 54 40.27 -4.45 8.41
C GLY A 54 40.58 -3.02 7.99
N ILE A 55 39.64 -2.31 7.35
CA ILE A 55 39.88 -0.91 6.93
C ILE A 55 39.75 0.09 8.14
N SER A 56 39.48 -0.42 9.35
CA SER A 56 39.34 0.41 10.55
C SER A 56 40.44 0.14 11.59
N THR A 57 41.29 -0.90 11.37
CA THR A 57 42.38 -1.29 12.27
C THR A 57 43.46 -0.20 12.38
N ALA A 58 43.69 0.55 11.29
CA ALA A 58 44.65 1.66 11.29
C ALA A 58 44.14 2.87 12.10
N SER A 59 42.84 2.84 12.53
CA SER A 59 42.21 3.88 13.35
C SER A 59 42.11 3.51 14.82
N GLY A 60 42.49 2.29 15.18
CA GLY A 60 42.49 1.83 16.56
C GLY A 60 41.38 0.86 16.91
N ILE A 61 40.57 0.46 15.91
CA ILE A 61 39.47 -0.49 16.08
C ILE A 61 39.94 -1.89 15.60
N PRO A 62 40.00 -2.92 16.49
CA PRO A 62 40.47 -4.24 16.04
C PRO A 62 39.48 -4.96 15.13
N ASP A 63 39.99 -5.89 14.29
CA ASP A 63 39.11 -6.68 13.42
C ASP A 63 38.53 -7.87 14.22
N PHE A 64 37.95 -8.87 13.55
CA PHE A 64 37.35 -10.01 14.24
C PHE A 64 38.19 -11.28 14.18
N ARG A 65 38.79 -11.59 13.00
CA ARG A 65 39.53 -12.83 12.78
C ARG A 65 41.04 -12.64 12.48
N GLY A 66 41.54 -11.41 12.63
CA GLY A 66 42.95 -11.10 12.43
C GLY A 66 43.83 -11.65 13.56
N PRO A 67 45.19 -11.57 13.46
CA PRO A 67 46.05 -12.12 14.55
C PRO A 67 45.65 -11.67 15.97
N HIS A 68 45.19 -10.40 16.12
CA HIS A 68 44.76 -9.85 17.40
C HIS A 68 43.26 -9.45 17.37
N GLY A 69 42.48 -10.14 16.51
CA GLY A 69 41.05 -9.94 16.31
C GLY A 69 40.20 -10.29 17.51
N VAL A 70 38.96 -9.74 17.59
CA VAL A 70 38.00 -9.92 18.69
C VAL A 70 37.80 -11.44 19.00
N TRP A 71 37.43 -12.24 17.98
CA TRP A 71 37.18 -13.67 18.17
C TRP A 71 38.48 -14.48 18.31
N THR A 72 39.61 -14.00 17.73
CA THR A 72 40.93 -14.62 17.84
C THR A 72 41.45 -14.54 19.28
N MET A 73 41.37 -13.32 19.90
CA MET A 73 41.81 -13.09 21.28
C MET A 73 40.93 -13.85 22.27
N GLU A 74 39.60 -13.95 21.98
CA GLU A 74 38.61 -14.68 22.79
C GLU A 74 38.98 -16.15 22.89
N GLU A 75 39.44 -16.75 21.75
CA GLU A 75 39.89 -18.14 21.63
C GLU A 75 41.17 -18.36 22.48
N ARG A 76 41.99 -17.30 22.62
CA ARG A 76 43.25 -17.30 23.38
C ARG A 76 43.04 -16.93 24.87
N GLY A 77 41.78 -16.68 25.25
CA GLY A 77 41.41 -16.30 26.62
C GLY A 77 41.82 -14.89 26.97
N LEU A 78 41.92 -14.02 25.94
CA LEU A 78 42.28 -12.61 26.10
C LEU A 78 41.18 -11.70 25.56
N ALA A 79 41.28 -10.38 25.83
CA ALA A 79 40.29 -9.40 25.39
C ALA A 79 40.83 -8.58 24.21
N PRO A 80 39.98 -8.16 23.22
CA PRO A 80 40.49 -7.31 22.13
C PRO A 80 40.88 -5.91 22.64
N LYS A 81 41.86 -5.28 22.02
CA LYS A 81 42.33 -3.95 22.43
C LYS A 81 41.86 -2.87 21.46
N PHE A 82 41.22 -1.83 22.02
CA PHE A 82 40.73 -0.64 21.32
C PHE A 82 41.67 0.50 21.69
N ASP A 83 42.25 1.17 20.69
CA ASP A 83 43.17 2.29 20.89
C ASP A 83 42.42 3.62 20.73
N THR A 84 41.06 3.53 20.71
CA THR A 84 40.11 4.64 20.57
C THR A 84 38.70 4.18 20.96
N THR A 85 37.80 5.14 21.15
CA THR A 85 36.36 4.90 21.35
C THR A 85 35.80 5.06 19.93
N PHE A 86 34.58 4.55 19.66
CA PHE A 86 33.98 4.69 18.32
C PHE A 86 33.72 6.17 17.98
N GLU A 87 33.45 7.02 19.00
CA GLU A 87 33.19 8.46 18.85
C GLU A 87 34.45 9.25 18.55
N SER A 88 35.60 8.87 19.17
CA SER A 88 36.88 9.57 18.96
C SER A 88 37.68 8.99 17.77
N ALA A 89 37.20 7.87 17.17
CA ALA A 89 37.86 7.23 16.03
C ALA A 89 37.74 8.12 14.79
N ARG A 90 38.86 8.30 14.08
CA ARG A 90 38.83 9.10 12.87
C ARG A 90 38.90 8.20 11.63
N PRO A 91 38.14 8.51 10.54
CA PRO A 91 38.20 7.68 9.32
C PRO A 91 39.63 7.62 8.79
N THR A 92 40.06 6.43 8.33
CA THR A 92 41.42 6.19 7.82
C THR A 92 41.61 6.85 6.43
N GLN A 93 42.83 6.69 5.86
CA GLN A 93 43.17 7.15 4.52
C GLN A 93 42.30 6.41 3.50
N THR A 94 41.98 5.11 3.77
CA THR A 94 41.12 4.26 2.94
C THR A 94 39.69 4.81 2.93
N HIS A 95 39.11 5.12 4.12
CA HIS A 95 37.75 5.70 4.21
C HIS A 95 37.65 7.00 3.37
N MET A 96 38.65 7.89 3.52
CA MET A 96 38.67 9.17 2.82
C MET A 96 38.95 9.01 1.33
N ALA A 97 39.68 7.94 0.92
CA ALA A 97 39.96 7.66 -0.49
C ALA A 97 38.65 7.26 -1.17
N LEU A 98 37.82 6.44 -0.47
CA LEU A 98 36.52 5.97 -0.93
C LEU A 98 35.54 7.14 -1.11
N VAL A 99 35.67 8.17 -0.24
CA VAL A 99 34.86 9.40 -0.30
C VAL A 99 35.18 10.10 -1.63
N GLN A 100 36.48 10.31 -1.94
CA GLN A 100 36.96 10.95 -3.16
C GLN A 100 36.60 10.17 -4.41
N LEU A 101 36.76 8.82 -4.37
CA LEU A 101 36.43 7.91 -5.49
C LEU A 101 34.98 8.07 -5.93
N GLU A 102 34.05 8.19 -4.95
CA GLU A 102 32.62 8.41 -5.18
C GLU A 102 32.41 9.81 -5.76
N ARG A 103 33.06 10.84 -5.16
CA ARG A 103 32.96 12.25 -5.58
C ARG A 103 33.32 12.47 -7.05
N VAL A 104 34.32 11.74 -7.56
CA VAL A 104 34.78 11.88 -8.96
C VAL A 104 34.07 10.88 -9.93
N GLY A 105 33.12 10.10 -9.39
CA GLY A 105 32.32 9.14 -10.16
C GLY A 105 33.00 7.83 -10.48
N LEU A 106 34.14 7.53 -9.81
CA LEU A 106 34.90 6.29 -10.02
C LEU A 106 34.43 5.15 -9.10
N LEU A 107 33.45 5.43 -8.22
CA LEU A 107 32.86 4.48 -7.26
C LEU A 107 31.34 4.57 -7.40
N ARG A 108 30.71 3.48 -7.85
CA ARG A 108 29.27 3.42 -8.05
C ARG A 108 28.55 3.16 -6.72
N PHE A 109 28.98 2.15 -5.97
CA PHE A 109 28.32 1.78 -4.71
C PHE A 109 29.31 1.21 -3.71
N LEU A 110 28.97 1.33 -2.42
CA LEU A 110 29.79 0.84 -1.32
C LEU A 110 28.98 -0.05 -0.41
N VAL A 111 29.42 -1.32 -0.28
CA VAL A 111 28.77 -2.31 0.55
C VAL A 111 29.68 -2.52 1.77
N SER A 112 29.15 -2.29 2.97
CA SER A 112 29.96 -2.44 4.18
C SER A 112 29.35 -3.36 5.22
N GLN A 113 30.23 -4.14 5.87
CA GLN A 113 29.92 -5.07 6.95
C GLN A 113 30.20 -4.41 8.32
N ASN A 114 30.87 -3.24 8.29
CA ASN A 114 31.28 -2.48 9.47
C ASN A 114 30.15 -1.77 10.20
N VAL A 115 30.16 -1.87 11.54
CA VAL A 115 29.18 -1.25 12.45
C VAL A 115 29.77 0.04 13.09
N ASP A 116 31.09 0.27 12.92
CA ASP A 116 31.88 1.39 13.48
C ASP A 116 31.35 2.81 13.11
N GLY A 117 30.52 2.90 12.06
CA GLY A 117 29.91 4.14 11.58
C GLY A 117 30.89 5.14 10.98
N LEU A 118 32.06 4.66 10.51
CA LEU A 118 33.07 5.56 9.97
C LEU A 118 32.77 6.01 8.54
N HIS A 119 32.10 5.17 7.72
CA HIS A 119 31.73 5.54 6.35
C HIS A 119 30.78 6.74 6.33
N VAL A 120 29.72 6.72 7.18
CA VAL A 120 28.76 7.82 7.30
C VAL A 120 29.46 9.09 7.84
N ARG A 121 30.27 8.94 8.93
CA ARG A 121 30.98 10.04 9.58
C ARG A 121 32.04 10.69 8.67
N SER A 122 32.62 9.91 7.72
CA SER A 122 33.62 10.42 6.75
C SER A 122 33.00 11.37 5.70
N GLY A 123 31.67 11.36 5.61
CA GLY A 123 30.91 12.18 4.66
C GLY A 123 30.49 11.45 3.40
N PHE A 124 30.61 10.10 3.40
CA PHE A 124 30.22 9.27 2.26
C PHE A 124 28.69 9.29 2.08
N PRO A 125 28.15 9.49 0.84
CA PRO A 125 26.69 9.57 0.67
C PRO A 125 25.98 8.28 1.04
N ARG A 126 24.97 8.41 1.94
CA ARG A 126 24.18 7.29 2.48
C ARG A 126 23.35 6.57 1.39
N ASP A 127 23.01 7.26 0.28
CA ASP A 127 22.23 6.69 -0.83
C ASP A 127 23.11 5.77 -1.74
N LYS A 128 24.45 5.82 -1.58
CA LYS A 128 25.39 4.97 -2.32
C LYS A 128 26.09 3.98 -1.37
N LEU A 129 25.52 3.77 -0.17
CA LEU A 129 26.05 2.91 0.87
C LEU A 129 25.01 1.94 1.45
N ALA A 130 25.41 0.66 1.63
CA ALA A 130 24.61 -0.40 2.25
C ALA A 130 25.35 -0.88 3.50
N GLU A 131 24.76 -0.64 4.68
CA GLU A 131 25.32 -1.04 5.98
C GLU A 131 24.61 -2.31 6.41
N LEU A 132 25.11 -3.45 5.91
CA LEU A 132 24.55 -4.80 6.08
C LEU A 132 24.42 -5.27 7.51
N HIS A 133 25.37 -4.92 8.39
CA HIS A 133 25.32 -5.39 9.78
C HIS A 133 24.88 -4.26 10.74
N GLY A 134 24.54 -3.11 10.18
CA GLY A 134 24.08 -1.94 10.92
C GLY A 134 25.14 -0.90 11.15
N ASN A 135 24.79 0.09 11.98
CA ASN A 135 25.63 1.23 12.37
C ASN A 135 25.31 1.54 13.83
N MET A 136 26.33 1.54 14.72
CA MET A 136 26.08 1.79 16.15
C MET A 136 25.74 3.24 16.51
N PHE A 137 25.80 4.17 15.54
CA PHE A 137 25.42 5.57 15.73
C PHE A 137 23.99 5.79 15.17
N VAL A 138 23.46 4.82 14.42
CA VAL A 138 22.15 4.90 13.76
C VAL A 138 21.07 4.08 14.49
N GLU A 139 19.99 4.78 14.91
CA GLU A 139 18.81 4.17 15.51
C GLU A 139 17.62 4.36 14.58
N GLU A 140 16.77 3.31 14.46
CA GLU A 140 15.62 3.29 13.56
C GLU A 140 14.29 3.20 14.33
N CYS A 141 13.26 3.90 13.82
CA CYS A 141 11.92 3.88 14.39
C CYS A 141 11.22 2.58 13.96
N ALA A 142 10.62 1.86 14.93
CA ALA A 142 9.92 0.59 14.66
C ALA A 142 8.61 0.76 13.88
N LYS A 143 8.03 1.99 13.89
CA LYS A 143 6.76 2.29 13.22
C LYS A 143 6.91 2.86 11.79
N CYS A 144 7.68 3.96 11.60
CA CYS A 144 7.81 4.59 10.27
C CYS A 144 9.16 4.27 9.55
N LYS A 145 10.09 3.54 10.22
CA LYS A 145 11.41 3.14 9.71
C LYS A 145 12.40 4.32 9.45
N THR A 146 12.07 5.54 9.96
CA THR A 146 12.93 6.73 9.83
C THR A 146 14.20 6.53 10.69
N GLN A 147 15.38 6.70 10.07
CA GLN A 147 16.68 6.52 10.72
C GLN A 147 17.26 7.83 11.26
N TYR A 148 17.94 7.75 12.41
CA TYR A 148 18.55 8.88 13.10
C TYR A 148 20.04 8.64 13.29
N VAL A 149 20.89 9.46 12.63
CA VAL A 149 22.34 9.36 12.74
C VAL A 149 22.78 10.23 13.92
N ARG A 150 23.16 9.58 15.04
CA ARG A 150 23.58 10.26 16.27
C ARG A 150 25.08 10.53 16.31
N ASP A 151 25.50 11.56 17.07
CA ASP A 151 26.89 11.95 17.26
C ASP A 151 27.61 11.01 18.24
N THR A 152 26.83 10.26 19.03
CA THR A 152 27.32 9.29 20.03
C THR A 152 26.75 7.91 19.72
N VAL A 153 27.42 6.84 20.19
CA VAL A 153 26.98 5.46 19.96
C VAL A 153 25.65 5.18 20.68
N VAL A 154 24.76 4.44 20.00
CA VAL A 154 23.46 4.00 20.52
C VAL A 154 23.79 2.90 21.56
N GLY A 155 23.30 3.09 22.78
CA GLY A 155 23.55 2.23 23.93
C GLY A 155 23.13 0.78 23.86
N THR A 156 22.23 0.41 22.91
CA THR A 156 21.74 -0.96 22.77
C THR A 156 22.27 -1.65 21.51
N MET A 157 22.24 -3.00 21.51
CA MET A 157 22.66 -3.88 20.41
C MET A 157 21.66 -5.05 20.31
N GLY A 158 21.35 -5.47 19.09
CA GLY A 158 20.41 -6.56 18.82
C GLY A 158 18.99 -6.12 18.50
N LEU A 159 18.85 -4.92 17.86
CA LEU A 159 17.58 -4.28 17.44
C LEU A 159 16.62 -4.05 18.65
N LYS A 160 17.19 -3.67 19.81
CA LYS A 160 16.47 -3.42 21.07
C LYS A 160 16.13 -1.94 21.26
N ALA A 161 15.07 -1.65 22.05
CA ALA A 161 14.59 -0.29 22.35
C ALA A 161 15.66 0.53 23.10
N THR A 162 15.90 1.76 22.63
CA THR A 162 16.93 2.66 23.17
C THR A 162 16.38 3.54 24.32
N GLY A 163 15.08 3.84 24.26
CA GLY A 163 14.41 4.69 25.23
C GLY A 163 13.86 5.96 24.60
N ARG A 164 14.53 6.44 23.53
CA ARG A 164 14.14 7.63 22.78
C ARG A 164 12.99 7.32 21.84
N LEU A 165 12.15 8.32 21.55
CA LEU A 165 10.99 8.19 20.66
C LEU A 165 11.18 8.98 19.37
N CYS A 166 10.39 8.64 18.31
CA CYS A 166 10.42 9.31 17.00
C CYS A 166 9.97 10.77 17.11
N THR A 167 10.55 11.65 16.28
CA THR A 167 10.25 13.08 16.29
C THR A 167 9.56 13.58 15.00
N VAL A 168 9.39 12.69 13.99
CA VAL A 168 8.76 13.06 12.71
C VAL A 168 7.25 13.25 12.88
N ALA A 176 2.13 13.57 15.14
CA ALA A 176 3.49 13.01 15.20
C ALA A 176 3.49 11.48 15.33
N CYS A 177 4.61 10.85 14.90
CA CYS A 177 4.79 9.39 14.93
C CYS A 177 4.96 8.88 16.36
N ARG A 178 5.98 9.41 17.10
CA ARG A 178 6.34 9.07 18.49
C ARG A 178 6.66 7.55 18.69
N GLY A 179 7.06 6.88 17.60
CA GLY A 179 7.41 5.47 17.58
C GLY A 179 8.68 5.14 18.34
N GLU A 180 8.80 3.90 18.81
CA GLU A 180 9.93 3.40 19.58
C GLU A 180 11.21 3.32 18.72
N LEU A 181 12.30 4.01 19.15
CA LEU A 181 13.58 3.98 18.43
C LEU A 181 14.41 2.80 18.90
N ARG A 182 14.83 1.95 17.96
CA ARG A 182 15.64 0.75 18.20
C ARG A 182 16.97 0.85 17.47
N ASP A 183 18.01 0.16 17.99
CA ASP A 183 19.33 0.13 17.35
C ASP A 183 19.29 -0.61 16.02
N THR A 184 20.34 -0.49 15.21
CA THR A 184 20.42 -1.15 13.89
C THR A 184 21.42 -2.32 13.90
N ILE A 185 22.08 -2.57 15.06
CA ILE A 185 23.06 -3.65 15.23
C ILE A 185 22.36 -4.99 15.17
N LEU A 186 22.79 -5.86 14.24
CA LEU A 186 22.21 -7.19 14.12
C LEU A 186 22.96 -8.18 14.97
N ASP A 187 22.22 -9.02 15.71
CA ASP A 187 22.82 -10.09 16.49
C ASP A 187 23.07 -11.25 15.50
N TRP A 188 23.72 -12.34 15.96
CA TRP A 188 24.02 -13.49 15.10
C TRP A 188 22.77 -14.11 14.46
N GLU A 189 21.64 -14.14 15.21
CA GLU A 189 20.35 -14.72 14.81
C GLU A 189 19.48 -13.79 13.92
N ASP A 190 19.67 -12.46 14.01
CA ASP A 190 18.88 -11.48 13.23
C ASP A 190 19.17 -11.53 11.73
N SER A 191 18.13 -11.21 10.92
CA SER A 191 18.15 -11.17 9.47
C SER A 191 18.66 -9.81 8.97
N LEU A 192 19.38 -9.81 7.81
CA LEU A 192 19.95 -8.58 7.20
C LEU A 192 18.85 -7.59 6.77
N PRO A 193 19.06 -6.25 6.88
CA PRO A 193 18.00 -5.29 6.48
C PRO A 193 17.65 -5.44 5.00
N ASP A 194 16.34 -5.52 4.69
CA ASP A 194 15.80 -5.74 3.34
C ASP A 194 16.26 -4.71 2.30
N ARG A 195 16.12 -3.40 2.60
CA ARG A 195 16.51 -2.32 1.69
C ARG A 195 18.01 -2.33 1.37
N ASP A 196 18.87 -2.40 2.42
CA ASP A 196 20.34 -2.43 2.28
C ASP A 196 20.82 -3.64 1.48
N LEU A 197 20.32 -4.86 1.80
CA LEU A 197 20.70 -6.11 1.12
C LEU A 197 20.25 -6.11 -0.35
N ALA A 198 19.01 -5.66 -0.64
CA ALA A 198 18.48 -5.59 -2.01
C ALA A 198 19.29 -4.62 -2.89
N LEU A 199 19.67 -3.45 -2.34
CA LEU A 199 20.48 -2.44 -3.05
C LEU A 199 21.92 -2.95 -3.23
N ALA A 200 22.47 -3.65 -2.21
CA ALA A 200 23.82 -4.22 -2.25
C ALA A 200 23.89 -5.33 -3.29
N ASP A 201 22.86 -6.19 -3.37
CA ASP A 201 22.78 -7.30 -4.32
C ASP A 201 22.64 -6.76 -5.75
N GLU A 202 21.77 -5.75 -5.97
CA GLU A 202 21.55 -5.10 -7.27
C GLU A 202 22.86 -4.49 -7.79
N ALA A 203 23.54 -3.69 -6.94
CA ALA A 203 24.81 -3.03 -7.28
C ALA A 203 25.93 -4.03 -7.58
N SER A 204 26.06 -5.09 -6.77
CA SER A 204 27.06 -6.14 -6.92
C SER A 204 26.86 -6.97 -8.22
N ARG A 205 25.60 -7.30 -8.55
CA ARG A 205 25.20 -8.06 -9.74
C ARG A 205 25.52 -7.31 -11.03
N ASN A 206 25.23 -5.98 -11.05
CA ASN A 206 25.38 -5.08 -12.20
C ASN A 206 26.78 -4.43 -12.32
N ALA A 207 27.68 -4.73 -11.36
CA ALA A 207 29.06 -4.22 -11.38
C ALA A 207 29.94 -5.03 -12.34
N ASP A 208 30.88 -4.35 -13.01
CA ASP A 208 31.85 -5.02 -13.88
C ASP A 208 33.20 -5.14 -13.13
N LEU A 209 33.25 -4.56 -11.90
CA LEU A 209 34.39 -4.60 -11.00
C LEU A 209 33.97 -4.48 -9.54
N SER A 210 34.33 -5.49 -8.74
CA SER A 210 34.09 -5.50 -7.31
C SER A 210 35.42 -5.61 -6.59
N ILE A 211 35.71 -4.65 -5.72
CA ILE A 211 36.95 -4.61 -4.95
C ILE A 211 36.61 -4.81 -3.47
N THR A 212 37.21 -5.83 -2.84
CA THR A 212 37.01 -6.12 -1.42
C THR A 212 38.19 -5.54 -0.63
N LEU A 213 37.92 -4.80 0.44
CA LEU A 213 38.96 -4.17 1.27
C LEU A 213 38.79 -4.54 2.74
N GLY A 214 39.82 -5.14 3.33
CA GLY A 214 39.84 -5.52 4.75
C GLY A 214 38.73 -6.43 5.23
N THR A 215 38.27 -7.38 4.37
CA THR A 215 37.24 -8.35 4.76
C THR A 215 37.69 -9.78 4.46
N SER A 216 37.47 -10.71 5.42
CA SER A 216 37.83 -12.12 5.29
C SER A 216 36.82 -12.87 4.39
N LEU A 217 35.62 -12.26 4.14
CA LEU A 217 34.51 -12.76 3.30
C LEU A 217 33.96 -14.13 3.79
N GLN A 218 34.01 -14.38 5.12
CA GLN A 218 33.57 -15.63 5.74
C GLN A 218 32.08 -15.61 6.15
N ILE A 219 31.49 -14.41 6.33
CA ILE A 219 30.09 -14.28 6.75
C ILE A 219 29.18 -14.11 5.52
N ARG A 220 28.21 -15.01 5.37
CA ARG A 220 27.22 -14.98 4.27
C ARG A 220 25.94 -14.24 4.72
N PRO A 221 25.18 -13.55 3.82
CA PRO A 221 25.38 -13.42 2.37
C PRO A 221 26.38 -12.32 1.96
N SER A 222 26.87 -11.54 2.94
CA SER A 222 27.81 -10.43 2.78
C SER A 222 29.09 -10.81 2.00
N GLY A 223 29.69 -11.93 2.38
CA GLY A 223 30.90 -12.45 1.76
C GLY A 223 30.72 -12.98 0.35
N ASN A 224 29.48 -13.34 -0.02
CA ASN A 224 29.10 -13.87 -1.33
C ASN A 224 28.75 -12.80 -2.36
N LEU A 225 28.44 -11.55 -1.89
CA LEU A 225 28.07 -10.42 -2.75
C LEU A 225 29.16 -10.08 -3.80
N PRO A 226 30.49 -10.06 -3.48
CA PRO A 226 31.48 -9.78 -4.54
C PRO A 226 31.56 -10.86 -5.63
N LEU A 227 31.02 -12.08 -5.36
CA LEU A 227 30.98 -13.19 -6.32
C LEU A 227 29.90 -12.98 -7.39
N ALA A 228 28.82 -12.20 -7.06
CA ALA A 228 27.73 -11.87 -7.98
C ALA A 228 28.27 -11.09 -9.19
N THR A 229 29.40 -10.38 -8.99
CA THR A 229 30.11 -9.62 -10.02
C THR A 229 30.79 -10.62 -10.97
N LYS A 230 31.49 -11.62 -10.39
CA LYS A 230 32.25 -12.67 -11.08
C LYS A 230 31.37 -13.57 -11.98
N ARG A 231 30.09 -13.76 -11.60
CA ARG A 231 29.11 -14.57 -12.34
C ARG A 231 28.76 -14.00 -13.73
N ARG A 232 28.86 -12.67 -13.94
CA ARG A 232 28.51 -12.01 -15.22
C ARG A 232 29.71 -11.49 -16.01
N GLY A 233 30.86 -12.15 -15.88
CA GLY A 233 32.09 -11.75 -16.58
C GLY A 233 32.77 -10.55 -15.97
N GLY A 234 32.25 -10.07 -14.84
CA GLY A 234 32.79 -8.94 -14.10
C GLY A 234 34.05 -9.37 -13.36
N ARG A 235 34.93 -8.41 -13.08
CA ARG A 235 36.22 -8.69 -12.43
C ARG A 235 36.14 -8.59 -10.91
N LEU A 236 36.96 -9.36 -10.20
CA LEU A 236 37.01 -9.37 -8.75
C LEU A 236 38.44 -9.13 -8.24
N VAL A 237 38.59 -8.11 -7.36
CA VAL A 237 39.87 -7.75 -6.74
C VAL A 237 39.73 -7.90 -5.21
N ILE A 238 40.62 -8.67 -4.59
CA ILE A 238 40.60 -8.88 -3.15
C ILE A 238 41.86 -8.29 -2.53
N VAL A 239 41.68 -7.34 -1.60
CA VAL A 239 42.76 -6.69 -0.85
C VAL A 239 42.59 -7.09 0.61
N ASN A 240 43.51 -7.95 1.11
CA ASN A 240 43.49 -8.46 2.48
C ASN A 240 44.85 -8.98 2.90
N LEU A 241 45.20 -8.85 4.18
CA LEU A 241 46.47 -9.36 4.72
C LEU A 241 46.41 -10.89 4.86
N GLN A 242 45.31 -11.42 5.41
CA GLN A 242 45.05 -12.85 5.61
C GLN A 242 44.37 -13.44 4.37
N PRO A 243 44.34 -14.80 4.19
CA PRO A 243 43.62 -15.37 3.04
C PRO A 243 42.10 -15.22 3.22
N THR A 244 41.35 -15.14 2.11
CA THR A 244 39.87 -15.02 2.18
C THR A 244 39.19 -16.30 1.66
N LYS A 245 37.88 -16.44 1.95
CA LYS A 245 37.05 -17.57 1.54
C LYS A 245 37.00 -17.76 0.01
N HIS A 246 36.96 -16.65 -0.76
CA HIS A 246 36.84 -16.68 -2.22
C HIS A 246 38.11 -16.23 -2.96
N ASP A 247 39.30 -16.57 -2.41
CA ASP A 247 40.61 -16.24 -2.98
C ASP A 247 40.82 -16.79 -4.40
N ARG A 248 40.34 -18.03 -4.65
CA ARG A 248 40.46 -18.74 -5.92
C ARG A 248 39.70 -18.07 -7.08
N HIS A 249 38.60 -17.33 -6.77
CA HIS A 249 37.81 -16.68 -7.82
C HIS A 249 38.15 -15.18 -8.02
N ALA A 250 39.27 -14.69 -7.43
CA ALA A 250 39.75 -13.31 -7.62
C ALA A 250 40.66 -13.21 -8.86
N ASP A 251 40.49 -12.13 -9.66
CA ASP A 251 41.30 -11.84 -10.85
C ASP A 251 42.63 -11.23 -10.42
N LEU A 252 42.61 -10.54 -9.27
CA LEU A 252 43.76 -9.87 -8.67
C LEU A 252 43.67 -10.01 -7.13
N ARG A 253 44.75 -10.55 -6.50
CA ARG A 253 44.83 -10.74 -5.03
C ARG A 253 45.97 -9.91 -4.45
N ILE A 254 45.64 -8.84 -3.72
CA ILE A 254 46.65 -7.96 -3.14
C ILE A 254 46.79 -8.24 -1.63
N HIS A 255 48.00 -8.61 -1.21
CA HIS A 255 48.33 -8.88 0.18
C HIS A 255 49.19 -7.77 0.77
N GLY A 256 48.52 -6.85 1.44
CA GLY A 256 49.13 -5.68 2.07
C GLY A 256 48.14 -4.84 2.87
N TYR A 257 48.63 -3.77 3.50
CA TYR A 257 47.80 -2.87 4.29
C TYR A 257 46.94 -2.03 3.34
N VAL A 258 45.61 -1.98 3.59
CA VAL A 258 44.64 -1.26 2.77
C VAL A 258 44.99 0.22 2.58
N ASP A 259 45.55 0.88 3.62
CA ASP A 259 45.96 2.29 3.54
C ASP A 259 47.10 2.49 2.55
N GLU A 260 48.09 1.57 2.53
CA GLU A 260 49.22 1.63 1.60
C GLU A 260 48.77 1.39 0.15
N VAL A 261 47.84 0.43 -0.04
CA VAL A 261 47.26 0.07 -1.34
C VAL A 261 46.43 1.24 -1.91
N MET A 262 45.55 1.83 -1.08
CA MET A 262 44.67 2.93 -1.49
C MET A 262 45.45 4.22 -1.74
N THR A 263 46.50 4.50 -0.94
CA THR A 263 47.36 5.70 -1.13
C THR A 263 48.07 5.61 -2.49
N ARG A 264 48.62 4.41 -2.83
CA ARG A 264 49.29 4.16 -4.09
C ARG A 264 48.29 4.21 -5.25
N LEU A 265 47.04 3.77 -5.02
CA LEU A 265 45.97 3.76 -6.03
C LEU A 265 45.57 5.19 -6.41
N MET A 266 45.31 6.06 -5.40
CA MET A 266 44.93 7.46 -5.59
C MET A 266 45.99 8.24 -6.34
N GLU A 267 47.28 7.93 -6.07
CA GLU A 267 48.43 8.55 -6.73
C GLU A 267 48.45 8.19 -8.23
N HIS A 268 48.15 6.90 -8.56
CA HIS A 268 48.09 6.43 -9.95
C HIS A 268 46.92 7.05 -10.70
N LEU A 269 45.77 7.22 -10.01
CA LEU A 269 44.56 7.83 -10.58
C LEU A 269 44.65 9.38 -10.69
N GLY A 270 45.68 9.96 -10.06
CA GLY A 270 45.92 11.40 -10.04
C GLY A 270 44.95 12.13 -9.12
N LEU A 271 44.48 11.44 -8.06
CA LEU A 271 43.52 11.98 -7.10
C LEU A 271 44.16 12.19 -5.74
N GLU A 272 43.74 13.24 -5.05
CA GLU A 272 44.22 13.55 -3.71
C GLU A 272 43.24 13.03 -2.68
N ILE A 273 43.74 12.56 -1.54
CA ILE A 273 42.89 12.05 -0.45
C ILE A 273 42.38 13.29 0.34
N PRO A 274 41.04 13.54 0.37
CA PRO A 274 40.53 14.75 1.02
C PRO A 274 40.64 14.75 2.54
N ALA A 275 40.70 15.97 3.11
CA ALA A 275 40.79 16.19 4.54
C ALA A 275 39.45 15.93 5.21
N TRP A 276 39.50 15.46 6.45
CA TRP A 276 38.33 15.17 7.27
C TRP A 276 38.23 16.25 8.34
N ASP A 277 37.16 17.08 8.26
CA ASP A 277 36.91 18.19 9.18
C ASP A 277 35.84 17.82 10.24
N GLY A 278 35.98 16.62 10.81
CA GLY A 278 35.07 16.12 11.83
C GLY A 278 33.88 15.35 11.30
N PRO A 279 33.05 14.75 12.21
CA PRO A 279 31.90 13.95 11.74
C PRO A 279 30.84 14.77 10.98
N ARG A 280 30.49 14.31 9.76
CA ARG A 280 29.51 14.95 8.88
C ARG A 280 28.70 13.91 8.14
N VAL A 281 27.36 14.11 8.06
CA VAL A 281 26.42 13.20 7.42
C VAL A 281 25.93 13.77 6.09
N LEU A 282 26.10 13.00 5.00
CA LEU A 282 25.64 13.33 3.65
C LEU A 282 24.63 12.27 3.24
N GLU A 283 23.35 12.67 3.11
CA GLU A 283 22.26 11.77 2.77
C GLU A 283 22.29 11.33 1.31
N ARG A 284 22.47 12.30 0.38
CA ARG A 284 22.45 12.01 -1.06
C ARG A 284 23.71 12.43 -1.79
N ALA A 285 24.10 11.62 -2.78
CA ALA A 285 25.26 11.84 -3.64
C ALA A 285 25.01 13.01 -4.57
N LEU A 286 26.05 13.83 -4.77
CA LEU A 286 26.03 15.00 -5.65
C LEU A 286 26.53 14.57 -7.05
N PRO A 287 26.28 15.36 -8.15
CA PRO A 287 26.82 14.95 -9.47
C PRO A 287 28.35 14.84 -9.45
N PRO A 288 28.97 13.93 -10.25
CA PRO A 288 30.44 13.76 -10.17
C PRO A 288 31.25 15.03 -10.41
N LEU A 289 32.30 15.21 -9.57
CA LEU A 289 33.23 16.33 -9.64
C LEU A 289 34.22 16.05 -10.78
N PRO A 290 34.96 17.08 -11.31
CA PRO A 290 35.94 16.80 -12.38
C PRO A 290 37.04 15.84 -11.94
N ARG A 291 37.42 14.93 -12.84
CA ARG A 291 38.45 13.92 -12.59
C ARG A 291 39.51 13.96 -13.70
N PRO A 292 40.78 13.52 -13.44
CA PRO A 292 41.80 13.56 -14.52
C PRO A 292 41.44 12.67 -15.71
N PRO A 293 41.80 13.05 -16.98
CA PRO A 293 41.48 12.18 -18.13
C PRO A 293 42.15 10.80 -18.03
N THR A 294 41.48 9.78 -18.58
CA THR A 294 41.87 8.36 -18.54
C THR A 294 43.10 8.07 -19.43
N PRO A 295 44.13 7.30 -18.94
CA PRO A 295 45.28 6.98 -19.80
C PRO A 295 44.92 6.04 -20.95
N LYS A 296 45.76 6.03 -22.01
CA LYS A 296 45.59 5.20 -23.20
C LYS A 296 45.94 3.75 -22.90
N ALA B 13 8.67 -19.63 1.69
CA ALA B 13 8.06 -19.85 3.00
C ALA B 13 7.20 -18.65 3.44
N ASP B 14 7.50 -17.44 2.91
CA ASP B 14 6.80 -16.20 3.20
C ASP B 14 5.89 -15.81 2.02
N LYS B 15 4.59 -15.62 2.28
CA LYS B 15 3.60 -15.31 1.25
C LYS B 15 3.55 -13.81 0.88
N GLY B 16 3.29 -12.95 1.87
CA GLY B 16 3.15 -11.50 1.67
C GLY B 16 1.72 -11.04 1.90
N LYS B 17 1.35 -9.87 1.35
CA LYS B 17 -0.01 -9.35 1.49
C LYS B 17 -0.93 -10.04 0.47
N CYS B 18 -1.89 -10.87 0.97
CA CYS B 18 -2.84 -11.64 0.16
C CYS B 18 -4.28 -11.14 0.31
N GLY B 19 -5.07 -11.35 -0.74
CA GLY B 19 -6.49 -10.99 -0.79
C GLY B 19 -6.82 -9.52 -0.60
N LEU B 20 -5.97 -8.61 -1.13
CA LEU B 20 -6.20 -7.17 -1.04
C LEU B 20 -7.42 -6.78 -1.92
N PRO B 21 -8.23 -5.74 -1.53
CA PRO B 21 -9.39 -5.38 -2.37
C PRO B 21 -8.97 -4.87 -3.76
N GLU B 22 -9.77 -5.23 -4.77
CA GLU B 22 -9.52 -4.87 -6.16
C GLU B 22 -10.06 -3.47 -6.46
N ILE B 23 -9.31 -2.71 -7.25
CA ILE B 23 -9.69 -1.36 -7.70
C ILE B 23 -9.97 -1.40 -9.20
N PHE B 24 -11.04 -0.73 -9.63
CA PHE B 24 -11.46 -0.68 -11.03
C PHE B 24 -11.62 0.77 -11.48
N ASP B 25 -10.93 1.14 -12.58
CA ASP B 25 -11.03 2.48 -13.15
C ASP B 25 -12.32 2.59 -13.95
N PRO B 26 -13.11 3.70 -13.81
CA PRO B 26 -14.35 3.83 -14.61
C PRO B 26 -14.07 3.94 -16.12
N PRO B 27 -15.04 3.63 -17.02
CA PRO B 27 -14.76 3.68 -18.49
C PRO B 27 -14.09 4.97 -18.99
N GLU B 28 -14.46 6.14 -18.42
CA GLU B 28 -13.91 7.45 -18.81
C GLU B 28 -12.43 7.60 -18.42
N GLU B 29 -12.05 7.26 -17.17
CA GLU B 29 -10.66 7.38 -16.71
C GLU B 29 -9.79 6.31 -17.35
N LEU B 30 -10.33 5.07 -17.55
CA LEU B 30 -9.63 3.96 -18.17
C LEU B 30 -9.20 4.29 -19.61
N GLU B 31 -10.12 4.89 -20.41
CA GLU B 31 -9.86 5.26 -21.80
C GLU B 31 -8.74 6.31 -21.92
N ARG B 32 -8.74 7.32 -21.03
CA ARG B 32 -7.73 8.39 -20.99
C ARG B 32 -6.35 7.83 -20.60
N LYS B 33 -6.31 6.83 -19.68
CA LYS B 33 -5.08 6.17 -19.22
C LYS B 33 -4.44 5.31 -20.31
N VAL B 34 -5.26 4.60 -21.13
CA VAL B 34 -4.76 3.77 -22.23
C VAL B 34 -4.15 4.69 -23.33
N TRP B 35 -4.78 5.87 -23.55
CA TRP B 35 -4.29 6.89 -24.50
C TRP B 35 -2.95 7.47 -24.00
N GLU B 36 -2.81 7.65 -22.67
CA GLU B 36 -1.59 8.12 -22.02
C GLU B 36 -0.49 7.05 -22.14
N LEU B 37 -0.88 5.75 -22.01
CA LEU B 37 0.02 4.60 -22.15
C LEU B 37 0.52 4.50 -23.60
N ALA B 38 -0.39 4.71 -24.58
CA ALA B 38 -0.06 4.68 -26.01
C ALA B 38 0.97 5.76 -26.35
N ARG B 39 0.77 6.98 -25.79
CA ARG B 39 1.65 8.16 -25.92
C ARG B 39 3.06 7.85 -25.37
N LEU B 40 3.14 7.12 -24.24
CA LEU B 40 4.39 6.70 -23.60
C LEU B 40 5.13 5.66 -24.45
N VAL B 41 4.39 4.73 -25.10
CA VAL B 41 4.96 3.69 -25.99
C VAL B 41 5.57 4.35 -27.26
N TRP B 42 4.82 5.27 -27.90
CA TRP B 42 5.24 6.01 -29.11
C TRP B 42 6.50 6.87 -28.89
N GLN B 43 6.63 7.48 -27.69
CA GLN B 43 7.73 8.38 -27.33
C GLN B 43 8.99 7.66 -26.78
N SER B 44 8.86 6.40 -26.37
CA SER B 44 9.98 5.64 -25.79
C SER B 44 10.77 4.83 -26.81
N SER B 45 12.11 4.78 -26.62
CA SER B 45 13.06 4.06 -27.46
C SER B 45 13.22 2.59 -27.00
N SER B 46 13.34 2.36 -25.68
CA SER B 46 13.51 1.04 -25.08
C SER B 46 12.33 0.70 -24.14
N VAL B 47 11.36 -0.08 -24.65
CA VAL B 47 10.17 -0.48 -23.89
C VAL B 47 10.35 -1.90 -23.35
N VAL B 48 10.30 -2.03 -22.02
CA VAL B 48 10.46 -3.32 -21.35
C VAL B 48 9.18 -3.63 -20.57
N PHE B 49 8.62 -4.83 -20.82
CA PHE B 49 7.42 -5.31 -20.15
C PHE B 49 7.77 -6.28 -19.05
N HIS B 50 7.05 -6.20 -17.93
CA HIS B 50 7.22 -7.05 -16.76
C HIS B 50 5.88 -7.74 -16.50
N THR B 51 5.83 -9.07 -16.62
CA THR B 51 4.56 -9.79 -16.45
C THR B 51 4.55 -10.71 -15.22
N GLY B 52 3.36 -10.83 -14.64
CA GLY B 52 3.11 -11.66 -13.48
C GLY B 52 1.91 -12.56 -13.70
N ALA B 53 1.46 -13.22 -12.62
CA ALA B 53 0.37 -14.19 -12.63
C ALA B 53 -0.96 -13.69 -13.23
N GLY B 54 -1.26 -12.40 -13.04
CA GLY B 54 -2.49 -11.75 -13.52
C GLY B 54 -2.75 -11.77 -15.02
N ILE B 55 -1.70 -11.96 -15.85
CA ILE B 55 -1.85 -12.00 -17.31
C ILE B 55 -2.30 -13.41 -17.79
N SER B 56 -2.47 -14.38 -16.85
CA SER B 56 -2.90 -15.75 -17.16
C SER B 56 -4.27 -16.11 -16.52
N THR B 57 -4.87 -15.22 -15.67
CA THR B 57 -6.16 -15.47 -15.00
C THR B 57 -7.30 -15.67 -16.00
N ALA B 58 -7.28 -14.91 -17.12
CA ALA B 58 -8.24 -14.99 -18.21
C ALA B 58 -8.14 -16.31 -19.00
N SER B 59 -7.07 -17.11 -18.77
CA SER B 59 -6.85 -18.41 -19.42
C SER B 59 -7.24 -19.61 -18.53
N GLY B 60 -7.61 -19.33 -17.28
CA GLY B 60 -8.03 -20.36 -16.32
C GLY B 60 -7.01 -20.68 -15.25
N ILE B 61 -5.83 -20.04 -15.31
CA ILE B 61 -4.75 -20.23 -14.34
C ILE B 61 -4.88 -19.17 -13.24
N PRO B 62 -5.12 -19.56 -11.96
CA PRO B 62 -5.24 -18.56 -10.90
C PRO B 62 -3.91 -17.89 -10.54
N ASP B 63 -3.98 -16.66 -10.00
CA ASP B 63 -2.81 -15.93 -9.56
C ASP B 63 -2.40 -16.44 -8.16
N PHE B 64 -1.53 -15.69 -7.44
CA PHE B 64 -1.09 -16.11 -6.10
C PHE B 64 -1.73 -15.30 -4.96
N ARG B 65 -1.84 -13.96 -5.11
CA ARG B 65 -2.35 -13.08 -4.06
C ARG B 65 -3.68 -12.35 -4.39
N GLY B 66 -4.33 -12.72 -5.50
CA GLY B 66 -5.61 -12.14 -5.88
C GLY B 66 -6.76 -12.64 -5.02
N PRO B 67 -7.99 -12.11 -5.19
CA PRO B 67 -9.12 -12.56 -4.33
C PRO B 67 -9.30 -14.08 -4.24
N HIS B 68 -9.03 -14.81 -5.34
CA HIS B 68 -9.12 -16.27 -5.39
C HIS B 68 -7.75 -16.91 -5.72
N GLY B 69 -6.67 -16.22 -5.35
CA GLY B 69 -5.29 -16.65 -5.57
C GLY B 69 -4.89 -17.89 -4.79
N VAL B 70 -3.76 -18.53 -5.20
CA VAL B 70 -3.21 -19.75 -4.59
C VAL B 70 -2.97 -19.57 -3.08
N TRP B 71 -2.18 -18.54 -2.68
CA TRP B 71 -1.90 -18.27 -1.26
C TRP B 71 -3.15 -17.75 -0.52
N THR B 72 -4.01 -16.94 -1.19
CA THR B 72 -5.23 -16.36 -0.62
C THR B 72 -6.23 -17.46 -0.22
N MET B 73 -6.46 -18.45 -1.12
CA MET B 73 -7.36 -19.59 -0.87
C MET B 73 -6.80 -20.50 0.22
N GLU B 74 -5.45 -20.67 0.26
CA GLU B 74 -4.73 -21.48 1.27
C GLU B 74 -4.98 -20.92 2.68
N GLU B 75 -4.98 -19.57 2.81
CA GLU B 75 -5.23 -18.82 4.04
C GLU B 75 -6.68 -19.04 4.51
N ARG B 76 -7.60 -19.24 3.54
CA ARG B 76 -9.04 -19.47 3.76
C ARG B 76 -9.37 -20.98 3.94
N GLY B 77 -8.35 -21.82 3.88
CA GLY B 77 -8.50 -23.27 4.03
C GLY B 77 -9.13 -23.92 2.81
N LEU B 78 -8.95 -23.29 1.64
CA LEU B 78 -9.48 -23.79 0.37
C LEU B 78 -8.34 -24.01 -0.62
N ALA B 79 -8.64 -24.69 -1.72
CA ALA B 79 -7.68 -25.00 -2.77
C ALA B 79 -7.86 -24.05 -3.96
N PRO B 80 -6.79 -23.65 -4.69
CA PRO B 80 -6.99 -22.78 -5.86
C PRO B 80 -7.68 -23.55 -6.98
N LYS B 81 -8.49 -22.86 -7.81
CA LYS B 81 -9.20 -23.52 -8.90
C LYS B 81 -8.56 -23.22 -10.25
N PHE B 82 -8.27 -24.31 -10.98
CA PHE B 82 -7.71 -24.31 -12.32
C PHE B 82 -8.84 -24.71 -13.27
N ASP B 83 -9.12 -23.86 -14.27
CA ASP B 83 -10.18 -24.13 -15.26
C ASP B 83 -9.57 -24.73 -16.53
N THR B 84 -8.27 -25.14 -16.43
CA THR B 84 -7.45 -25.72 -17.47
C THR B 84 -6.22 -26.41 -16.87
N THR B 85 -5.54 -27.25 -17.67
CA THR B 85 -4.26 -27.84 -17.32
C THR B 85 -3.26 -26.87 -17.96
N PHE B 86 -1.98 -26.88 -17.54
CA PHE B 86 -0.97 -26.00 -18.13
C PHE B 86 -0.76 -26.31 -19.63
N GLU B 87 -0.96 -27.59 -20.03
CA GLU B 87 -0.82 -28.07 -21.41
C GLU B 87 -1.98 -27.62 -22.31
N SER B 88 -3.22 -27.61 -21.77
CA SER B 88 -4.41 -27.20 -22.54
C SER B 88 -4.68 -25.68 -22.46
N ALA B 89 -3.90 -24.95 -21.63
CA ALA B 89 -4.06 -23.50 -21.47
C ALA B 89 -3.64 -22.77 -22.72
N ARG B 90 -4.46 -21.81 -23.16
CA ARG B 90 -4.14 -21.03 -24.35
C ARG B 90 -3.70 -19.63 -23.97
N PRO B 91 -2.64 -19.08 -24.62
CA PRO B 91 -2.20 -17.70 -24.32
C PRO B 91 -3.33 -16.70 -24.48
N THR B 92 -3.43 -15.73 -23.55
CA THR B 92 -4.48 -14.70 -23.53
C THR B 92 -4.27 -13.68 -24.67
N GLN B 93 -5.18 -12.69 -24.77
CA GLN B 93 -5.10 -11.57 -25.72
C GLN B 93 -3.84 -10.73 -25.38
N THR B 94 -3.50 -10.63 -24.06
CA THR B 94 -2.32 -9.90 -23.56
C THR B 94 -1.05 -10.60 -24.05
N HIS B 95 -0.99 -11.94 -23.89
CA HIS B 95 0.12 -12.78 -24.31
C HIS B 95 0.43 -12.57 -25.80
N MET B 96 -0.62 -12.60 -26.65
CA MET B 96 -0.54 -12.43 -28.10
C MET B 96 -0.27 -10.99 -28.52
N ALA B 97 -0.69 -9.99 -27.68
CA ALA B 97 -0.42 -8.58 -27.95
C ALA B 97 1.07 -8.31 -27.80
N LEU B 98 1.69 -8.94 -26.77
CA LEU B 98 3.13 -8.86 -26.46
C LEU B 98 3.96 -9.47 -27.59
N VAL B 99 3.42 -10.53 -28.24
CA VAL B 99 4.05 -11.21 -29.39
C VAL B 99 4.14 -10.20 -30.55
N GLN B 100 3.01 -9.52 -30.87
CA GLN B 100 2.92 -8.52 -31.93
C GLN B 100 3.78 -7.28 -31.65
N LEU B 101 3.79 -6.80 -30.39
CA LEU B 101 4.58 -5.62 -29.98
C LEU B 101 6.07 -5.85 -30.24
N GLU B 102 6.56 -7.07 -29.94
CA GLU B 102 7.95 -7.48 -30.19
C GLU B 102 8.20 -7.54 -31.70
N ARG B 103 7.26 -8.16 -32.46
CA ARG B 103 7.33 -8.33 -33.92
C ARG B 103 7.47 -7.01 -34.66
N VAL B 104 6.82 -5.94 -34.18
CA VAL B 104 6.87 -4.61 -34.82
C VAL B 104 7.99 -3.71 -34.22
N GLY B 105 8.78 -4.26 -33.28
CA GLY B 105 9.88 -3.55 -32.64
C GLY B 105 9.49 -2.56 -31.54
N LEU B 106 8.22 -2.60 -31.07
CA LEU B 106 7.73 -1.70 -30.02
C LEU B 106 7.97 -2.25 -28.61
N LEU B 107 8.56 -3.45 -28.53
CA LEU B 107 8.89 -4.13 -27.28
C LEU B 107 10.36 -4.56 -27.38
N ARG B 108 11.22 -4.00 -26.51
CA ARG B 108 12.67 -4.28 -26.47
C ARG B 108 12.99 -5.59 -25.72
N PHE B 109 12.25 -5.88 -24.62
CA PHE B 109 12.48 -7.08 -23.80
C PHE B 109 11.28 -7.40 -22.91
N LEU B 110 11.13 -8.69 -22.56
CA LEU B 110 10.03 -9.16 -21.70
C LEU B 110 10.58 -9.93 -20.51
N VAL B 111 10.29 -9.43 -19.31
CA VAL B 111 10.72 -10.02 -18.05
C VAL B 111 9.50 -10.66 -17.41
N SER B 112 9.54 -11.98 -17.16
CA SER B 112 8.39 -12.65 -16.58
C SER B 112 8.71 -13.45 -15.33
N GLN B 113 7.75 -13.44 -14.40
CA GLN B 113 7.80 -14.16 -13.12
C GLN B 113 6.99 -15.47 -13.24
N ASN B 114 6.25 -15.63 -14.36
CA ASN B 114 5.36 -16.76 -14.63
C ASN B 114 6.09 -18.05 -15.00
N VAL B 115 5.62 -19.16 -14.40
CA VAL B 115 6.16 -20.52 -14.61
C VAL B 115 5.24 -21.32 -15.57
N ASP B 116 4.04 -20.78 -15.90
CA ASP B 116 3.00 -21.38 -16.74
C ASP B 116 3.45 -21.75 -18.18
N GLY B 117 4.57 -21.19 -18.63
CA GLY B 117 5.13 -21.45 -19.96
C GLY B 117 4.31 -20.93 -21.12
N LEU B 118 3.43 -19.94 -20.87
CA LEU B 118 2.57 -19.40 -21.93
C LEU B 118 3.28 -18.41 -22.85
N HIS B 119 4.31 -17.69 -22.35
CA HIS B 119 5.06 -16.74 -23.19
C HIS B 119 5.80 -17.50 -24.30
N VAL B 120 6.50 -18.60 -23.94
CA VAL B 120 7.24 -19.45 -24.89
C VAL B 120 6.26 -20.09 -25.89
N ARG B 121 5.17 -20.70 -25.39
CA ARG B 121 4.15 -21.38 -26.20
C ARG B 121 3.40 -20.44 -27.16
N SER B 122 3.27 -19.14 -26.81
CA SER B 122 2.63 -18.11 -27.65
C SER B 122 3.47 -17.75 -28.90
N GLY B 123 4.74 -18.17 -28.91
CA GLY B 123 5.67 -17.92 -30.00
C GLY B 123 6.58 -16.74 -29.77
N PHE B 124 6.62 -16.21 -28.51
CA PHE B 124 7.48 -15.08 -28.15
C PHE B 124 8.95 -15.50 -28.20
N PRO B 125 9.86 -14.71 -28.85
CA PRO B 125 11.28 -15.14 -28.93
C PRO B 125 11.95 -15.25 -27.58
N ARG B 126 12.57 -16.43 -27.34
CA ARG B 126 13.25 -16.77 -26.08
C ARG B 126 14.47 -15.90 -25.79
N ASP B 127 15.10 -15.31 -26.84
CA ASP B 127 16.27 -14.43 -26.71
C ASP B 127 15.87 -13.00 -26.23
N LYS B 128 14.57 -12.67 -26.24
CA LYS B 128 14.04 -11.39 -25.76
C LYS B 128 13.16 -11.60 -24.52
N LEU B 129 13.30 -12.77 -23.88
CA LEU B 129 12.52 -13.16 -22.70
C LEU B 129 13.40 -13.69 -21.55
N ALA B 130 13.11 -13.24 -20.32
CA ALA B 130 13.76 -13.69 -19.09
C ALA B 130 12.70 -14.33 -18.21
N GLU B 131 12.82 -15.64 -17.96
CA GLU B 131 11.91 -16.40 -17.12
C GLU B 131 12.59 -16.57 -15.76
N LEU B 132 12.42 -15.56 -14.90
CA LEU B 132 13.05 -15.42 -13.58
C LEU B 132 12.75 -16.53 -12.59
N HIS B 133 11.54 -17.09 -12.61
CA HIS B 133 11.15 -18.14 -11.67
C HIS B 133 11.09 -19.52 -12.34
N GLY B 134 11.48 -19.57 -13.61
CA GLY B 134 11.52 -20.79 -14.40
C GLY B 134 10.33 -20.98 -15.32
N ASN B 135 10.25 -22.18 -15.90
CA ASN B 135 9.22 -22.61 -16.84
C ASN B 135 8.98 -24.09 -16.58
N MET B 136 7.73 -24.50 -16.29
CA MET B 136 7.46 -25.91 -15.97
C MET B 136 7.50 -26.86 -17.18
N PHE B 137 7.66 -26.33 -18.40
CA PHE B 137 7.80 -27.13 -19.63
C PHE B 137 9.29 -27.24 -20.00
N VAL B 138 10.16 -26.43 -19.35
CA VAL B 138 11.60 -26.36 -19.65
C VAL B 138 12.45 -27.08 -18.59
N GLU B 139 13.25 -28.05 -19.05
CA GLU B 139 14.21 -28.79 -18.23
C GLU B 139 15.63 -28.46 -18.73
N GLU B 140 16.57 -28.30 -17.78
CA GLU B 140 17.95 -27.92 -18.06
C GLU B 140 18.94 -29.03 -17.66
N CYS B 141 20.00 -29.21 -18.49
CA CYS B 141 21.07 -30.18 -18.24
C CYS B 141 22.00 -29.60 -17.18
N ALA B 142 22.34 -30.39 -16.13
CA ALA B 142 23.21 -29.96 -15.04
C ALA B 142 24.69 -29.81 -15.47
N LYS B 143 25.09 -30.47 -16.58
CA LYS B 143 26.47 -30.45 -17.10
C LYS B 143 26.74 -29.37 -18.17
N CYS B 144 25.96 -29.31 -19.27
CA CYS B 144 26.21 -28.34 -20.35
C CYS B 144 25.24 -27.14 -20.35
N LYS B 145 24.24 -27.12 -19.44
CA LYS B 145 23.22 -26.05 -19.26
C LYS B 145 22.25 -25.90 -20.47
N THR B 146 22.23 -26.87 -21.41
CA THR B 146 21.34 -26.87 -22.59
C THR B 146 19.90 -27.09 -22.11
N GLN B 147 18.98 -26.18 -22.52
CA GLN B 147 17.57 -26.23 -22.14
C GLN B 147 16.71 -26.94 -23.17
N TYR B 148 15.68 -27.68 -22.68
CA TYR B 148 14.75 -28.46 -23.50
C TYR B 148 13.32 -28.00 -23.25
N VAL B 149 12.66 -27.44 -24.28
CA VAL B 149 11.27 -26.99 -24.17
C VAL B 149 10.36 -28.16 -24.55
N ARG B 150 9.70 -28.77 -23.55
CA ARG B 150 8.82 -29.92 -23.73
C ARG B 150 7.38 -29.54 -24.01
N ASP B 151 6.63 -30.43 -24.69
CA ASP B 151 5.20 -30.23 -25.02
C ASP B 151 4.31 -30.48 -23.79
N THR B 152 4.85 -31.17 -22.76
CA THR B 152 4.16 -31.48 -21.52
C THR B 152 4.95 -30.92 -20.34
N VAL B 153 4.28 -30.72 -19.19
CA VAL B 153 4.92 -30.19 -17.98
C VAL B 153 5.96 -31.18 -17.43
N VAL B 154 7.10 -30.65 -16.96
CA VAL B 154 8.18 -31.41 -16.33
C VAL B 154 7.65 -31.80 -14.93
N GLY B 155 7.68 -33.10 -14.65
CA GLY B 155 7.17 -33.72 -13.42
C GLY B 155 7.74 -33.28 -12.08
N THR B 156 8.93 -32.65 -12.08
CA THR B 156 9.58 -32.21 -10.85
C THR B 156 9.58 -30.67 -10.68
N MET B 157 9.78 -30.21 -9.44
CA MET B 157 9.86 -28.79 -9.04
C MET B 157 10.96 -28.63 -7.96
N GLY B 158 11.72 -27.53 -8.04
CA GLY B 158 12.81 -27.24 -7.11
C GLY B 158 14.19 -27.63 -7.61
N LEU B 159 14.40 -27.56 -8.96
CA LEU B 159 15.64 -27.89 -9.68
C LEU B 159 16.11 -29.36 -9.40
N LYS B 160 15.13 -30.30 -9.33
CA LYS B 160 15.35 -31.72 -9.08
C LYS B 160 15.45 -32.53 -10.38
N ALA B 161 16.14 -33.70 -10.32
CA ALA B 161 16.32 -34.62 -11.46
C ALA B 161 14.99 -35.17 -11.96
N THR B 162 14.77 -35.11 -13.28
CA THR B 162 13.52 -35.53 -13.94
C THR B 162 13.55 -37.03 -14.32
N GLY B 163 14.74 -37.55 -14.60
CA GLY B 163 14.94 -38.94 -15.01
C GLY B 163 15.53 -39.03 -16.39
N ARG B 164 15.22 -38.04 -17.25
CA ARG B 164 15.71 -37.95 -18.64
C ARG B 164 17.14 -37.43 -18.67
N LEU B 165 17.90 -37.84 -19.69
CA LEU B 165 19.30 -37.43 -19.86
C LEU B 165 19.48 -36.54 -21.09
N CYS B 166 20.62 -35.80 -21.16
CA CYS B 166 20.95 -34.89 -22.26
C CYS B 166 21.18 -35.66 -23.56
N THR B 167 20.82 -35.04 -24.70
CA THR B 167 20.93 -35.67 -26.03
C THR B 167 21.95 -34.98 -26.96
N VAL B 168 22.57 -33.86 -26.50
CA VAL B 168 23.57 -33.13 -27.30
C VAL B 168 24.90 -33.91 -27.39
N ALA B 169 25.52 -33.92 -28.58
CA ALA B 169 26.78 -34.63 -28.84
C ALA B 169 27.98 -33.68 -28.82
N LYS B 170 29.19 -34.21 -28.56
CA LYS B 170 30.43 -33.45 -28.49
C LYS B 170 31.39 -33.84 -29.61
N ARG B 175 30.45 -39.85 -29.07
CA ARG B 175 30.58 -39.10 -27.82
C ARG B 175 29.46 -38.08 -27.67
N ALA B 176 28.72 -38.16 -26.53
CA ALA B 176 27.58 -37.31 -26.18
C ALA B 176 27.71 -36.80 -24.71
N CYS B 177 26.90 -35.77 -24.33
CA CYS B 177 26.90 -35.19 -22.98
C CYS B 177 26.31 -36.17 -21.96
N ARG B 178 25.04 -36.63 -22.20
CA ARG B 178 24.26 -37.57 -21.37
C ARG B 178 24.08 -37.08 -19.90
N GLY B 179 24.17 -35.75 -19.70
CA GLY B 179 24.01 -35.10 -18.40
C GLY B 179 22.59 -35.19 -17.86
N GLU B 180 22.47 -35.11 -16.52
CA GLU B 180 21.19 -35.20 -15.80
C GLU B 180 20.32 -33.97 -16.08
N LEU B 181 19.07 -34.20 -16.57
CA LEU B 181 18.12 -33.11 -16.85
C LEU B 181 17.32 -32.79 -15.60
N ARG B 182 17.35 -31.53 -15.18
CA ARG B 182 16.64 -31.03 -13.99
C ARG B 182 15.64 -29.96 -14.38
N ASP B 183 14.56 -29.80 -13.59
CA ASP B 183 13.54 -28.77 -13.83
C ASP B 183 14.11 -27.35 -13.63
N THR B 184 13.38 -26.33 -14.07
CA THR B 184 13.84 -24.94 -13.95
C THR B 184 13.02 -24.18 -12.89
N ILE B 185 12.05 -24.85 -12.24
CA ILE B 185 11.19 -24.28 -11.20
C ILE B 185 12.02 -23.97 -9.96
N LEU B 186 12.03 -22.71 -9.58
CA LEU B 186 12.75 -22.19 -8.44
C LEU B 186 11.99 -22.39 -7.13
N ASP B 187 12.57 -23.18 -6.22
CA ASP B 187 12.00 -23.34 -4.88
C ASP B 187 12.51 -22.14 -4.08
N TRP B 188 11.88 -21.84 -2.93
CA TRP B 188 12.19 -20.68 -2.07
C TRP B 188 13.69 -20.51 -1.72
N GLU B 189 14.37 -21.61 -1.33
CA GLU B 189 15.80 -21.61 -0.95
C GLU B 189 16.76 -21.36 -2.12
N ASP B 190 16.26 -21.46 -3.38
CA ASP B 190 17.05 -21.33 -4.62
C ASP B 190 17.20 -19.89 -5.12
N SER B 191 18.37 -19.62 -5.74
CA SER B 191 18.72 -18.32 -6.32
C SER B 191 18.24 -18.24 -7.78
N LEU B 192 17.96 -17.01 -8.25
CA LEU B 192 17.47 -16.73 -9.61
C LEU B 192 18.51 -17.09 -10.69
N PRO B 193 18.10 -17.63 -11.88
CA PRO B 193 19.08 -17.99 -12.92
C PRO B 193 19.93 -16.79 -13.36
N ASP B 194 21.25 -16.99 -13.43
CA ASP B 194 22.26 -15.97 -13.74
C ASP B 194 22.02 -15.26 -15.06
N ARG B 195 21.87 -16.01 -16.18
CA ARG B 195 21.65 -15.46 -17.53
C ARG B 195 20.35 -14.64 -17.62
N ASP B 196 19.23 -15.20 -17.15
CA ASP B 196 17.91 -14.55 -17.16
C ASP B 196 17.89 -13.26 -16.34
N LEU B 197 18.43 -13.28 -15.09
CA LEU B 197 18.46 -12.10 -14.21
C LEU B 197 19.38 -11.01 -14.78
N ALA B 198 20.53 -11.41 -15.37
CA ALA B 198 21.53 -10.53 -15.99
C ALA B 198 20.94 -9.75 -17.14
N LEU B 199 20.18 -10.44 -18.01
CA LEU B 199 19.53 -9.88 -19.18
C LEU B 199 18.33 -9.00 -18.78
N ALA B 200 17.58 -9.41 -17.70
CA ALA B 200 16.43 -8.66 -17.17
C ALA B 200 16.89 -7.32 -16.56
N ASP B 201 18.06 -7.34 -15.88
CA ASP B 201 18.69 -6.18 -15.25
C ASP B 201 19.11 -5.20 -16.33
N GLU B 202 19.83 -5.69 -17.36
CA GLU B 202 20.32 -4.91 -18.49
C GLU B 202 19.18 -4.21 -19.21
N ALA B 203 18.08 -4.96 -19.47
CA ALA B 203 16.88 -4.47 -20.15
C ALA B 203 16.18 -3.36 -19.37
N SER B 204 15.90 -3.60 -18.06
CA SER B 204 15.26 -2.66 -17.15
C SER B 204 16.10 -1.40 -16.93
N ARG B 205 17.46 -1.54 -16.89
CA ARG B 205 18.41 -0.43 -16.68
C ARG B 205 18.45 0.54 -17.86
N ASN B 206 18.59 0.02 -19.10
CA ASN B 206 18.67 0.82 -20.33
C ASN B 206 17.28 1.19 -20.89
N ALA B 207 16.20 0.92 -20.12
CA ALA B 207 14.84 1.23 -20.56
C ALA B 207 14.46 2.63 -20.19
N ASP B 208 13.66 3.27 -21.07
CA ASP B 208 13.12 4.59 -20.80
C ASP B 208 11.63 4.45 -20.44
N LEU B 209 11.11 3.19 -20.52
CA LEU B 209 9.73 2.83 -20.19
C LEU B 209 9.63 1.37 -19.75
N SER B 210 9.17 1.16 -18.51
CA SER B 210 8.92 -0.14 -17.88
C SER B 210 7.42 -0.27 -17.60
N ILE B 211 6.78 -1.26 -18.23
CA ILE B 211 5.35 -1.50 -18.05
C ILE B 211 5.18 -2.81 -17.31
N THR B 212 4.47 -2.78 -16.16
CA THR B 212 4.19 -3.98 -15.38
C THR B 212 2.76 -4.42 -15.67
N LEU B 213 2.56 -5.72 -15.95
CA LEU B 213 1.24 -6.28 -16.26
C LEU B 213 0.92 -7.45 -15.36
N GLY B 214 -0.17 -7.34 -14.60
CA GLY B 214 -0.68 -8.39 -13.72
C GLY B 214 0.29 -8.95 -12.69
N THR B 215 1.14 -8.09 -12.11
CA THR B 215 2.07 -8.48 -11.04
C THR B 215 1.91 -7.55 -9.84
N SER B 216 1.88 -8.15 -8.61
CA SER B 216 1.75 -7.43 -7.34
C SER B 216 3.09 -6.75 -6.95
N LEU B 217 4.22 -7.17 -7.59
CA LEU B 217 5.60 -6.67 -7.41
C LEU B 217 6.11 -6.82 -5.94
N GLN B 218 5.64 -7.86 -5.23
CA GLN B 218 5.99 -8.13 -3.83
C GLN B 218 7.25 -9.01 -3.66
N ILE B 219 7.61 -9.80 -4.70
CA ILE B 219 8.76 -10.71 -4.64
C ILE B 219 10.00 -10.03 -5.25
N ARG B 220 11.08 -9.94 -4.46
CA ARG B 220 12.36 -9.37 -4.87
C ARG B 220 13.32 -10.48 -5.40
N PRO B 221 14.25 -10.20 -6.35
CA PRO B 221 14.55 -8.91 -7.00
C PRO B 221 13.62 -8.57 -8.17
N SER B 222 12.73 -9.52 -8.56
CA SER B 222 11.77 -9.42 -9.66
C SER B 222 10.91 -8.16 -9.61
N GLY B 223 10.33 -7.89 -8.43
CA GLY B 223 9.47 -6.73 -8.20
C GLY B 223 10.18 -5.39 -8.21
N ASN B 224 11.51 -5.40 -7.98
CA ASN B 224 12.37 -4.21 -7.94
C ASN B 224 12.94 -3.82 -9.31
N LEU B 225 12.94 -4.77 -10.29
CA LEU B 225 13.46 -4.54 -11.65
C LEU B 225 12.76 -3.36 -12.37
N PRO B 226 11.40 -3.17 -12.31
CA PRO B 226 10.82 -1.99 -12.99
C PRO B 226 11.25 -0.64 -12.37
N LEU B 227 11.79 -0.64 -11.12
CA LEU B 227 12.26 0.56 -10.42
C LEU B 227 13.60 1.02 -10.96
N ALA B 228 14.41 0.08 -11.52
CA ALA B 228 15.73 0.37 -12.11
C ALA B 228 15.58 1.36 -13.26
N THR B 229 14.43 1.30 -13.96
CA THR B 229 14.04 2.19 -15.07
C THR B 229 13.76 3.61 -14.53
N LYS B 230 12.96 3.72 -13.44
CA LYS B 230 12.59 4.99 -12.79
C LYS B 230 13.82 5.72 -12.23
N ARG B 231 14.70 4.95 -11.56
CA ARG B 231 15.95 5.40 -10.94
C ARG B 231 16.92 5.91 -12.02
N ARG B 232 16.96 5.23 -13.19
CA ARG B 232 17.82 5.57 -14.33
C ARG B 232 17.32 6.80 -15.11
N GLY B 233 16.04 7.16 -14.94
CA GLY B 233 15.44 8.32 -15.59
C GLY B 233 14.17 8.06 -16.39
N GLY B 234 13.94 6.79 -16.71
CA GLY B 234 12.77 6.37 -17.47
C GLY B 234 11.45 6.43 -16.73
N ARG B 235 10.35 6.16 -17.45
CA ARG B 235 8.99 6.17 -16.94
C ARG B 235 8.52 4.78 -16.49
N LEU B 236 7.59 4.74 -15.51
CA LEU B 236 7.03 3.50 -14.99
C LEU B 236 5.51 3.49 -15.08
N VAL B 237 4.97 2.43 -15.70
CA VAL B 237 3.52 2.23 -15.82
C VAL B 237 3.17 0.91 -15.13
N ILE B 238 2.16 0.94 -14.24
CA ILE B 238 1.70 -0.26 -13.52
C ILE B 238 0.25 -0.54 -13.88
N VAL B 239 0.00 -1.74 -14.43
CA VAL B 239 -1.34 -2.22 -14.79
C VAL B 239 -1.64 -3.41 -13.88
N ASN B 240 -2.58 -3.23 -12.93
CA ASN B 240 -2.98 -4.25 -11.94
C ASN B 240 -4.34 -3.94 -11.35
N LEU B 241 -5.12 -4.98 -11.02
CA LEU B 241 -6.44 -4.82 -10.39
C LEU B 241 -6.27 -4.43 -8.90
N GLN B 242 -5.38 -5.12 -8.18
CA GLN B 242 -5.06 -4.88 -6.77
C GLN B 242 -3.92 -3.83 -6.64
N PRO B 243 -3.69 -3.22 -5.44
CA PRO B 243 -2.55 -2.29 -5.30
C PRO B 243 -1.21 -3.05 -5.32
N THR B 244 -0.12 -2.39 -5.77
CA THR B 244 1.21 -3.01 -5.83
C THR B 244 2.15 -2.37 -4.82
N LYS B 245 3.31 -3.03 -4.57
CA LYS B 245 4.35 -2.58 -3.63
C LYS B 245 4.94 -1.20 -4.01
N HIS B 246 5.11 -0.94 -5.33
CA HIS B 246 5.72 0.28 -5.84
C HIS B 246 4.74 1.21 -6.57
N ASP B 247 3.47 1.28 -6.08
CA ASP B 247 2.40 2.13 -6.63
C ASP B 247 2.76 3.62 -6.63
N ARG B 248 3.44 4.08 -5.56
CA ARG B 248 3.86 5.49 -5.36
C ARG B 248 4.91 5.96 -6.38
N HIS B 249 5.71 5.03 -6.96
CA HIS B 249 6.76 5.38 -7.93
C HIS B 249 6.26 5.39 -9.39
N ALA B 250 5.04 4.92 -9.65
CA ALA B 250 4.48 4.86 -11.01
C ALA B 250 4.05 6.23 -11.55
N ASP B 251 4.39 6.50 -12.83
CA ASP B 251 4.03 7.71 -13.55
C ASP B 251 2.58 7.60 -14.03
N LEU B 252 2.13 6.35 -14.27
CA LEU B 252 0.78 6.01 -14.71
C LEU B 252 0.35 4.71 -14.04
N ARG B 253 -0.81 4.73 -13.37
CA ARG B 253 -1.36 3.57 -12.69
C ARG B 253 -2.70 3.23 -13.31
N ILE B 254 -2.83 2.02 -13.87
CA ILE B 254 -4.07 1.57 -14.53
C ILE B 254 -4.69 0.41 -13.74
N HIS B 255 -5.93 0.61 -13.26
CA HIS B 255 -6.68 -0.39 -12.51
C HIS B 255 -7.79 -0.98 -13.38
N GLY B 256 -7.50 -2.13 -13.98
CA GLY B 256 -8.41 -2.86 -14.86
C GLY B 256 -7.86 -4.19 -15.31
N TYR B 257 -8.65 -4.94 -16.09
CA TYR B 257 -8.24 -6.23 -16.64
C TYR B 257 -7.21 -6.02 -17.73
N VAL B 258 -6.07 -6.72 -17.64
CA VAL B 258 -4.94 -6.59 -18.58
C VAL B 258 -5.38 -6.82 -20.05
N ASP B 259 -6.32 -7.76 -20.30
CA ASP B 259 -6.83 -8.03 -21.65
C ASP B 259 -7.56 -6.84 -22.23
N GLU B 260 -8.38 -6.13 -21.41
CA GLU B 260 -9.13 -4.96 -21.85
C GLU B 260 -8.18 -3.78 -22.13
N VAL B 261 -7.15 -3.60 -21.28
CA VAL B 261 -6.13 -2.55 -21.39
C VAL B 261 -5.28 -2.77 -22.67
N MET B 262 -4.80 -4.01 -22.88
CA MET B 262 -3.96 -4.36 -24.04
C MET B 262 -4.75 -4.32 -25.36
N THR B 263 -6.04 -4.72 -25.36
CA THR B 263 -6.90 -4.66 -26.55
C THR B 263 -7.08 -3.19 -26.99
N ARG B 264 -7.36 -2.30 -26.02
CA ARG B 264 -7.52 -0.87 -26.25
C ARG B 264 -6.20 -0.24 -26.69
N LEU B 265 -5.06 -0.75 -26.16
CA LEU B 265 -3.71 -0.27 -26.50
C LEU B 265 -3.37 -0.57 -27.95
N MET B 266 -3.57 -1.84 -28.39
CA MET B 266 -3.29 -2.28 -29.76
C MET B 266 -4.11 -1.52 -30.78
N GLU B 267 -5.37 -1.18 -30.42
CA GLU B 267 -6.29 -0.41 -31.28
C GLU B 267 -5.74 1.01 -31.48
N HIS B 268 -5.21 1.63 -30.40
CA HIS B 268 -4.62 2.98 -30.45
C HIS B 268 -3.34 2.98 -31.27
N LEU B 269 -2.53 1.92 -31.15
CA LEU B 269 -1.26 1.77 -31.88
C LEU B 269 -1.47 1.36 -33.36
N GLY B 270 -2.71 1.00 -33.72
CA GLY B 270 -3.09 0.57 -35.06
C GLY B 270 -2.58 -0.84 -35.39
N LEU B 271 -2.43 -1.67 -34.34
CA LEU B 271 -1.94 -3.04 -34.46
C LEU B 271 -3.03 -4.05 -34.20
N GLU B 272 -3.00 -5.17 -34.92
CA GLU B 272 -3.95 -6.27 -34.75
C GLU B 272 -3.33 -7.34 -33.85
N ILE B 273 -4.14 -7.98 -32.99
CA ILE B 273 -3.65 -9.04 -32.12
C ILE B 273 -3.59 -10.33 -32.98
N PRO B 274 -2.39 -10.94 -33.15
CA PRO B 274 -2.28 -12.14 -34.01
C PRO B 274 -2.92 -13.39 -33.45
N ALA B 275 -3.29 -14.31 -34.35
CA ALA B 275 -3.92 -15.58 -34.02
C ALA B 275 -2.87 -16.55 -33.51
N TRP B 276 -3.29 -17.44 -32.60
CA TRP B 276 -2.45 -18.48 -32.02
C TRP B 276 -2.83 -19.81 -32.66
N ASP B 277 -1.89 -20.41 -33.40
CA ASP B 277 -2.09 -21.69 -34.11
C ASP B 277 -1.42 -22.86 -33.36
N GLY B 278 -1.63 -22.90 -32.04
CA GLY B 278 -1.10 -23.95 -31.18
C GLY B 278 0.28 -23.66 -30.61
N PRO B 279 0.80 -24.54 -29.70
CA PRO B 279 2.11 -24.28 -29.08
C PRO B 279 3.26 -24.30 -30.09
N ARG B 280 4.07 -23.21 -30.10
CA ARG B 280 5.21 -23.02 -31.00
C ARG B 280 6.34 -22.32 -30.26
N VAL B 281 7.57 -22.84 -30.41
CA VAL B 281 8.77 -22.32 -29.76
C VAL B 281 9.65 -21.56 -30.77
N LEU B 282 9.93 -20.28 -30.47
CA LEU B 282 10.79 -19.42 -31.28
C LEU B 282 12.00 -19.07 -30.40
N GLU B 283 13.18 -19.58 -30.79
CA GLU B 283 14.42 -19.36 -30.05
C GLU B 283 14.94 -17.95 -30.20
N ARG B 284 15.00 -17.43 -31.45
CA ARG B 284 15.56 -16.11 -31.71
C ARG B 284 14.58 -15.17 -32.42
N ALA B 285 14.64 -13.88 -32.05
CA ALA B 285 13.82 -12.81 -32.62
C ALA B 285 14.22 -12.55 -34.06
N LEU B 286 13.20 -12.29 -34.90
CA LEU B 286 13.36 -11.97 -36.33
C LEU B 286 13.47 -10.44 -36.47
N PRO B 287 13.96 -9.86 -37.62
CA PRO B 287 14.02 -8.40 -37.74
C PRO B 287 12.61 -7.77 -37.62
N PRO B 288 12.48 -6.52 -37.07
CA PRO B 288 11.13 -5.94 -36.89
C PRO B 288 10.31 -5.82 -38.19
N LEU B 289 9.01 -6.18 -38.09
CA LEU B 289 8.04 -6.10 -39.19
C LEU B 289 7.60 -4.62 -39.34
N PRO B 290 6.99 -4.20 -40.48
CA PRO B 290 6.54 -2.81 -40.61
C PRO B 290 5.47 -2.44 -39.57
N ARG B 291 5.53 -1.21 -39.05
CA ARG B 291 4.58 -0.72 -38.05
C ARG B 291 3.95 0.62 -38.48
N PRO B 292 2.70 0.97 -38.04
CA PRO B 292 2.11 2.24 -38.47
C PRO B 292 2.90 3.48 -38.04
N PRO B 293 2.90 4.58 -38.85
CA PRO B 293 3.62 5.80 -38.43
C PRO B 293 3.08 6.40 -37.14
N THR B 294 3.96 7.06 -36.39
CA THR B 294 3.73 7.66 -35.08
C THR B 294 2.85 8.94 -35.15
N PRO B 295 1.82 9.11 -34.28
CA PRO B 295 1.04 10.36 -34.30
C PRO B 295 1.82 11.56 -33.77
N LYS B 296 1.36 12.78 -34.11
CA LYS B 296 2.00 14.04 -33.69
C LYS B 296 1.71 14.34 -32.24
N ASP C 14 -8.12 4.73 -6.89
CA ASP C 14 -8.90 4.30 -5.73
C ASP C 14 -10.09 5.23 -5.48
N LYS C 15 -11.32 4.70 -5.65
CA LYS C 15 -12.60 5.40 -5.39
C LYS C 15 -13.02 5.17 -3.93
N GLY C 16 -12.31 4.26 -3.27
CA GLY C 16 -12.57 3.83 -1.90
C GLY C 16 -13.68 2.80 -1.85
N LYS C 17 -14.21 2.52 -0.66
CA LYS C 17 -15.31 1.57 -0.48
C LYS C 17 -16.64 2.28 -0.82
N CYS C 18 -17.26 1.89 -1.96
CA CYS C 18 -18.51 2.48 -2.46
C CYS C 18 -19.70 1.53 -2.29
N GLY C 19 -20.88 2.10 -2.10
CA GLY C 19 -22.16 1.41 -1.98
C GLY C 19 -22.31 0.44 -0.82
N LEU C 20 -21.70 0.76 0.34
CA LEU C 20 -21.79 -0.07 1.55
C LEU C 20 -23.24 -0.10 2.07
N PRO C 21 -23.71 -1.21 2.72
CA PRO C 21 -25.10 -1.23 3.22
C PRO C 21 -25.34 -0.18 4.29
N GLU C 22 -26.55 0.42 4.28
CA GLU C 22 -26.96 1.45 5.22
C GLU C 22 -27.47 0.85 6.51
N ILE C 23 -27.13 1.47 7.65
CA ILE C 23 -27.57 1.03 8.98
C ILE C 23 -28.53 2.10 9.53
N PHE C 24 -29.64 1.66 10.15
CA PHE C 24 -30.65 2.55 10.70
C PHE C 24 -30.92 2.25 12.16
N ASP C 25 -30.82 3.27 13.04
CA ASP C 25 -31.12 3.10 14.47
C ASP C 25 -32.63 3.14 14.67
N PRO C 26 -33.22 2.22 15.48
CA PRO C 26 -34.68 2.27 15.70
C PRO C 26 -35.11 3.53 16.47
N PRO C 27 -36.41 3.97 16.42
CA PRO C 27 -36.81 5.21 17.13
C PRO C 27 -36.39 5.33 18.60
N GLU C 28 -36.42 4.20 19.35
CA GLU C 28 -36.04 4.14 20.77
C GLU C 28 -34.53 4.40 20.98
N GLU C 29 -33.68 3.69 20.22
CA GLU C 29 -32.21 3.81 20.28
C GLU C 29 -31.73 5.16 19.79
N LEU C 30 -32.38 5.70 18.72
CA LEU C 30 -32.08 7.00 18.12
C LEU C 30 -32.33 8.17 19.09
N GLU C 31 -33.48 8.19 19.82
CA GLU C 31 -33.79 9.28 20.77
C GLU C 31 -32.78 9.31 21.93
N ARG C 32 -32.39 8.12 22.47
CA ARG C 32 -31.40 8.01 23.56
C ARG C 32 -30.03 8.58 23.13
N LYS C 33 -29.64 8.33 21.85
CA LYS C 33 -28.37 8.79 21.28
C LYS C 33 -28.36 10.32 21.06
N VAL C 34 -29.50 10.91 20.65
CA VAL C 34 -29.63 12.35 20.43
C VAL C 34 -29.57 13.07 21.82
N TRP C 35 -30.15 12.44 22.88
CA TRP C 35 -30.10 12.95 24.26
C TRP C 35 -28.65 12.92 24.77
N GLU C 36 -27.89 11.85 24.40
CA GLU C 36 -26.47 11.68 24.76
C GLU C 36 -25.64 12.74 24.03
N LEU C 37 -26.00 13.04 22.75
CA LEU C 37 -25.35 14.05 21.91
C LEU C 37 -25.58 15.44 22.51
N ALA C 38 -26.83 15.72 22.95
CA ALA C 38 -27.22 16.98 23.58
C ALA C 38 -26.37 17.24 24.84
N ARG C 39 -26.14 16.18 25.65
CA ARG C 39 -25.33 16.21 26.88
C ARG C 39 -23.86 16.55 26.55
N LEU C 40 -23.30 15.94 25.48
CA LEU C 40 -21.92 16.14 24.98
C LEU C 40 -21.71 17.59 24.54
N VAL C 41 -22.67 18.13 23.73
CA VAL C 41 -22.66 19.50 23.22
C VAL C 41 -22.62 20.51 24.38
N TRP C 42 -23.57 20.41 25.35
CA TRP C 42 -23.68 21.29 26.52
C TRP C 42 -22.41 21.32 27.37
N GLN C 43 -21.81 20.13 27.64
CA GLN C 43 -20.61 19.95 28.49
C GLN C 43 -19.29 20.36 27.80
N SER C 44 -19.29 20.54 26.45
CA SER C 44 -18.08 20.89 25.69
C SER C 44 -17.84 22.38 25.51
N SER C 45 -16.57 22.79 25.62
CA SER C 45 -16.15 24.19 25.46
C SER C 45 -15.91 24.55 23.99
N SER C 46 -15.23 23.67 23.24
CA SER C 46 -14.92 23.87 21.82
C SER C 46 -15.52 22.77 20.95
N VAL C 47 -16.67 23.06 20.32
CA VAL C 47 -17.40 22.09 19.47
C VAL C 47 -17.07 22.37 18.00
N VAL C 48 -16.53 21.35 17.31
CA VAL C 48 -16.17 21.45 15.89
C VAL C 48 -16.99 20.41 15.10
N PHE C 49 -17.71 20.90 14.07
CA PHE C 49 -18.51 20.07 13.19
C PHE C 49 -17.78 19.78 11.90
N HIS C 50 -17.92 18.53 11.41
CA HIS C 50 -17.32 18.02 10.20
C HIS C 50 -18.45 17.60 9.26
N THR C 51 -18.56 18.25 8.08
CA THR C 51 -19.66 17.90 7.17
C THR C 51 -19.16 17.35 5.84
N GLY C 52 -19.92 16.41 5.32
CA GLY C 52 -19.66 15.77 4.04
C GLY C 52 -20.88 15.80 3.15
N ALA C 53 -20.79 15.15 1.97
CA ALA C 53 -21.84 15.12 0.94
C ALA C 53 -23.22 14.58 1.41
N GLY C 54 -23.23 13.86 2.54
CA GLY C 54 -24.46 13.31 3.11
C GLY C 54 -25.48 14.32 3.60
N ILE C 55 -25.02 15.48 4.09
CA ILE C 55 -25.90 16.57 4.61
C ILE C 55 -26.66 17.32 3.49
N SER C 56 -26.23 17.16 2.24
CA SER C 56 -26.84 17.81 1.08
C SER C 56 -27.63 16.83 0.22
N THR C 57 -27.79 15.56 0.68
CA THR C 57 -28.53 14.54 -0.06
C THR C 57 -30.03 14.84 -0.01
N ALA C 58 -30.51 15.47 1.11
CA ALA C 58 -31.91 15.86 1.32
C ALA C 58 -32.31 17.11 0.50
N SER C 59 -31.32 17.77 -0.15
CA SER C 59 -31.56 18.94 -0.99
C SER C 59 -31.58 18.60 -2.51
N GLY C 60 -31.30 17.33 -2.85
CA GLY C 60 -31.30 16.84 -4.23
C GLY C 60 -29.92 16.60 -4.82
N ILE C 61 -28.84 16.87 -4.03
CA ILE C 61 -27.47 16.68 -4.49
C ILE C 61 -26.99 15.29 -4.04
N PRO C 62 -26.63 14.37 -4.97
CA PRO C 62 -26.21 13.03 -4.52
C PRO C 62 -24.84 13.02 -3.84
N ASP C 63 -24.59 12.01 -2.99
CA ASP C 63 -23.30 11.88 -2.33
C ASP C 63 -22.31 11.16 -3.29
N PHE C 64 -21.18 10.68 -2.77
CA PHE C 64 -20.19 10.04 -3.63
C PHE C 64 -20.16 8.51 -3.48
N ARG C 65 -20.26 8.00 -2.24
CA ARG C 65 -20.15 6.57 -1.94
C ARG C 65 -21.42 5.93 -1.35
N GLY C 66 -22.53 6.66 -1.35
CA GLY C 66 -23.82 6.15 -0.86
C GLY C 66 -24.45 5.16 -1.84
N PRO C 67 -25.58 4.48 -1.48
CA PRO C 67 -26.17 3.50 -2.42
C PRO C 67 -26.37 3.99 -3.86
N HIS C 68 -26.72 5.29 -4.04
CA HIS C 68 -26.90 5.91 -5.35
C HIS C 68 -25.90 7.08 -5.58
N GLY C 69 -24.73 6.98 -4.94
CA GLY C 69 -23.65 7.97 -5.04
C GLY C 69 -23.03 8.11 -6.41
N VAL C 70 -22.25 9.20 -6.60
CA VAL C 70 -21.55 9.50 -7.88
C VAL C 70 -20.61 8.34 -8.29
N TRP C 71 -19.66 7.94 -7.38
CA TRP C 71 -18.72 6.85 -7.67
C TRP C 71 -19.41 5.48 -7.71
N THR C 72 -20.43 5.27 -6.84
CA THR C 72 -21.21 4.01 -6.74
C THR C 72 -21.95 3.73 -8.05
N MET C 73 -22.63 4.76 -8.62
CA MET C 73 -23.37 4.64 -9.88
C MET C 73 -22.41 4.44 -11.06
N GLU C 74 -21.22 5.09 -11.01
CA GLU C 74 -20.16 4.97 -12.03
C GLU C 74 -19.67 3.53 -12.13
N GLU C 75 -19.52 2.84 -10.97
CA GLU C 75 -19.11 1.44 -10.83
C GLU C 75 -20.18 0.51 -11.44
N ARG C 76 -21.46 0.94 -11.39
CA ARG C 76 -22.62 0.20 -11.91
C ARG C 76 -22.91 0.55 -13.40
N GLY C 77 -22.09 1.43 -13.98
CA GLY C 77 -22.23 1.88 -15.36
C GLY C 77 -23.39 2.83 -15.56
N LEU C 78 -23.77 3.55 -14.50
CA LEU C 78 -24.87 4.52 -14.51
C LEU C 78 -24.38 5.90 -14.12
N ALA C 79 -25.23 6.92 -14.31
CA ALA C 79 -24.91 8.31 -13.99
C ALA C 79 -25.58 8.76 -12.70
N PRO C 80 -24.94 9.64 -11.86
CA PRO C 80 -25.64 10.13 -10.65
C PRO C 80 -26.80 11.06 -11.01
N LYS C 81 -27.86 11.06 -10.19
CA LYS C 81 -29.03 11.90 -10.44
C LYS C 81 -29.08 13.11 -9.52
N PHE C 82 -29.22 14.30 -10.12
CA PHE C 82 -29.36 15.59 -9.45
C PHE C 82 -30.83 16.01 -9.56
N ASP C 83 -31.48 16.27 -8.41
CA ASP C 83 -32.89 16.68 -8.36
C ASP C 83 -32.99 18.20 -8.25
N THR C 84 -31.83 18.87 -8.47
CA THR C 84 -31.67 20.32 -8.43
C THR C 84 -30.36 20.72 -9.11
N THR C 85 -30.23 22.03 -9.41
CA THR C 85 -28.99 22.63 -9.89
C THR C 85 -28.35 23.14 -8.60
N PHE C 86 -27.03 23.43 -8.60
CA PHE C 86 -26.38 23.96 -7.40
C PHE C 86 -26.94 25.33 -7.00
N GLU C 87 -27.40 26.13 -8.00
CA GLU C 87 -28.00 27.46 -7.81
C GLU C 87 -29.41 27.41 -7.22
N SER C 88 -30.22 26.42 -7.63
CA SER C 88 -31.60 26.27 -7.13
C SER C 88 -31.68 25.42 -5.86
N ALA C 89 -30.54 24.81 -5.44
CA ALA C 89 -30.48 23.98 -4.23
C ALA C 89 -30.68 24.85 -2.98
N ARG C 90 -31.54 24.42 -2.07
CA ARG C 90 -31.77 25.17 -0.85
C ARG C 90 -31.09 24.45 0.32
N PRO C 91 -30.42 25.20 1.25
CA PRO C 91 -29.79 24.54 2.42
C PRO C 91 -30.81 23.74 3.20
N THR C 92 -30.39 22.55 3.66
CA THR C 92 -31.25 21.63 4.42
C THR C 92 -31.48 22.14 5.86
N GLN C 93 -32.28 21.38 6.64
CA GLN C 93 -32.56 21.64 8.04
C GLN C 93 -31.23 21.55 8.84
N THR C 94 -30.32 20.64 8.42
CA THR C 94 -28.99 20.45 9.04
C THR C 94 -28.15 21.70 8.81
N HIS C 95 -28.12 22.23 7.57
CA HIS C 95 -27.38 23.43 7.21
C HIS C 95 -27.80 24.61 8.06
N MET C 96 -29.12 24.80 8.22
CA MET C 96 -29.71 25.89 8.99
C MET C 96 -29.56 25.68 10.49
N ALA C 97 -29.47 24.40 10.96
CA ALA C 97 -29.27 24.09 12.39
C ALA C 97 -27.86 24.51 12.78
N LEU C 98 -26.88 24.28 11.88
CA LEU C 98 -25.47 24.64 12.05
C LEU C 98 -25.30 26.16 12.11
N VAL C 99 -26.16 26.92 11.38
CA VAL C 99 -26.17 28.39 11.38
C VAL C 99 -26.58 28.86 12.79
N GLN C 100 -27.67 28.29 13.33
CA GLN C 100 -28.19 28.62 14.66
C GLN C 100 -27.21 28.23 15.76
N LEU C 101 -26.58 27.04 15.66
CA LEU C 101 -25.62 26.55 16.66
C LEU C 101 -24.43 27.49 16.80
N GLU C 102 -23.94 28.04 15.65
CA GLU C 102 -22.85 29.02 15.63
C GLU C 102 -23.33 30.33 16.26
N ARG C 103 -24.56 30.79 15.87
CA ARG C 103 -25.18 32.02 16.36
C ARG C 103 -25.32 32.06 17.89
N VAL C 104 -25.61 30.92 18.53
CA VAL C 104 -25.79 30.84 19.98
C VAL C 104 -24.46 30.46 20.72
N GLY C 105 -23.37 30.33 19.97
CA GLY C 105 -22.05 30.01 20.50
C GLY C 105 -21.81 28.55 20.85
N LEU C 106 -22.71 27.64 20.38
CA LEU C 106 -22.58 26.19 20.64
C LEU C 106 -21.73 25.48 19.57
N LEU C 107 -21.30 26.22 18.54
CA LEU C 107 -20.46 25.75 17.45
C LEU C 107 -19.25 26.68 17.37
N ARG C 108 -18.03 26.13 17.52
CA ARG C 108 -16.80 26.92 17.46
C ARG C 108 -16.29 27.05 16.02
N PHE C 109 -16.24 25.94 15.28
CA PHE C 109 -15.74 25.91 13.90
C PHE C 109 -16.42 24.83 13.05
N LEU C 110 -16.48 25.05 11.74
CA LEU C 110 -17.09 24.13 10.79
C LEU C 110 -16.13 23.77 9.67
N VAL C 111 -15.80 22.49 9.57
CA VAL C 111 -14.89 21.95 8.58
C VAL C 111 -15.73 21.19 7.55
N SER C 112 -15.73 21.64 6.26
CA SER C 112 -16.54 20.98 5.24
C SER C 112 -15.73 20.51 4.04
N GLN C 113 -16.13 19.33 3.52
CA GLN C 113 -15.56 18.67 2.34
C GLN C 113 -16.42 18.98 1.10
N ASN C 114 -17.61 19.59 1.32
CA ASN C 114 -18.61 19.93 0.29
C ASN C 114 -18.22 21.12 -0.57
N VAL C 115 -18.44 20.95 -1.89
CA VAL C 115 -18.16 21.97 -2.92
C VAL C 115 -19.46 22.68 -3.34
N ASP C 116 -20.64 22.15 -2.90
CA ASP C 116 -21.99 22.64 -3.23
C ASP C 116 -22.27 24.11 -2.89
N GLY C 117 -21.44 24.70 -2.03
CA GLY C 117 -21.55 26.09 -1.60
C GLY C 117 -22.77 26.41 -0.76
N LEU C 118 -23.38 25.40 -0.11
CA LEU C 118 -24.59 25.61 0.69
C LEU C 118 -24.29 26.21 2.04
N HIS C 119 -23.12 25.91 2.65
CA HIS C 119 -22.77 26.49 3.96
C HIS C 119 -22.68 28.01 3.88
N VAL C 120 -21.98 28.53 2.84
CA VAL C 120 -21.83 29.98 2.60
C VAL C 120 -23.20 30.60 2.30
N ARG C 121 -23.97 29.99 1.38
CA ARG C 121 -25.30 30.47 0.96
C ARG C 121 -26.34 30.46 2.09
N SER C 122 -26.20 29.55 3.08
CA SER C 122 -27.10 29.46 4.24
C SER C 122 -26.91 30.64 5.23
N GLY C 123 -25.81 31.40 5.06
CA GLY C 123 -25.47 32.54 5.89
C GLY C 123 -24.46 32.23 6.99
N PHE C 124 -23.82 31.05 6.93
CA PHE C 124 -22.81 30.64 7.92
C PHE C 124 -21.55 31.52 7.78
N PRO C 125 -20.98 32.07 8.91
CA PRO C 125 -19.81 32.95 8.79
C PRO C 125 -18.59 32.27 8.20
N ARG C 126 -18.03 32.86 7.15
CA ARG C 126 -16.88 32.35 6.41
C ARG C 126 -15.60 32.28 7.24
N ASP C 127 -15.48 33.12 8.30
CA ASP C 127 -14.32 33.16 9.20
C ASP C 127 -14.32 31.97 10.22
N LYS C 128 -15.45 31.24 10.32
CA LYS C 128 -15.61 30.05 11.18
C LYS C 128 -15.83 28.78 10.32
N LEU C 129 -15.49 28.87 9.01
CA LEU C 129 -15.66 27.80 8.05
C LEU C 129 -14.39 27.53 7.21
N ALA C 130 -14.04 26.24 7.04
CA ALA C 130 -12.94 25.76 6.20
C ALA C 130 -13.53 24.89 5.09
N GLU C 131 -13.41 25.34 3.83
CA GLU C 131 -13.90 24.62 2.66
C GLU C 131 -12.69 23.93 2.01
N LEU C 132 -12.38 22.73 2.54
CA LEU C 132 -11.21 21.91 2.18
C LEU C 132 -11.12 21.50 0.73
N HIS C 133 -12.26 21.24 0.07
CA HIS C 133 -12.24 20.80 -1.33
C HIS C 133 -12.70 21.92 -2.29
N GLY C 134 -12.93 23.10 -1.72
CA GLY C 134 -13.35 24.29 -2.46
C GLY C 134 -14.83 24.57 -2.42
N ASN C 135 -15.25 25.54 -3.23
CA ASN C 135 -16.63 26.00 -3.37
C ASN C 135 -16.85 26.37 -4.85
N MET C 136 -17.90 25.77 -5.47
CA MET C 136 -18.31 25.94 -6.88
C MET C 136 -18.69 27.37 -7.25
N PHE C 137 -19.05 28.20 -6.26
CA PHE C 137 -19.51 29.58 -6.43
C PHE C 137 -18.38 30.58 -6.15
N VAL C 138 -17.25 30.10 -5.57
CA VAL C 138 -16.12 30.93 -5.18
C VAL C 138 -14.94 30.80 -6.16
N GLU C 139 -14.53 31.96 -6.72
CA GLU C 139 -13.35 32.07 -7.59
C GLU C 139 -12.30 32.95 -6.89
N GLU C 140 -11.03 32.56 -7.01
CA GLU C 140 -9.91 33.24 -6.36
C GLU C 140 -8.95 33.85 -7.38
N CYS C 141 -8.40 35.04 -7.05
CA CYS C 141 -7.41 35.74 -7.87
C CYS C 141 -6.06 35.06 -7.67
N ALA C 142 -5.35 34.74 -8.77
CA ALA C 142 -4.04 34.08 -8.73
C ALA C 142 -2.93 34.99 -8.20
N LYS C 143 -3.12 36.33 -8.27
CA LYS C 143 -2.14 37.34 -7.85
C LYS C 143 -2.30 37.82 -6.38
N CYS C 144 -3.49 38.33 -6.00
CA CYS C 144 -3.70 38.87 -4.63
C CYS C 144 -4.45 37.92 -3.67
N LYS C 145 -4.93 36.75 -4.18
CA LYS C 145 -5.67 35.70 -3.43
C LYS C 145 -7.07 36.17 -2.92
N THR C 146 -7.59 37.32 -3.41
CA THR C 146 -8.91 37.84 -3.03
C THR C 146 -9.99 36.91 -3.63
N GLN C 147 -10.92 36.43 -2.77
CA GLN C 147 -11.99 35.52 -3.17
C GLN C 147 -13.29 36.25 -3.52
N TYR C 148 -14.02 35.73 -4.52
CA TYR C 148 -15.27 36.29 -5.00
C TYR C 148 -16.38 35.24 -4.88
N VAL C 149 -17.39 35.51 -4.03
CA VAL C 149 -18.53 34.60 -3.86
C VAL C 149 -19.61 35.02 -4.86
N ARG C 150 -19.78 34.21 -5.93
CA ARG C 150 -20.73 34.47 -6.99
C ARG C 150 -22.11 33.85 -6.71
N ASP C 151 -23.17 34.44 -7.30
CA ASP C 151 -24.56 33.97 -7.19
C ASP C 151 -24.82 32.75 -8.08
N THR C 152 -23.92 32.52 -9.06
CA THR C 152 -23.98 31.39 -10.01
C THR C 152 -22.68 30.59 -9.91
N VAL C 153 -22.72 29.32 -10.34
CA VAL C 153 -21.54 28.44 -10.31
C VAL C 153 -20.45 28.93 -11.28
N VAL C 154 -19.19 28.83 -10.85
CA VAL C 154 -18.00 29.15 -11.62
C VAL C 154 -17.86 28.00 -12.65
N GLY C 155 -17.80 28.37 -13.94
CA GLY C 155 -17.74 27.45 -15.07
C GLY C 155 -16.60 26.46 -15.17
N THR C 156 -15.50 26.69 -14.43
CA THR C 156 -14.32 25.81 -14.46
C THR C 156 -14.13 25.01 -13.16
N MET C 157 -13.34 23.91 -13.24
CA MET C 157 -12.99 23.01 -12.13
C MET C 157 -11.53 22.58 -12.28
N GLY C 158 -10.84 22.40 -11.15
CA GLY C 158 -9.46 21.95 -11.11
C GLY C 158 -8.42 23.04 -11.22
N LEU C 159 -8.62 24.17 -10.49
CA LEU C 159 -7.74 25.35 -10.43
C LEU C 159 -7.44 25.95 -11.85
N LYS C 160 -8.51 26.21 -12.63
CA LYS C 160 -8.36 26.76 -13.98
C LYS C 160 -8.94 28.16 -14.12
N ALA C 161 -8.41 28.96 -15.08
CA ALA C 161 -8.83 30.32 -15.38
C ALA C 161 -10.29 30.36 -15.85
N THR C 162 -11.08 31.26 -15.26
CA THR C 162 -12.53 31.40 -15.54
C THR C 162 -12.81 32.36 -16.70
N GLY C 163 -11.93 33.33 -16.91
CA GLY C 163 -12.06 34.35 -17.94
C GLY C 163 -12.22 35.74 -17.35
N ARG C 164 -12.76 35.80 -16.11
CA ARG C 164 -12.97 37.05 -15.38
C ARG C 164 -11.66 37.49 -14.73
N LEU C 165 -11.47 38.81 -14.58
CA LEU C 165 -10.28 39.40 -13.97
C LEU C 165 -10.61 40.05 -12.62
N CYS C 166 -9.58 40.29 -11.76
CA CYS C 166 -9.72 40.89 -10.43
C CYS C 166 -10.18 42.35 -10.55
N THR C 167 -10.99 42.82 -9.57
CA THR C 167 -11.54 44.16 -9.57
C THR C 167 -11.01 45.05 -8.42
N VAL C 168 -10.18 44.49 -7.51
CA VAL C 168 -9.61 45.24 -6.38
C VAL C 168 -8.54 46.23 -6.85
N ALA C 169 -8.55 47.46 -6.28
CA ALA C 169 -7.59 48.52 -6.62
C ALA C 169 -6.54 48.67 -5.53
N CYS C 177 -5.48 45.53 -9.47
CA CYS C 177 -4.81 44.23 -9.54
C CYS C 177 -4.96 43.62 -10.94
N ARG C 178 -6.22 43.43 -11.42
CA ARG C 178 -6.58 42.85 -12.72
C ARG C 178 -6.03 41.40 -12.93
N GLY C 179 -5.78 40.70 -11.82
CA GLY C 179 -5.26 39.33 -11.81
C GLY C 179 -6.27 38.32 -12.32
N GLU C 180 -5.76 37.18 -12.82
CA GLU C 180 -6.60 36.11 -13.39
C GLU C 180 -7.40 35.38 -12.28
N LEU C 181 -8.73 35.32 -12.45
CA LEU C 181 -9.61 34.64 -11.49
C LEU C 181 -9.73 33.17 -11.86
N ARG C 182 -9.40 32.29 -10.90
CA ARG C 182 -9.45 30.84 -11.04
C ARG C 182 -10.42 30.22 -10.06
N ASP C 183 -10.97 29.02 -10.41
CA ASP C 183 -11.89 28.29 -9.54
C ASP C 183 -11.16 27.72 -8.31
N THR C 184 -11.93 27.37 -7.26
CA THR C 184 -11.39 26.85 -6.00
C THR C 184 -11.56 25.31 -5.88
N ILE C 185 -12.17 24.68 -6.91
CA ILE C 185 -12.42 23.23 -6.97
C ILE C 185 -11.11 22.47 -7.13
N LEU C 186 -10.85 21.53 -6.21
CA LEU C 186 -9.64 20.70 -6.25
C LEU C 186 -9.84 19.42 -7.03
N ASP C 187 -8.83 19.06 -7.83
CA ASP C 187 -8.83 17.80 -8.58
C ASP C 187 -8.20 16.72 -7.67
N TRP C 188 -8.13 15.46 -8.14
CA TRP C 188 -7.56 14.34 -7.37
C TRP C 188 -6.09 14.53 -6.99
N GLU C 189 -5.28 15.11 -7.89
CA GLU C 189 -3.84 15.33 -7.68
C GLU C 189 -3.55 16.63 -6.91
N ASP C 190 -4.46 17.63 -6.98
CA ASP C 190 -4.32 18.95 -6.35
C ASP C 190 -4.32 18.90 -4.81
N SER C 191 -3.41 19.68 -4.18
CA SER C 191 -3.24 19.74 -2.73
C SER C 191 -4.27 20.67 -2.10
N LEU C 192 -4.66 20.38 -0.83
CA LEU C 192 -5.63 21.15 -0.06
C LEU C 192 -5.18 22.61 0.20
N PRO C 193 -6.11 23.62 0.20
CA PRO C 193 -5.69 25.02 0.45
C PRO C 193 -5.04 25.18 1.83
N ASP C 194 -3.88 25.84 1.87
CA ASP C 194 -3.05 26.05 3.07
C ASP C 194 -3.80 26.71 4.23
N ARG C 195 -4.47 27.86 3.99
CA ARG C 195 -5.23 28.61 5.01
C ARG C 195 -6.37 27.79 5.60
N ASP C 196 -7.22 27.18 4.74
CA ASP C 196 -8.38 26.37 5.14
C ASP C 196 -7.95 25.14 5.96
N LEU C 197 -6.92 24.39 5.50
CA LEU C 197 -6.43 23.18 6.18
C LEU C 197 -5.79 23.52 7.54
N ALA C 198 -4.99 24.63 7.61
CA ALA C 198 -4.35 25.09 8.85
C ALA C 198 -5.41 25.48 9.91
N LEU C 199 -6.49 26.18 9.50
CA LEU C 199 -7.58 26.60 10.38
C LEU C 199 -8.41 25.37 10.82
N ALA C 200 -8.64 24.42 9.90
CA ALA C 200 -9.38 23.17 10.16
C ALA C 200 -8.60 22.28 11.15
N ASP C 201 -7.25 22.20 11.00
CA ASP C 201 -6.37 21.42 11.87
C ASP C 201 -6.29 22.05 13.26
N GLU C 202 -6.15 23.41 13.34
CA GLU C 202 -6.10 24.18 14.61
C GLU C 202 -7.38 23.94 15.42
N ALA C 203 -8.56 24.10 14.77
CA ALA C 203 -9.87 23.91 15.40
C ALA C 203 -10.08 22.50 15.91
N SER C 204 -9.72 21.48 15.09
CA SER C 204 -9.85 20.07 15.41
C SER C 204 -8.90 19.64 16.55
N ARG C 205 -7.72 20.28 16.70
CA ARG C 205 -6.74 19.96 17.75
C ARG C 205 -7.10 20.59 19.11
N ASN C 206 -7.73 21.78 19.07
CA ASN C 206 -8.13 22.52 20.26
C ASN C 206 -9.56 22.17 20.71
N ALA C 207 -10.30 21.38 19.91
CA ALA C 207 -11.66 20.94 20.21
C ALA C 207 -11.72 19.83 21.26
N ASP C 208 -12.75 19.87 22.14
CA ASP C 208 -12.98 18.82 23.13
C ASP C 208 -14.11 17.90 22.65
N LEU C 209 -14.75 18.25 21.51
CA LEU C 209 -15.81 17.47 20.88
C LEU C 209 -15.88 17.74 19.38
N SER C 210 -15.71 16.67 18.58
CA SER C 210 -15.81 16.71 17.12
C SER C 210 -16.98 15.84 16.66
N ILE C 211 -17.94 16.47 15.98
CA ILE C 211 -19.14 15.80 15.47
C ILE C 211 -19.07 15.76 13.94
N THR C 212 -19.12 14.56 13.36
CA THR C 212 -19.08 14.35 11.91
C THR C 212 -20.51 14.13 11.41
N LEU C 213 -20.91 14.84 10.34
CA LEU C 213 -22.26 14.73 9.77
C LEU C 213 -22.19 14.41 8.28
N GLY C 214 -22.78 13.27 7.91
CA GLY C 214 -22.87 12.83 6.51
C GLY C 214 -21.57 12.70 5.74
N THR C 215 -20.50 12.25 6.41
CA THR C 215 -19.21 12.00 5.76
C THR C 215 -18.74 10.57 6.05
N SER C 216 -18.23 9.89 5.01
CA SER C 216 -17.72 8.51 5.12
C SER C 216 -16.31 8.49 5.76
N LEU C 217 -15.64 9.68 5.81
CA LEU C 217 -14.29 9.92 6.37
C LEU C 217 -13.19 9.06 5.70
N GLN C 218 -13.35 8.75 4.40
CA GLN C 218 -12.42 7.91 3.64
C GLN C 218 -11.31 8.72 2.94
N ILE C 219 -11.53 10.02 2.71
CA ILE C 219 -10.54 10.89 2.04
C ILE C 219 -9.68 11.61 3.06
N ARG C 220 -8.35 11.41 2.98
CA ARG C 220 -7.36 12.04 3.84
C ARG C 220 -6.82 13.34 3.19
N PRO C 221 -6.41 14.38 3.96
CA PRO C 221 -6.35 14.48 5.44
C PRO C 221 -7.69 14.87 6.10
N SER C 222 -8.72 15.19 5.27
CA SER C 222 -10.06 15.60 5.69
C SER C 222 -10.73 14.63 6.68
N GLY C 223 -10.68 13.33 6.36
CA GLY C 223 -11.25 12.27 7.17
C GLY C 223 -10.53 12.02 8.48
N ASN C 224 -9.25 12.43 8.57
CA ASN C 224 -8.41 12.26 9.76
C ASN C 224 -8.51 13.43 10.75
N LEU C 225 -9.03 14.60 10.29
CA LEU C 225 -9.18 15.80 11.14
C LEU C 225 -10.02 15.54 12.41
N PRO C 226 -11.18 14.81 12.38
CA PRO C 226 -11.92 14.56 13.63
C PRO C 226 -11.16 13.71 14.66
N LEU C 227 -10.10 12.97 14.22
CA LEU C 227 -9.26 12.12 15.08
C LEU C 227 -8.26 12.96 15.89
N ALA C 228 -7.91 14.18 15.40
CA ALA C 228 -7.00 15.11 16.08
C ALA C 228 -7.59 15.54 17.42
N THR C 229 -8.94 15.57 17.51
CA THR C 229 -9.72 15.86 18.71
C THR C 229 -9.52 14.71 19.73
N LYS C 230 -9.78 13.44 19.28
CA LYS C 230 -9.68 12.21 20.07
C LYS C 230 -8.25 11.98 20.64
N ARG C 231 -7.18 12.41 19.89
CA ARG C 231 -5.79 12.27 20.31
C ARG C 231 -5.35 13.36 21.34
N ARG C 232 -6.17 14.43 21.53
CA ARG C 232 -5.88 15.51 22.49
C ARG C 232 -6.76 15.41 23.77
N GLY C 233 -7.40 14.25 23.96
CA GLY C 233 -8.26 13.97 25.11
C GLY C 233 -9.74 14.27 24.93
N GLY C 234 -10.11 14.78 23.74
CA GLY C 234 -11.47 15.13 23.39
C GLY C 234 -12.38 13.95 23.10
N ARG C 235 -13.62 14.24 22.66
CA ARG C 235 -14.62 13.20 22.34
C ARG C 235 -15.05 13.32 20.87
N LEU C 236 -15.46 12.19 20.28
CA LEU C 236 -15.84 12.11 18.88
C LEU C 236 -17.23 11.50 18.69
N VAL C 237 -18.09 12.20 17.92
CA VAL C 237 -19.44 11.74 17.59
C VAL C 237 -19.55 11.61 16.05
N ILE C 238 -19.99 10.44 15.57
CA ILE C 238 -20.15 10.20 14.14
C ILE C 238 -21.62 9.94 13.82
N VAL C 239 -22.17 10.76 12.91
CA VAL C 239 -23.56 10.66 12.43
C VAL C 239 -23.48 10.33 10.94
N ASN C 240 -23.85 9.09 10.57
CA ASN C 240 -23.81 8.60 9.18
C ASN C 240 -24.71 7.39 9.00
N LEU C 241 -25.32 7.25 7.81
CA LEU C 241 -26.18 6.10 7.49
C LEU C 241 -25.32 4.83 7.26
N GLN C 242 -24.24 4.98 6.46
CA GLN C 242 -23.28 3.91 6.14
C GLN C 242 -22.16 3.87 7.21
N PRO C 243 -21.35 2.76 7.30
CA PRO C 243 -20.23 2.76 8.26
C PRO C 243 -19.11 3.71 7.79
N THR C 244 -18.32 4.27 8.74
CA THR C 244 -17.21 5.17 8.40
C THR C 244 -15.86 4.51 8.70
N LYS C 245 -14.77 5.10 8.16
CA LYS C 245 -13.39 4.63 8.32
C LYS C 245 -12.95 4.61 9.80
N HIS C 246 -13.39 5.61 10.60
CA HIS C 246 -13.00 5.75 12.01
C HIS C 246 -14.13 5.49 12.99
N ASP C 247 -15.02 4.51 12.67
CA ASP C 247 -16.14 4.08 13.52
C ASP C 247 -15.70 3.61 14.91
N ARG C 248 -14.57 2.88 14.98
CA ARG C 248 -13.99 2.32 16.21
C ARG C 248 -13.51 3.40 17.21
N HIS C 249 -13.15 4.60 16.72
CA HIS C 249 -12.66 5.68 17.59
C HIS C 249 -13.79 6.59 18.13
N ALA C 250 -15.03 6.44 17.64
CA ALA C 250 -16.17 7.26 18.07
C ALA C 250 -16.70 6.90 19.45
N ASP C 251 -16.98 7.94 20.27
CA ASP C 251 -17.55 7.81 21.62
C ASP C 251 -19.06 7.60 21.52
N LEU C 252 -19.67 8.12 20.44
CA LEU C 252 -21.09 8.02 20.13
C LEU C 252 -21.25 7.86 18.62
N ARG C 253 -21.97 6.81 18.22
CA ARG C 253 -22.22 6.52 16.81
C ARG C 253 -23.72 6.54 16.53
N ILE C 254 -24.16 7.44 15.65
CA ILE C 254 -25.58 7.60 15.32
C ILE C 254 -25.83 7.19 13.86
N HIS C 255 -26.70 6.21 13.64
CA HIS C 255 -27.09 5.72 12.31
C HIS C 255 -28.50 6.16 11.96
N GLY C 256 -28.58 7.27 11.23
CA GLY C 256 -29.85 7.87 10.81
C GLY C 256 -29.65 9.05 9.89
N TYR C 257 -30.78 9.63 9.42
CA TYR C 257 -30.76 10.80 8.54
C TYR C 257 -30.35 12.02 9.34
N VAL C 258 -29.35 12.77 8.84
CA VAL C 258 -28.78 13.95 9.52
C VAL C 258 -29.85 14.99 9.86
N ASP C 259 -30.87 15.19 8.98
CA ASP C 259 -31.96 16.14 9.22
C ASP C 259 -32.81 15.73 10.42
N GLU C 260 -33.09 14.43 10.58
CA GLU C 260 -33.88 13.90 11.70
C GLU C 260 -33.11 14.02 13.02
N VAL C 261 -31.78 13.74 12.99
CA VAL C 261 -30.86 13.82 14.13
C VAL C 261 -30.72 15.29 14.59
N MET C 262 -30.49 16.22 13.64
CA MET C 262 -30.31 17.64 13.95
C MET C 262 -31.60 18.29 14.42
N THR C 263 -32.77 17.90 13.86
CA THR C 263 -34.09 18.41 14.28
C THR C 263 -34.35 18.01 15.76
N ARG C 264 -34.10 16.74 16.09
CA ARG C 264 -34.26 16.23 17.47
C ARG C 264 -33.26 16.88 18.40
N LEU C 265 -32.03 17.20 17.91
CA LEU C 265 -30.97 17.85 18.70
C LEU C 265 -31.38 19.27 19.10
N MET C 266 -31.83 20.09 18.11
CA MET C 266 -32.26 21.46 18.33
C MET C 266 -33.43 21.55 19.30
N GLU C 267 -34.35 20.55 19.25
CA GLU C 267 -35.50 20.47 20.17
C GLU C 267 -35.03 20.23 21.61
N HIS C 268 -34.00 19.37 21.80
CA HIS C 268 -33.44 19.07 23.12
C HIS C 268 -32.68 20.28 23.67
N LEU C 269 -31.99 21.02 22.78
CA LEU C 269 -31.22 22.22 23.16
C LEU C 269 -32.13 23.45 23.37
N GLY C 270 -33.41 23.34 22.99
CA GLY C 270 -34.40 24.42 23.10
C GLY C 270 -34.18 25.50 22.06
N LEU C 271 -33.61 25.13 20.91
CA LEU C 271 -33.30 26.06 19.81
C LEU C 271 -34.20 25.80 18.63
N GLU C 272 -34.58 26.87 17.93
CA GLU C 272 -35.41 26.78 16.73
C GLU C 272 -34.52 26.86 15.50
N ILE C 273 -34.87 26.10 14.45
CA ILE C 273 -34.11 26.11 13.20
C ILE C 273 -34.54 27.37 12.42
N PRO C 274 -33.59 28.31 12.14
CA PRO C 274 -33.97 29.56 11.47
C PRO C 274 -34.39 29.40 10.01
N ALA C 275 -35.21 30.33 9.53
CA ALA C 275 -35.70 30.37 8.15
C ALA C 275 -34.59 30.86 7.22
N TRP C 276 -34.61 30.37 5.98
CA TRP C 276 -33.64 30.76 4.95
C TRP C 276 -34.36 31.67 3.97
N ASP C 277 -33.91 32.94 3.91
CA ASP C 277 -34.49 33.98 3.05
C ASP C 277 -33.64 34.21 1.78
N GLY C 278 -33.21 33.11 1.16
CA GLY C 278 -32.42 33.14 -0.06
C GLY C 278 -30.91 33.19 0.17
N PRO C 279 -30.09 33.11 -0.92
CA PRO C 279 -28.63 33.09 -0.72
C PRO C 279 -28.08 34.39 -0.14
N ARG C 280 -27.32 34.28 0.96
CA ARG C 280 -26.70 35.40 1.68
C ARG C 280 -25.31 35.01 2.17
N VAL C 281 -24.31 35.89 1.97
CA VAL C 281 -22.92 35.69 2.36
C VAL C 281 -22.57 36.52 3.59
N LEU C 282 -22.08 35.85 4.64
CA LEU C 282 -21.63 36.47 5.89
C LEU C 282 -20.13 36.18 6.02
N GLU C 283 -19.31 37.23 5.92
CA GLU C 283 -17.85 37.12 5.99
C GLU C 283 -17.37 36.84 7.39
N ARG C 284 -17.86 37.59 8.40
CA ARG C 284 -17.43 37.46 9.79
C ARG C 284 -18.54 37.14 10.77
N ALA C 285 -18.22 36.30 11.77
CA ALA C 285 -19.13 35.89 12.84
C ALA C 285 -19.46 37.05 13.76
N LEU C 286 -20.73 37.13 14.17
CA LEU C 286 -21.25 38.14 15.09
C LEU C 286 -21.12 37.62 16.54
N PRO C 287 -21.18 38.48 17.60
CA PRO C 287 -21.09 37.94 18.98
C PRO C 287 -22.23 36.95 19.27
N PRO C 288 -22.02 35.91 20.14
CA PRO C 288 -23.09 34.93 20.38
C PRO C 288 -24.41 35.52 20.90
N LEU C 289 -25.53 35.02 20.34
CA LEU C 289 -26.89 35.40 20.71
C LEU C 289 -27.27 34.66 22.02
N PRO C 290 -28.32 35.09 22.78
CA PRO C 290 -28.68 34.35 24.01
C PRO C 290 -29.11 32.91 23.72
N ARG C 291 -28.75 31.98 24.62
CA ARG C 291 -29.10 30.57 24.49
C ARG C 291 -29.76 30.03 25.79
N PRO C 292 -30.63 28.99 25.71
CA PRO C 292 -31.29 28.50 26.94
C PRO C 292 -30.31 27.92 27.97
N PRO C 293 -30.63 28.01 29.29
CA PRO C 293 -29.72 27.46 30.31
C PRO C 293 -29.51 25.95 30.18
N THR C 294 -28.32 25.50 30.58
CA THR C 294 -27.81 24.13 30.51
C THR C 294 -28.51 23.19 31.53
N PRO C 295 -28.92 21.96 31.11
CA PRO C 295 -29.55 21.03 32.07
C PRO C 295 -28.58 20.49 33.13
N LYS C 296 -29.14 20.05 34.28
CA LYS C 296 -28.36 19.51 35.40
C LYS C 296 -28.01 18.06 35.13
N GLY D 16 -8.38 -3.50 16.90
CA GLY D 16 -8.04 -4.28 15.73
C GLY D 16 -9.11 -4.29 14.67
N LYS D 17 -9.04 -5.29 13.76
CA LYS D 17 -10.00 -5.47 12.67
C LYS D 17 -11.29 -6.12 13.18
N CYS D 18 -12.41 -5.37 13.14
CA CYS D 18 -13.72 -5.85 13.62
C CYS D 18 -14.69 -6.13 12.47
N GLY D 19 -15.69 -6.97 12.76
CA GLY D 19 -16.79 -7.34 11.87
C GLY D 19 -16.41 -7.82 10.48
N LEU D 20 -15.31 -8.59 10.37
CA LEU D 20 -14.85 -9.16 9.11
C LEU D 20 -15.87 -10.20 8.60
N PRO D 21 -16.04 -10.39 7.27
CA PRO D 21 -17.05 -11.38 6.80
C PRO D 21 -16.72 -12.81 7.22
N GLU D 22 -17.76 -13.61 7.52
CA GLU D 22 -17.63 -15.02 7.94
C GLU D 22 -17.48 -15.96 6.74
N ILE D 23 -16.56 -16.93 6.85
CA ILE D 23 -16.32 -17.94 5.82
C ILE D 23 -16.84 -19.30 6.35
N PHE D 24 -17.51 -20.07 5.49
CA PHE D 24 -18.09 -21.36 5.85
C PHE D 24 -17.63 -22.44 4.88
N ASP D 25 -17.06 -23.53 5.41
CA ASP D 25 -16.64 -24.68 4.58
C ASP D 25 -17.88 -25.52 4.25
N PRO D 26 -18.07 -25.96 2.97
CA PRO D 26 -19.25 -26.81 2.66
C PRO D 26 -19.21 -28.18 3.37
N PRO D 27 -20.35 -28.91 3.54
CA PRO D 27 -20.32 -30.20 4.26
C PRO D 27 -19.25 -31.20 3.81
N GLU D 28 -18.96 -31.27 2.49
CA GLU D 28 -17.96 -32.19 1.91
C GLU D 28 -16.53 -31.80 2.30
N GLU D 29 -16.18 -30.50 2.16
CA GLU D 29 -14.85 -29.96 2.50
C GLU D 29 -14.59 -30.00 4.00
N LEU D 30 -15.64 -29.71 4.82
CA LEU D 30 -15.58 -29.70 6.28
C LEU D 30 -15.28 -31.09 6.85
N GLU D 31 -15.96 -32.14 6.32
CA GLU D 31 -15.79 -33.54 6.74
C GLU D 31 -14.36 -34.04 6.51
N ARG D 32 -13.76 -33.71 5.35
CA ARG D 32 -12.38 -34.08 4.99
C ARG D 32 -11.35 -33.39 5.90
N LYS D 33 -11.65 -32.12 6.29
CA LYS D 33 -10.82 -31.30 7.17
C LYS D 33 -10.75 -31.86 8.58
N VAL D 34 -11.91 -32.28 9.12
CA VAL D 34 -12.03 -32.86 10.48
C VAL D 34 -11.28 -34.20 10.53
N TRP D 35 -11.31 -34.99 9.42
CA TRP D 35 -10.57 -36.25 9.29
C TRP D 35 -9.06 -35.98 9.29
N GLU D 36 -8.63 -34.85 8.64
CA GLU D 36 -7.24 -34.41 8.60
C GLU D 36 -6.79 -33.96 10.00
N LEU D 37 -7.70 -33.28 10.75
CA LEU D 37 -7.48 -32.83 12.13
C LEU D 37 -7.32 -34.04 13.06
N ALA D 38 -8.17 -35.07 12.89
CA ALA D 38 -8.14 -36.32 13.67
C ALA D 38 -6.79 -37.03 13.50
N ARG D 39 -6.28 -37.07 12.25
CA ARG D 39 -4.98 -37.65 11.89
C ARG D 39 -3.85 -36.93 12.62
N LEU D 40 -3.91 -35.58 12.66
CA LEU D 40 -2.91 -34.74 13.33
C LEU D 40 -2.91 -34.95 14.85
N VAL D 41 -4.10 -35.13 15.47
CA VAL D 41 -4.27 -35.38 16.92
C VAL D 41 -3.65 -36.75 17.29
N TRP D 42 -3.99 -37.81 16.51
CA TRP D 42 -3.51 -39.18 16.71
C TRP D 42 -1.98 -39.34 16.56
N GLN D 43 -1.35 -38.54 15.67
CA GLN D 43 0.09 -38.59 15.38
C GLN D 43 0.94 -37.71 16.30
N SER D 44 0.31 -36.73 17.00
CA SER D 44 1.05 -35.80 17.86
C SER D 44 1.19 -36.26 19.31
N SER D 45 2.37 -35.97 19.91
CA SER D 45 2.72 -36.31 21.29
C SER D 45 2.28 -35.22 22.28
N SER D 46 2.49 -33.94 21.93
CA SER D 46 2.13 -32.79 22.77
C SER D 46 1.13 -31.88 22.04
N VAL D 47 -0.18 -32.04 22.36
CA VAL D 47 -1.26 -31.26 21.74
C VAL D 47 -1.65 -30.11 22.66
N VAL D 48 -1.54 -28.87 22.16
CA VAL D 48 -1.89 -27.65 22.90
C VAL D 48 -3.06 -26.96 22.20
N PHE D 49 -4.15 -26.70 22.95
CA PHE D 49 -5.31 -25.97 22.44
C PHE D 49 -5.28 -24.51 22.89
N HIS D 50 -5.65 -23.60 21.98
CA HIS D 50 -5.73 -22.17 22.25
C HIS D 50 -7.18 -21.76 22.02
N THR D 51 -7.86 -21.22 23.07
CA THR D 51 -9.28 -20.85 22.93
C THR D 51 -9.52 -19.35 23.11
N GLY D 52 -10.50 -18.87 22.36
CA GLY D 52 -10.93 -17.48 22.39
C GLY D 52 -12.44 -17.38 22.60
N ALA D 53 -12.97 -16.13 22.54
CA ALA D 53 -14.39 -15.82 22.75
C ALA D 53 -15.39 -16.59 21.83
N GLY D 54 -14.90 -17.15 20.71
CA GLY D 54 -15.68 -17.93 19.76
C GLY D 54 -16.27 -19.23 20.27
N ILE D 55 -15.63 -19.85 21.30
CA ILE D 55 -16.10 -21.12 21.88
C ILE D 55 -17.27 -20.91 22.88
N SER D 56 -17.58 -19.65 23.23
CA SER D 56 -18.65 -19.33 24.19
C SER D 56 -19.88 -18.65 23.54
N THR D 57 -19.86 -18.42 22.21
CA THR D 57 -20.98 -17.78 21.50
C THR D 57 -22.23 -18.66 21.50
N ALA D 58 -22.03 -19.99 21.36
CA ALA D 58 -23.11 -20.99 21.39
C ALA D 58 -23.71 -21.14 22.81
N SER D 59 -23.12 -20.47 23.83
CA SER D 59 -23.64 -20.49 25.21
C SER D 59 -24.42 -19.19 25.55
N GLY D 60 -24.48 -18.27 24.58
CA GLY D 60 -25.17 -16.98 24.73
C GLY D 60 -24.26 -15.83 25.07
N ILE D 61 -22.93 -16.05 25.07
CA ILE D 61 -21.95 -15.00 25.37
C ILE D 61 -21.38 -14.46 24.03
N PRO D 62 -21.51 -13.15 23.70
CA PRO D 62 -20.97 -12.67 22.42
C PRO D 62 -19.44 -12.57 22.41
N ASP D 63 -18.83 -12.66 21.21
CA ASP D 63 -17.38 -12.51 21.07
C ASP D 63 -17.03 -11.00 21.03
N PHE D 64 -15.82 -10.64 20.59
CA PHE D 64 -15.41 -9.22 20.55
C PHE D 64 -15.40 -8.61 19.15
N ARG D 65 -14.90 -9.37 18.15
CA ARG D 65 -14.73 -8.86 16.78
C ARG D 65 -15.60 -9.58 15.71
N GLY D 66 -16.53 -10.44 16.16
CA GLY D 66 -17.44 -11.15 15.27
C GLY D 66 -18.52 -10.24 14.69
N PRO D 67 -19.37 -10.71 13.73
CA PRO D 67 -20.41 -9.83 13.15
C PRO D 67 -21.25 -9.06 14.19
N HIS D 68 -21.57 -9.71 15.33
CA HIS D 68 -22.33 -9.09 16.42
C HIS D 68 -21.51 -9.00 17.73
N GLY D 69 -20.17 -8.91 17.58
CA GLY D 69 -19.21 -8.80 18.68
C GLY D 69 -19.32 -7.53 19.49
N VAL D 70 -18.71 -7.51 20.70
CA VAL D 70 -18.71 -6.37 21.64
C VAL D 70 -18.14 -5.09 20.96
N TRP D 71 -16.90 -5.16 20.41
CA TRP D 71 -16.29 -4.00 19.74
C TRP D 71 -16.98 -3.66 18.41
N THR D 72 -17.46 -4.70 17.66
CA THR D 72 -18.17 -4.54 16.37
C THR D 72 -19.47 -3.77 16.54
N MET D 73 -20.29 -4.13 17.57
CA MET D 73 -21.55 -3.45 17.86
C MET D 73 -21.31 -2.03 18.35
N GLU D 74 -20.22 -1.81 19.14
CA GLU D 74 -19.80 -0.50 19.65
C GLU D 74 -19.51 0.48 18.49
N GLU D 75 -18.85 -0.04 17.43
CA GLU D 75 -18.52 0.69 16.20
C GLU D 75 -19.80 1.07 15.42
N ARG D 76 -20.85 0.24 15.55
CA ARG D 76 -22.16 0.44 14.92
C ARG D 76 -23.13 1.27 15.80
N GLY D 77 -22.65 1.71 16.97
CA GLY D 77 -23.43 2.49 17.93
C GLY D 77 -24.47 1.66 18.66
N LEU D 78 -24.25 0.35 18.75
CA LEU D 78 -25.15 -0.57 19.42
C LEU D 78 -24.45 -1.26 20.59
N ALA D 79 -25.22 -1.95 21.44
CA ALA D 79 -24.68 -2.66 22.59
C ALA D 79 -24.62 -4.18 22.30
N PRO D 80 -23.61 -4.93 22.84
CA PRO D 80 -23.59 -6.38 22.61
C PRO D 80 -24.75 -7.06 23.35
N LYS D 81 -25.26 -8.17 22.79
CA LYS D 81 -26.37 -8.88 23.41
C LYS D 81 -25.90 -10.17 24.07
N PHE D 82 -26.28 -10.33 25.35
CA PHE D 82 -26.01 -11.49 26.17
C PHE D 82 -27.33 -12.25 26.31
N ASP D 83 -27.34 -13.53 25.94
CA ASP D 83 -28.54 -14.38 26.02
C ASP D 83 -28.52 -15.22 27.31
N THR D 84 -27.59 -14.85 28.23
CA THR D 84 -27.36 -15.47 29.54
C THR D 84 -26.50 -14.53 30.41
N THR D 85 -26.43 -14.84 31.71
CA THR D 85 -25.52 -14.17 32.64
C THR D 85 -24.30 -15.10 32.64
N PHE D 86 -23.12 -14.63 33.11
CA PHE D 86 -21.93 -15.49 33.16
C PHE D 86 -22.12 -16.68 34.11
N GLU D 87 -22.90 -16.50 35.18
CA GLU D 87 -23.18 -17.52 36.19
C GLU D 87 -24.17 -18.58 35.69
N SER D 88 -25.16 -18.19 34.83
CA SER D 88 -26.15 -19.15 34.28
C SER D 88 -25.67 -19.76 32.95
N ALA D 89 -24.48 -19.33 32.46
CA ALA D 89 -23.87 -19.80 31.21
C ALA D 89 -23.42 -21.26 31.31
N ARG D 90 -23.86 -22.06 30.32
CA ARG D 90 -23.62 -23.49 30.21
C ARG D 90 -22.37 -23.74 29.36
N PRO D 91 -21.35 -24.51 29.83
CA PRO D 91 -20.19 -24.81 28.97
C PRO D 91 -20.69 -25.56 27.73
N THR D 92 -20.22 -25.14 26.56
CA THR D 92 -20.63 -25.70 25.28
C THR D 92 -20.08 -27.11 25.06
N GLN D 93 -20.46 -27.71 23.90
CA GLN D 93 -20.01 -29.04 23.46
C GLN D 93 -18.47 -29.02 23.28
N THR D 94 -17.92 -27.87 22.82
CA THR D 94 -16.47 -27.65 22.63
C THR D 94 -15.77 -27.66 23.99
N HIS D 95 -16.31 -26.92 25.00
CA HIS D 95 -15.77 -26.85 26.35
C HIS D 95 -15.67 -28.27 26.95
N MET D 96 -16.75 -29.07 26.82
CA MET D 96 -16.85 -30.44 27.34
C MET D 96 -16.02 -31.44 26.54
N ALA D 97 -15.77 -31.17 25.22
CA ALA D 97 -14.94 -32.02 24.38
C ALA D 97 -13.48 -31.90 24.84
N LEU D 98 -13.06 -30.66 25.17
CA LEU D 98 -11.71 -30.33 25.68
C LEU D 98 -11.47 -31.00 27.03
N VAL D 99 -12.54 -31.14 27.85
CA VAL D 99 -12.49 -31.81 29.16
C VAL D 99 -12.12 -33.29 28.93
N GLN D 100 -12.85 -33.96 28.00
CA GLN D 100 -12.64 -35.36 27.63
C GLN D 100 -11.29 -35.60 26.97
N LEU D 101 -10.83 -34.69 26.09
CA LEU D 101 -9.55 -34.81 25.39
C LEU D 101 -8.39 -34.83 26.38
N GLU D 102 -8.47 -33.98 27.43
CA GLU D 102 -7.48 -33.93 28.51
C GLU D 102 -7.53 -35.24 29.31
N ARG D 103 -8.77 -35.70 29.66
CA ARG D 103 -9.02 -36.92 30.44
C ARG D 103 -8.43 -38.17 29.80
N VAL D 104 -8.43 -38.26 28.45
CA VAL D 104 -7.91 -39.43 27.73
C VAL D 104 -6.42 -39.25 27.32
N GLY D 105 -5.81 -38.13 27.72
CA GLY D 105 -4.41 -37.82 27.45
C GLY D 105 -4.11 -37.30 26.04
N LEU D 106 -5.16 -36.91 25.29
CA LEU D 106 -5.01 -36.39 23.92
C LEU D 106 -4.81 -34.86 23.90
N LEU D 107 -4.88 -34.21 25.09
CA LEU D 107 -4.69 -32.77 25.28
C LEU D 107 -3.62 -32.60 26.35
N ARG D 108 -2.52 -31.91 26.03
CA ARG D 108 -1.42 -31.67 26.98
C ARG D 108 -1.66 -30.40 27.80
N PHE D 109 -2.02 -29.29 27.14
CA PHE D 109 -2.25 -28.01 27.80
C PHE D 109 -3.31 -27.17 27.09
N LEU D 110 -3.98 -26.27 27.84
CA LEU D 110 -5.01 -25.39 27.32
C LEU D 110 -4.72 -23.94 27.66
N VAL D 111 -4.56 -23.12 26.64
CA VAL D 111 -4.27 -21.70 26.77
C VAL D 111 -5.55 -20.94 26.40
N SER D 112 -6.09 -20.14 27.33
CA SER D 112 -7.31 -19.40 27.05
C SER D 112 -7.21 -17.90 27.29
N GLN D 113 -7.87 -17.15 26.41
CA GLN D 113 -7.97 -15.69 26.44
C GLN D 113 -9.31 -15.26 27.08
N ASN D 114 -10.20 -16.23 27.33
CA ASN D 114 -11.54 -16.04 27.87
C ASN D 114 -11.57 -15.75 29.36
N VAL D 115 -12.40 -14.76 29.73
CA VAL D 115 -12.62 -14.30 31.11
C VAL D 115 -13.94 -14.87 31.67
N ASP D 116 -14.79 -15.49 30.79
CA ASP D 116 -16.11 -16.07 31.11
C ASP D 116 -16.11 -17.14 32.22
N GLY D 117 -14.93 -17.72 32.53
CA GLY D 117 -14.77 -18.74 33.56
C GLY D 117 -15.42 -20.07 33.26
N LEU D 118 -15.70 -20.35 31.97
CA LEU D 118 -16.37 -21.58 31.57
C LEU D 118 -15.44 -22.79 31.59
N HIS D 119 -14.13 -22.62 31.29
CA HIS D 119 -13.17 -23.73 31.31
C HIS D 119 -13.04 -24.32 32.70
N VAL D 120 -12.89 -23.46 33.74
CA VAL D 120 -12.80 -23.88 35.14
C VAL D 120 -14.14 -24.55 35.57
N ARG D 121 -15.28 -23.91 35.29
CA ARG D 121 -16.62 -24.39 35.65
C ARG D 121 -16.99 -25.72 34.97
N SER D 122 -16.44 -26.00 33.76
CA SER D 122 -16.66 -27.24 33.02
C SER D 122 -15.97 -28.45 33.68
N GLY D 123 -15.06 -28.18 34.61
CA GLY D 123 -14.30 -29.21 35.33
C GLY D 123 -12.91 -29.46 34.78
N PHE D 124 -12.43 -28.59 33.86
CA PHE D 124 -11.10 -28.71 33.26
C PHE D 124 -10.01 -28.45 34.33
N PRO D 125 -8.94 -29.29 34.39
CA PRO D 125 -7.89 -29.10 35.42
C PRO D 125 -7.21 -27.74 35.33
N ARG D 126 -7.14 -27.02 36.46
CA ARG D 126 -6.52 -25.70 36.54
C ARG D 126 -4.99 -25.75 36.33
N ASP D 127 -4.35 -26.92 36.63
CA ASP D 127 -2.90 -27.11 36.47
C ASP D 127 -2.48 -27.35 34.99
N LYS D 128 -3.46 -27.60 34.10
CA LYS D 128 -3.24 -27.77 32.66
C LYS D 128 -3.90 -26.62 31.86
N LEU D 129 -4.22 -25.51 32.57
CA LEU D 129 -4.89 -24.34 32.00
C LEU D 129 -4.19 -23.01 32.36
N ALA D 130 -4.04 -22.12 31.35
CA ALA D 130 -3.49 -20.77 31.50
C ALA D 130 -4.59 -19.77 31.10
N GLU D 131 -5.04 -18.97 32.07
CA GLU D 131 -6.07 -17.94 31.85
C GLU D 131 -5.35 -16.60 31.74
N LEU D 132 -4.88 -16.30 30.52
CA LEU D 132 -4.06 -15.13 30.16
C LEU D 132 -4.69 -13.78 30.45
N HIS D 133 -6.01 -13.65 30.29
CA HIS D 133 -6.69 -12.38 30.51
C HIS D 133 -7.49 -12.36 31.82
N GLY D 134 -7.38 -13.44 32.58
CA GLY D 134 -8.05 -13.60 33.87
C GLY D 134 -9.32 -14.42 33.82
N ASN D 135 -10.05 -14.42 34.94
CA ASN D 135 -11.31 -15.14 35.15
C ASN D 135 -12.17 -14.27 36.05
N MET D 136 -13.40 -13.92 35.60
CA MET D 136 -14.26 -13.03 36.41
C MET D 136 -14.88 -13.67 37.66
N PHE D 137 -14.69 -14.99 37.85
CA PHE D 137 -15.16 -15.71 39.04
C PHE D 137 -13.98 -15.88 40.02
N VAL D 138 -12.74 -15.61 39.57
CA VAL D 138 -11.51 -15.79 40.37
C VAL D 138 -10.95 -14.45 40.89
N GLU D 139 -10.83 -14.35 42.22
CA GLU D 139 -10.23 -13.21 42.90
C GLU D 139 -8.94 -13.67 43.60
N GLU D 140 -7.90 -12.83 43.55
CA GLU D 140 -6.57 -13.12 44.09
C GLU D 140 -6.20 -12.17 45.25
N CYS D 141 -5.50 -12.68 46.26
CA CYS D 141 -5.09 -11.87 47.42
C CYS D 141 -3.99 -10.89 47.06
N ALA D 142 -4.03 -9.71 47.70
CA ALA D 142 -3.05 -8.64 47.50
C ALA D 142 -1.78 -8.85 48.35
N LYS D 143 -1.81 -9.79 49.34
CA LYS D 143 -0.67 -10.07 50.23
C LYS D 143 0.00 -11.44 49.99
N CYS D 144 -0.78 -12.56 49.88
CA CYS D 144 -0.21 -13.90 49.68
C CYS D 144 -0.46 -14.47 48.27
N LYS D 145 -1.28 -13.78 47.45
CA LYS D 145 -1.64 -14.11 46.05
C LYS D 145 -2.42 -15.45 45.90
N THR D 146 -3.01 -15.99 47.00
CA THR D 146 -3.85 -17.21 46.97
C THR D 146 -5.15 -16.88 46.20
N GLN D 147 -5.56 -17.75 45.25
CA GLN D 147 -6.74 -17.53 44.40
C GLN D 147 -8.00 -18.20 44.95
N TYR D 148 -9.16 -17.53 44.76
CA TYR D 148 -10.46 -18.00 45.21
C TYR D 148 -11.43 -18.10 44.02
N VAL D 149 -11.89 -19.33 43.70
CA VAL D 149 -12.83 -19.56 42.60
C VAL D 149 -14.25 -19.45 43.18
N ARG D 150 -14.94 -18.34 42.87
CA ARG D 150 -16.28 -18.06 43.38
C ARG D 150 -17.38 -18.59 42.47
N ASP D 151 -18.57 -18.86 43.05
CA ASP D 151 -19.75 -19.35 42.34
C ASP D 151 -20.45 -18.21 41.57
N THR D 152 -20.15 -16.96 41.93
CA THR D 152 -20.69 -15.75 41.31
C THR D 152 -19.54 -14.88 40.79
N VAL D 153 -19.85 -13.99 39.82
CA VAL D 153 -18.83 -13.10 39.24
C VAL D 153 -18.33 -12.08 40.27
N VAL D 154 -17.01 -11.81 40.23
CA VAL D 154 -16.34 -10.82 41.06
C VAL D 154 -16.76 -9.45 40.51
N GLY D 155 -17.32 -8.61 41.38
CA GLY D 155 -17.87 -7.29 41.05
C GLY D 155 -16.95 -6.25 40.43
N THR D 156 -15.62 -6.43 40.55
CA THR D 156 -14.64 -5.47 40.01
C THR D 156 -13.88 -6.02 38.79
N MET D 157 -13.28 -5.10 38.00
CA MET D 157 -12.46 -5.37 36.81
C MET D 157 -11.27 -4.40 36.79
N GLY D 158 -10.11 -4.89 36.37
CA GLY D 158 -8.89 -4.09 36.30
C GLY D 158 -7.95 -4.26 37.48
N LEU D 159 -7.96 -5.47 38.12
CA LEU D 159 -7.15 -5.86 39.29
C LEU D 159 -7.41 -4.93 40.52
N LYS D 160 -8.68 -4.53 40.71
CA LYS D 160 -9.15 -3.64 41.79
C LYS D 160 -9.69 -4.42 42.99
N ALA D 161 -9.66 -3.79 44.20
CA ALA D 161 -10.15 -4.38 45.47
C ALA D 161 -11.65 -4.68 45.41
N THR D 162 -12.03 -5.92 45.80
CA THR D 162 -13.42 -6.40 45.77
C THR D 162 -14.20 -6.07 47.05
N GLY D 163 -13.50 -5.98 48.17
CA GLY D 163 -14.09 -5.71 49.48
C GLY D 163 -13.86 -6.84 50.46
N ARG D 164 -13.80 -8.08 49.93
CA ARG D 164 -13.55 -9.31 50.70
C ARG D 164 -12.07 -9.43 51.06
N LEU D 165 -11.77 -10.08 52.19
CA LEU D 165 -10.40 -10.28 52.67
C LEU D 165 -10.00 -11.75 52.62
N CYS D 166 -8.67 -12.03 52.67
CA CYS D 166 -8.11 -13.40 52.63
C CYS D 166 -8.50 -14.19 53.90
N THR D 167 -8.69 -15.51 53.74
CA THR D 167 -9.10 -16.39 54.84
C THR D 167 -8.03 -17.44 55.23
N VAL D 168 -6.90 -17.51 54.48
CA VAL D 168 -5.83 -18.48 54.74
C VAL D 168 -5.04 -18.11 56.03
N ALA D 169 -4.66 -19.14 56.80
CA ALA D 169 -3.90 -19.04 58.05
C ALA D 169 -2.39 -19.39 57.83
N LYS D 170 -1.56 -19.24 58.87
CA LYS D 170 -0.11 -19.53 58.77
C LYS D 170 0.29 -20.89 59.37
N ALA D 171 1.19 -21.61 58.68
CA ALA D 171 1.72 -22.92 59.09
C ALA D 171 3.19 -23.07 58.69
N ARG D 178 -4.50 -13.10 55.32
CA ARG D 178 -4.46 -11.65 55.53
C ARG D 178 -4.31 -10.90 54.20
N GLY D 179 -4.97 -9.73 54.11
CA GLY D 179 -4.91 -8.88 52.93
C GLY D 179 -6.20 -8.74 52.15
N GLU D 180 -6.22 -7.76 51.21
CA GLU D 180 -7.36 -7.46 50.33
C GLU D 180 -7.37 -8.41 49.13
N LEU D 181 -8.56 -8.84 48.71
CA LEU D 181 -8.78 -9.69 47.56
C LEU D 181 -9.11 -8.79 46.36
N ARG D 182 -8.39 -8.98 45.25
CA ARG D 182 -8.54 -8.22 44.01
C ARG D 182 -8.94 -9.14 42.87
N ASP D 183 -9.65 -8.60 41.86
CA ASP D 183 -10.06 -9.35 40.67
C ASP D 183 -8.84 -9.76 39.82
N THR D 184 -9.04 -10.67 38.87
CA THR D 184 -7.96 -11.16 37.99
C THR D 184 -8.13 -10.61 36.55
N ILE D 185 -9.19 -9.82 36.30
CA ILE D 185 -9.47 -9.22 35.00
C ILE D 185 -8.43 -8.17 34.64
N LEU D 186 -7.76 -8.33 33.50
CA LEU D 186 -6.76 -7.37 33.06
C LEU D 186 -7.41 -6.27 32.25
N ASP D 187 -6.96 -5.02 32.45
CA ASP D 187 -7.40 -3.88 31.65
C ASP D 187 -6.46 -3.81 30.44
N TRP D 188 -6.70 -2.85 29.51
CA TRP D 188 -5.89 -2.70 28.29
C TRP D 188 -4.38 -2.44 28.57
N GLU D 189 -4.07 -1.67 29.64
CA GLU D 189 -2.72 -1.31 30.05
C GLU D 189 -2.01 -2.39 30.90
N ASP D 190 -2.76 -3.18 31.70
CA ASP D 190 -2.20 -4.21 32.59
C ASP D 190 -1.42 -5.30 31.85
N SER D 191 -0.35 -5.80 32.49
CA SER D 191 0.52 -6.86 31.98
C SER D 191 -0.04 -8.25 32.30
N LEU D 192 0.25 -9.24 31.44
CA LEU D 192 -0.22 -10.62 31.57
C LEU D 192 0.36 -11.32 32.82
N PRO D 193 -0.42 -12.21 33.52
CA PRO D 193 0.14 -12.89 34.71
C PRO D 193 1.37 -13.73 34.37
N ASP D 194 2.45 -13.58 35.16
CA ASP D 194 3.74 -14.25 34.96
C ASP D 194 3.65 -15.77 34.89
N ARG D 195 3.01 -16.42 35.89
CA ARG D 195 2.87 -17.88 35.96
C ARG D 195 2.11 -18.45 34.75
N ASP D 196 0.92 -17.87 34.43
CA ASP D 196 0.07 -18.30 33.32
C ASP D 196 0.77 -18.14 31.96
N LEU D 197 1.41 -16.98 31.71
CA LEU D 197 2.12 -16.70 30.44
C LEU D 197 3.34 -17.61 30.25
N ALA D 198 4.14 -17.84 31.34
CA ALA D 198 5.32 -18.71 31.31
C ALA D 198 4.93 -20.16 31.00
N LEU D 199 3.82 -20.67 31.60
CA LEU D 199 3.31 -22.03 31.38
C LEU D 199 2.75 -22.17 29.96
N ALA D 200 2.04 -21.11 29.48
CA ALA D 200 1.45 -21.05 28.12
C ALA D 200 2.56 -21.04 27.05
N ASP D 201 3.65 -20.29 27.30
CA ASP D 201 4.80 -20.19 26.38
C ASP D 201 5.58 -21.49 26.34
N GLU D 202 5.82 -22.13 27.52
CA GLU D 202 6.53 -23.41 27.65
C GLU D 202 5.79 -24.51 26.88
N ALA D 203 4.46 -24.62 27.11
CA ALA D 203 3.60 -25.62 26.46
C ALA D 203 3.57 -25.44 24.94
N SER D 204 3.54 -24.19 24.45
CA SER D 204 3.51 -23.85 23.03
C SER D 204 4.81 -24.19 22.31
N ARG D 205 5.98 -23.83 22.91
CA ARG D 205 7.31 -24.08 22.35
C ARG D 205 7.65 -25.58 22.29
N ASN D 206 7.08 -26.39 23.22
CA ASN D 206 7.32 -27.84 23.31
C ASN D 206 6.25 -28.70 22.59
N ALA D 207 5.18 -28.06 22.07
CA ALA D 207 4.10 -28.75 21.36
C ALA D 207 4.47 -29.10 19.93
N ASP D 208 3.98 -30.26 19.43
CA ASP D 208 4.18 -30.67 18.04
C ASP D 208 2.88 -30.40 17.25
N LEU D 209 1.82 -29.92 17.98
CA LEU D 209 0.52 -29.55 17.42
C LEU D 209 -0.19 -28.52 18.30
N SER D 210 -0.50 -27.35 17.69
CA SER D 210 -1.24 -26.26 18.31
C SER D 210 -2.55 -26.09 17.54
N ILE D 211 -3.70 -26.18 18.25
CA ILE D 211 -5.04 -26.02 17.65
C ILE D 211 -5.69 -24.78 18.26
N THR D 212 -6.07 -23.80 17.40
CA THR D 212 -6.73 -22.57 17.86
C THR D 212 -8.24 -22.73 17.62
N LEU D 213 -9.06 -22.41 18.63
CA LEU D 213 -10.52 -22.53 18.55
C LEU D 213 -11.20 -21.22 18.92
N GLY D 214 -11.96 -20.67 17.98
CA GLY D 214 -12.72 -19.44 18.17
C GLY D 214 -11.95 -18.22 18.62
N THR D 215 -10.73 -18.04 18.11
CA THR D 215 -9.93 -16.86 18.43
C THR D 215 -9.45 -16.21 17.13
N SER D 216 -9.55 -14.87 17.05
CA SER D 216 -9.11 -14.08 15.90
C SER D 216 -7.59 -13.94 15.86
N LEU D 217 -6.91 -14.23 17.00
CA LEU D 217 -5.45 -14.18 17.22
C LEU D 217 -4.84 -12.77 16.95
N GLN D 218 -5.62 -11.70 17.21
CA GLN D 218 -5.23 -10.31 16.97
C GLN D 218 -4.53 -9.65 18.18
N ILE D 219 -4.75 -10.18 19.41
CA ILE D 219 -4.16 -9.62 20.62
C ILE D 219 -2.87 -10.37 20.98
N ARG D 220 -1.76 -9.61 21.09
CA ARG D 220 -0.45 -10.12 21.46
C ARG D 220 -0.23 -9.99 22.99
N PRO D 221 0.57 -10.88 23.66
CA PRO D 221 1.33 -12.02 23.10
C PRO D 221 0.51 -13.30 22.91
N SER D 222 -0.77 -13.29 23.37
CA SER D 222 -1.73 -14.40 23.31
C SER D 222 -1.89 -15.00 21.89
N GLY D 223 -2.07 -14.14 20.89
CA GLY D 223 -2.25 -14.52 19.50
C GLY D 223 -1.00 -15.08 18.83
N ASN D 224 0.19 -14.75 19.40
CA ASN D 224 1.49 -15.19 18.89
C ASN D 224 1.95 -16.53 19.46
N LEU D 225 1.34 -16.98 20.59
CA LEU D 225 1.68 -18.25 21.26
C LEU D 225 1.52 -19.49 20.34
N PRO D 226 0.45 -19.63 19.50
CA PRO D 226 0.38 -20.80 18.60
C PRO D 226 1.49 -20.83 17.53
N LEU D 227 2.15 -19.68 17.27
CA LEU D 227 3.25 -19.56 16.29
C LEU D 227 4.55 -20.13 16.85
N ALA D 228 4.72 -20.16 18.20
CA ALA D 228 5.91 -20.71 18.87
C ALA D 228 6.02 -22.21 18.57
N THR D 229 4.87 -22.87 18.30
CA THR D 229 4.77 -24.27 17.92
C THR D 229 5.33 -24.45 16.49
N LYS D 230 4.86 -23.61 15.53
CA LYS D 230 5.26 -23.61 14.11
C LYS D 230 6.75 -23.26 13.92
N ARG D 231 7.23 -22.19 14.61
CA ARG D 231 8.62 -21.71 14.57
C ARG D 231 9.61 -22.69 15.21
N ARG D 232 9.11 -23.62 16.06
CA ARG D 232 9.91 -24.65 16.72
C ARG D 232 9.86 -26.01 15.97
N GLY D 233 8.96 -26.13 14.99
CA GLY D 233 8.82 -27.33 14.16
C GLY D 233 7.44 -27.98 14.08
N GLY D 234 6.59 -27.73 15.10
CA GLY D 234 5.24 -28.30 15.18
C GLY D 234 4.23 -27.80 14.17
N ARG D 235 3.08 -28.50 14.08
CA ARG D 235 1.97 -28.18 13.16
C ARG D 235 1.00 -27.17 13.81
N LEU D 236 0.30 -26.36 12.97
CA LEU D 236 -0.68 -25.39 13.43
C LEU D 236 -2.03 -25.58 12.74
N VAL D 237 -3.11 -25.70 13.53
CA VAL D 237 -4.50 -25.85 13.04
C VAL D 237 -5.32 -24.67 13.57
N ILE D 238 -5.99 -23.95 12.66
CA ILE D 238 -6.84 -22.81 13.03
C ILE D 238 -8.30 -23.11 12.68
N VAL D 239 -9.16 -23.04 13.69
CA VAL D 239 -10.61 -23.26 13.56
C VAL D 239 -11.28 -21.93 13.93
N ASN D 240 -11.85 -21.24 12.93
CA ASN D 240 -12.52 -19.94 13.10
C ASN D 240 -13.47 -19.65 11.93
N LEU D 241 -14.57 -18.94 12.21
CA LEU D 241 -15.54 -18.54 11.17
C LEU D 241 -14.97 -17.39 10.33
N GLN D 242 -14.39 -16.36 10.99
CA GLN D 242 -13.77 -15.19 10.38
C GLN D 242 -12.28 -15.47 10.08
N PRO D 243 -11.59 -14.66 9.21
CA PRO D 243 -10.15 -14.89 9.01
C PRO D 243 -9.34 -14.48 10.25
N THR D 244 -8.16 -15.10 10.46
CA THR D 244 -7.31 -14.78 11.62
C THR D 244 -6.02 -14.09 11.16
N LYS D 245 -5.28 -13.48 12.12
CA LYS D 245 -4.01 -12.78 11.88
C LYS D 245 -2.93 -13.69 11.30
N HIS D 246 -2.87 -14.96 11.74
CA HIS D 246 -1.85 -15.92 11.33
C HIS D 246 -2.40 -17.06 10.45
N ASP D 247 -3.36 -16.74 9.56
CA ASP D 247 -3.98 -17.69 8.62
C ASP D 247 -2.97 -18.33 7.67
N ARG D 248 -1.98 -17.53 7.20
CA ARG D 248 -0.92 -17.95 6.28
C ARG D 248 0.04 -19.00 6.87
N HIS D 249 0.19 -19.04 8.21
CA HIS D 249 1.10 -19.98 8.88
C HIS D 249 0.44 -21.32 9.25
N ALA D 250 -0.90 -21.43 9.09
CA ALA D 250 -1.63 -22.65 9.45
C ALA D 250 -1.45 -23.78 8.43
N ASP D 251 -1.24 -25.01 8.95
CA ASP D 251 -1.09 -26.24 8.14
C ASP D 251 -2.47 -26.74 7.72
N LEU D 252 -3.49 -26.42 8.55
CA LEU D 252 -4.89 -26.78 8.34
C LEU D 252 -5.78 -25.62 8.82
N ARG D 253 -6.65 -25.14 7.94
CA ARG D 253 -7.56 -24.05 8.25
C ARG D 253 -9.00 -24.52 8.10
N ILE D 254 -9.76 -24.48 9.21
CA ILE D 254 -11.17 -24.93 9.22
C ILE D 254 -12.11 -23.74 9.46
N HIS D 255 -13.04 -23.52 8.52
CA HIS D 255 -14.03 -22.46 8.59
C HIS D 255 -15.42 -23.05 8.87
N GLY D 256 -15.80 -23.03 10.15
CA GLY D 256 -17.08 -23.54 10.62
C GLY D 256 -17.31 -23.28 12.09
N TYR D 257 -18.48 -23.70 12.61
CA TYR D 257 -18.82 -23.56 14.03
C TYR D 257 -18.01 -24.56 14.84
N VAL D 258 -17.30 -24.08 15.88
CA VAL D 258 -16.42 -24.89 16.73
C VAL D 258 -17.15 -26.13 17.31
N ASP D 259 -18.44 -25.99 17.69
CA ASP D 259 -19.24 -27.11 18.22
C ASP D 259 -19.42 -28.21 17.20
N GLU D 260 -19.68 -27.85 15.91
CA GLU D 260 -19.86 -28.83 14.84
C GLU D 260 -18.54 -29.54 14.51
N VAL D 261 -17.42 -28.79 14.51
CA VAL D 261 -16.07 -29.30 14.25
C VAL D 261 -15.64 -30.28 15.38
N MET D 262 -15.83 -29.87 16.65
CA MET D 262 -15.45 -30.68 17.80
C MET D 262 -16.34 -31.93 17.96
N THR D 263 -17.64 -31.84 17.62
CA THR D 263 -18.57 -32.99 17.68
C THR D 263 -18.12 -34.03 16.65
N ARG D 264 -17.78 -33.59 15.41
CA ARG D 264 -17.30 -34.46 14.34
C ARG D 264 -15.95 -35.05 14.68
N LEU D 265 -15.09 -34.28 15.40
CA LEU D 265 -13.76 -34.71 15.84
C LEU D 265 -13.87 -35.84 16.86
N MET D 266 -14.71 -35.67 17.90
CA MET D 266 -14.92 -36.68 18.96
C MET D 266 -15.49 -37.97 18.39
N GLU D 267 -16.37 -37.85 17.37
CA GLU D 267 -16.99 -38.97 16.63
C GLU D 267 -15.88 -39.80 15.95
N HIS D 268 -14.91 -39.12 15.27
CA HIS D 268 -13.79 -39.77 14.58
C HIS D 268 -12.84 -40.42 15.59
N LEU D 269 -12.59 -39.75 16.73
CA LEU D 269 -11.69 -40.25 17.78
C LEU D 269 -12.34 -41.37 18.62
N GLY D 270 -13.65 -41.58 18.45
CA GLY D 270 -14.42 -42.61 19.17
C GLY D 270 -14.65 -42.24 20.62
N LEU D 271 -14.72 -40.92 20.89
CA LEU D 271 -14.91 -40.39 22.23
C LEU D 271 -16.27 -39.77 22.38
N GLU D 272 -16.87 -39.92 23.55
CA GLU D 272 -18.16 -39.34 23.86
C GLU D 272 -17.95 -38.02 24.60
N ILE D 273 -18.80 -37.02 24.33
CA ILE D 273 -18.71 -35.72 25.00
C ILE D 273 -19.38 -35.89 26.38
N PRO D 274 -18.63 -35.69 27.49
CA PRO D 274 -19.20 -35.92 28.83
C PRO D 274 -20.26 -34.92 29.23
N ALA D 275 -21.15 -35.36 30.13
CA ALA D 275 -22.24 -34.56 30.68
C ALA D 275 -21.70 -33.56 31.68
N TRP D 276 -22.34 -32.39 31.76
CA TRP D 276 -22.00 -31.34 32.71
C TRP D 276 -23.08 -31.31 33.80
N ASP D 277 -22.69 -31.66 35.04
CA ASP D 277 -23.60 -31.70 36.20
C ASP D 277 -23.44 -30.46 37.09
N GLY D 278 -23.37 -29.28 36.47
CA GLY D 278 -23.24 -28.01 37.17
C GLY D 278 -21.80 -27.56 37.38
N PRO D 279 -21.59 -26.33 37.92
CA PRO D 279 -20.22 -25.82 38.10
C PRO D 279 -19.39 -26.63 39.08
N ARG D 280 -18.19 -27.08 38.64
CA ARG D 280 -17.25 -27.88 39.42
C ARG D 280 -15.82 -27.45 39.13
N VAL D 281 -15.01 -27.27 40.19
CA VAL D 281 -13.60 -26.84 40.11
C VAL D 281 -12.66 -28.02 40.38
N LEU D 282 -11.76 -28.30 39.42
CA LEU D 282 -10.73 -29.34 39.51
C LEU D 282 -9.37 -28.64 39.47
N GLU D 283 -8.65 -28.68 40.61
CA GLU D 283 -7.34 -28.03 40.73
C GLU D 283 -6.25 -28.77 39.97
N ARG D 284 -6.18 -30.12 40.10
CA ARG D 284 -5.13 -30.91 39.46
C ARG D 284 -5.66 -32.02 38.55
N ALA D 285 -4.94 -32.25 37.43
CA ALA D 285 -5.24 -33.28 36.45
C ALA D 285 -5.03 -34.69 37.03
N LEU D 286 -5.92 -35.61 36.68
CA LEU D 286 -5.89 -37.01 37.08
C LEU D 286 -5.10 -37.83 36.03
N PRO D 287 -4.63 -39.08 36.33
CA PRO D 287 -3.91 -39.86 35.29
C PRO D 287 -4.82 -40.14 34.08
N PRO D 288 -4.27 -40.27 32.84
CA PRO D 288 -5.15 -40.46 31.66
C PRO D 288 -6.04 -41.70 31.72
N LEU D 289 -7.31 -41.53 31.33
CA LEU D 289 -8.32 -42.59 31.25
C LEU D 289 -8.07 -43.42 29.98
N PRO D 290 -8.61 -44.66 29.85
CA PRO D 290 -8.38 -45.43 28.60
C PRO D 290 -8.97 -44.74 27.37
N ARG D 291 -8.28 -44.84 26.23
CA ARG D 291 -8.74 -44.23 24.97
C ARG D 291 -8.77 -45.26 23.82
N PRO D 292 -9.63 -45.10 22.78
CA PRO D 292 -9.68 -46.10 21.71
C PRO D 292 -8.38 -46.19 20.92
N PRO D 293 -8.03 -47.41 20.38
CA PRO D 293 -6.77 -47.53 19.60
C PRO D 293 -6.77 -46.66 18.35
N THR D 294 -5.58 -46.21 17.94
CA THR D 294 -5.32 -45.33 16.80
C THR D 294 -5.51 -46.06 15.44
N PRO D 295 -6.21 -45.45 14.44
CA PRO D 295 -6.36 -46.13 13.14
C PRO D 295 -5.05 -46.19 12.34
N LYS D 296 -4.96 -47.14 11.39
CA LYS D 296 -3.78 -47.28 10.52
C LYS D 296 -3.81 -46.19 9.45
N LEU D 297 -2.89 -45.19 9.57
CA LEU D 297 -2.76 -44.00 8.70
C LEU D 297 -2.90 -44.31 7.19
N ALA E 13 -35.06 -18.97 -3.86
CA ALA E 13 -34.91 -19.80 -5.06
C ALA E 13 -34.02 -21.02 -4.80
N ASP E 14 -34.34 -22.16 -5.46
CA ASP E 14 -33.59 -23.41 -5.35
C ASP E 14 -32.39 -23.38 -6.30
N LYS E 15 -31.16 -23.50 -5.73
CA LYS E 15 -29.90 -23.46 -6.49
C LYS E 15 -29.36 -24.89 -6.81
N GLY E 16 -29.93 -25.91 -6.16
CA GLY E 16 -29.59 -27.31 -6.36
C GLY E 16 -28.34 -27.76 -5.63
N LYS E 17 -27.75 -28.88 -6.09
CA LYS E 17 -26.52 -29.44 -5.51
C LYS E 17 -25.30 -28.64 -5.99
N CYS E 18 -24.65 -27.92 -5.07
CA CYS E 18 -23.49 -27.06 -5.35
C CYS E 18 -22.19 -27.61 -4.76
N GLY E 19 -21.08 -27.29 -5.44
CA GLY E 19 -19.73 -27.65 -5.04
C GLY E 19 -19.43 -29.12 -4.89
N LEU E 20 -20.01 -29.96 -5.76
CA LEU E 20 -19.79 -31.41 -5.78
C LEU E 20 -18.31 -31.71 -6.14
N PRO E 21 -17.70 -32.81 -5.61
CA PRO E 21 -16.29 -33.09 -5.95
C PRO E 21 -16.08 -33.34 -7.44
N GLU E 22 -14.95 -32.86 -7.98
CA GLU E 22 -14.60 -33.01 -9.38
C GLU E 22 -13.94 -34.36 -9.65
N ILE E 23 -14.30 -34.98 -10.78
CA ILE E 23 -13.73 -36.25 -11.21
C ILE E 23 -12.86 -36.00 -12.44
N PHE E 24 -11.68 -36.64 -12.47
CA PHE E 24 -10.73 -36.50 -13.57
C PHE E 24 -10.36 -37.88 -14.12
N ASP E 25 -10.55 -38.08 -15.44
CA ASP E 25 -10.19 -39.34 -16.10
C ASP E 25 -8.66 -39.35 -16.32
N PRO E 26 -7.97 -40.50 -16.03
CA PRO E 26 -6.51 -40.54 -16.26
C PRO E 26 -6.14 -40.39 -17.76
N PRO E 27 -4.90 -39.99 -18.12
CA PRO E 27 -4.56 -39.81 -19.56
C PRO E 27 -4.93 -40.99 -20.48
N GLU E 28 -4.77 -42.24 -20.00
CA GLU E 28 -5.07 -43.46 -20.77
C GLU E 28 -6.58 -43.62 -21.04
N GLU E 29 -7.41 -43.48 -19.98
CA GLU E 29 -8.88 -43.60 -20.07
C GLU E 29 -9.49 -42.44 -20.87
N LEU E 30 -8.93 -41.21 -20.72
CA LEU E 30 -9.38 -40.00 -21.42
C LEU E 30 -9.16 -40.11 -22.95
N GLU E 31 -7.97 -40.62 -23.36
CA GLU E 31 -7.53 -40.83 -24.75
C GLU E 31 -8.48 -41.78 -25.50
N ARG E 32 -8.90 -42.87 -24.84
CA ARG E 32 -9.80 -43.90 -25.38
C ARG E 32 -11.23 -43.36 -25.52
N LYS E 33 -11.68 -42.52 -24.56
CA LYS E 33 -13.03 -41.91 -24.54
C LYS E 33 -13.21 -40.87 -25.66
N VAL E 34 -12.15 -40.08 -25.97
CA VAL E 34 -12.20 -39.08 -27.05
C VAL E 34 -12.28 -39.81 -28.41
N TRP E 35 -11.56 -40.97 -28.53
CA TRP E 35 -11.60 -41.82 -29.74
C TRP E 35 -12.98 -42.43 -29.91
N GLU E 36 -13.65 -42.80 -28.79
CA GLU E 36 -15.00 -43.35 -28.77
C GLU E 36 -16.00 -42.26 -29.17
N LEU E 37 -15.76 -40.99 -28.72
CA LEU E 37 -16.57 -39.81 -29.04
C LEU E 37 -16.46 -39.50 -30.54
N ALA E 38 -15.23 -39.58 -31.09
CA ALA E 38 -14.94 -39.34 -32.52
C ALA E 38 -15.72 -40.34 -33.41
N ARG E 39 -15.71 -41.63 -33.01
CA ARG E 39 -16.42 -42.72 -33.69
C ARG E 39 -17.94 -42.46 -33.70
N LEU E 40 -18.49 -41.96 -32.56
CA LEU E 40 -19.92 -41.60 -32.43
C LEU E 40 -20.30 -40.43 -33.34
N VAL E 41 -19.40 -39.42 -33.49
CA VAL E 41 -19.61 -38.25 -34.36
C VAL E 41 -19.63 -38.69 -35.85
N TRP E 42 -18.65 -39.53 -36.28
CA TRP E 42 -18.52 -40.03 -37.65
C TRP E 42 -19.72 -40.89 -38.08
N GLN E 43 -20.29 -41.69 -37.16
CA GLN E 43 -21.41 -42.60 -37.41
C GLN E 43 -22.80 -41.94 -37.32
N SER E 44 -22.91 -40.76 -36.68
CA SER E 44 -24.19 -40.08 -36.51
C SER E 44 -24.55 -39.11 -37.63
N SER E 45 -25.86 -39.06 -37.98
CA SER E 45 -26.43 -38.21 -39.03
C SER E 45 -26.82 -36.83 -38.46
N SER E 46 -27.46 -36.80 -37.27
CA SER E 46 -27.91 -35.57 -36.63
C SER E 46 -27.24 -35.40 -35.26
N VAL E 47 -26.17 -34.58 -35.20
CA VAL E 47 -25.40 -34.32 -33.97
C VAL E 47 -25.85 -33.00 -33.35
N VAL E 48 -26.35 -33.05 -32.11
CA VAL E 48 -26.77 -31.86 -31.36
C VAL E 48 -25.88 -31.71 -30.14
N PHE E 49 -25.34 -30.50 -29.94
CA PHE E 49 -24.51 -30.15 -28.79
C PHE E 49 -25.30 -29.34 -27.79
N HIS E 50 -25.07 -29.59 -26.49
CA HIS E 50 -25.73 -28.90 -25.39
C HIS E 50 -24.66 -28.28 -24.49
N THR E 51 -24.57 -26.94 -24.45
CA THR E 51 -23.51 -26.28 -23.68
C THR E 51 -24.03 -25.58 -22.43
N GLY E 52 -23.18 -25.61 -21.39
CA GLY E 52 -23.40 -24.98 -20.11
C GLY E 52 -22.27 -24.05 -19.73
N ALA E 53 -22.37 -23.42 -18.54
CA ALA E 53 -21.41 -22.43 -18.00
C ALA E 53 -19.95 -22.90 -17.96
N GLY E 54 -19.75 -24.23 -17.89
CA GLY E 54 -18.44 -24.87 -17.86
C GLY E 54 -17.56 -24.69 -19.08
N ILE E 55 -18.12 -24.33 -20.23
CA ILE E 55 -17.33 -24.12 -21.47
C ILE E 55 -16.78 -22.67 -21.55
N SER E 56 -17.06 -21.84 -20.54
CA SER E 56 -16.63 -20.44 -20.48
C SER E 56 -15.72 -20.18 -19.29
N THR E 57 -15.51 -21.19 -18.41
CA THR E 57 -14.63 -21.10 -17.22
C THR E 57 -13.19 -20.76 -17.63
N ALA E 58 -12.71 -21.38 -18.74
CA ALA E 58 -11.36 -21.17 -19.31
C ALA E 58 -11.18 -19.76 -19.91
N SER E 59 -12.27 -18.97 -20.02
CA SER E 59 -12.25 -17.60 -20.53
C SER E 59 -12.28 -16.54 -19.42
N GLY E 60 -12.43 -16.99 -18.17
CA GLY E 60 -12.47 -16.13 -17.00
C GLY E 60 -13.86 -15.87 -16.43
N ILE E 61 -14.89 -16.59 -16.95
CA ILE E 61 -16.28 -16.48 -16.49
C ILE E 61 -16.58 -17.69 -15.58
N PRO E 62 -16.89 -17.49 -14.28
CA PRO E 62 -17.14 -18.66 -13.40
C PRO E 62 -18.47 -19.35 -13.70
N ASP E 63 -18.56 -20.65 -13.38
CA ASP E 63 -19.81 -21.41 -13.56
C ASP E 63 -20.75 -21.12 -12.36
N PHE E 64 -21.79 -21.93 -12.17
CA PHE E 64 -22.74 -21.70 -11.09
C PHE E 64 -22.59 -22.67 -9.90
N ARG E 65 -22.38 -23.97 -10.20
CA ARG E 65 -22.31 -25.01 -9.17
C ARG E 65 -20.94 -25.72 -9.05
N GLY E 66 -19.93 -25.20 -9.74
CA GLY E 66 -18.56 -25.75 -9.68
C GLY E 66 -17.88 -25.44 -8.35
N PRO E 67 -16.66 -25.99 -8.08
CA PRO E 67 -15.99 -25.71 -6.79
C PRO E 67 -15.92 -24.23 -6.40
N HIS E 68 -15.74 -23.33 -7.39
CA HIS E 68 -15.68 -21.88 -7.18
C HIS E 68 -16.82 -21.15 -7.93
N GLY E 69 -17.94 -21.85 -8.13
CA GLY E 69 -19.12 -21.35 -8.82
C GLY E 69 -19.84 -20.23 -8.10
N VAL E 70 -20.75 -19.53 -8.82
CA VAL E 70 -21.57 -18.41 -8.33
C VAL E 70 -22.27 -18.79 -7.01
N TRP E 71 -23.22 -19.76 -7.04
CA TRP E 71 -23.98 -20.20 -5.86
C TRP E 71 -23.11 -20.91 -4.84
N THR E 72 -22.05 -21.66 -5.30
CA THR E 72 -21.13 -22.37 -4.40
C THR E 72 -20.39 -21.39 -3.47
N MET E 73 -19.87 -20.28 -4.05
CA MET E 73 -19.16 -19.24 -3.28
C MET E 73 -20.12 -18.49 -2.36
N GLU E 74 -21.39 -18.28 -2.82
CA GLU E 74 -22.46 -17.63 -2.04
C GLU E 74 -22.76 -18.40 -0.77
N GLU E 75 -22.79 -19.75 -0.86
CA GLU E 75 -22.99 -20.71 0.24
C GLU E 75 -21.84 -20.62 1.26
N ARG E 76 -20.62 -20.29 0.76
CA ARG E 76 -19.39 -20.16 1.54
C ARG E 76 -19.19 -18.73 2.09
N GLY E 77 -20.14 -17.84 1.79
CA GLY E 77 -20.11 -16.44 2.21
C GLY E 77 -19.09 -15.62 1.45
N LEU E 78 -18.78 -16.03 0.22
CA LEU E 78 -17.81 -15.36 -0.65
C LEU E 78 -18.46 -14.95 -1.96
N ALA E 79 -17.77 -14.12 -2.76
CA ALA E 79 -18.25 -13.64 -4.05
C ALA E 79 -17.57 -14.39 -5.21
N PRO E 80 -18.28 -14.64 -6.35
CA PRO E 80 -17.62 -15.31 -7.50
C PRO E 80 -16.57 -14.38 -8.14
N LYS E 81 -15.50 -14.95 -8.69
CA LYS E 81 -14.44 -14.16 -9.31
C LYS E 81 -14.51 -14.22 -10.84
N PHE E 82 -14.54 -13.03 -11.46
CA PHE E 82 -14.53 -12.82 -12.90
C PHE E 82 -13.14 -12.31 -13.27
N ASP E 83 -12.45 -13.00 -14.19
CA ASP E 83 -11.11 -12.62 -14.65
C ASP E 83 -11.20 -11.85 -15.96
N THR E 84 -12.44 -11.42 -16.31
CA THR E 84 -12.80 -10.67 -17.51
C THR E 84 -14.20 -10.05 -17.36
N THR E 85 -14.53 -9.10 -18.25
CA THR E 85 -15.86 -8.53 -18.38
C THR E 85 -16.48 -9.38 -19.50
N PHE E 86 -17.81 -9.39 -19.65
CA PHE E 86 -18.45 -10.16 -20.72
C PHE E 86 -18.06 -9.63 -22.12
N GLU E 87 -17.76 -8.31 -22.23
CA GLU E 87 -17.34 -7.64 -23.47
C GLU E 87 -15.90 -7.99 -23.86
N SER E 88 -14.98 -8.11 -22.86
CA SER E 88 -13.57 -8.43 -23.13
C SER E 88 -13.30 -9.94 -23.15
N ALA E 89 -14.31 -10.77 -22.81
CA ALA E 89 -14.19 -12.23 -22.81
C ALA E 89 -14.05 -12.77 -24.22
N ARG E 90 -13.08 -13.66 -24.43
CA ARG E 90 -12.88 -14.25 -25.75
C ARG E 90 -13.40 -15.69 -25.78
N PRO E 91 -14.07 -16.11 -26.89
CA PRO E 91 -14.56 -17.50 -26.97
C PRO E 91 -13.42 -18.50 -26.79
N THR E 92 -13.67 -19.58 -26.04
CA THR E 92 -12.67 -20.62 -25.76
C THR E 92 -12.40 -21.49 -27.00
N GLN E 93 -11.46 -22.45 -26.87
CA GLN E 93 -11.11 -23.42 -27.90
C GLN E 93 -12.35 -24.28 -28.22
N THR E 94 -13.18 -24.58 -27.19
CA THR E 94 -14.43 -25.32 -27.31
C THR E 94 -15.43 -24.53 -28.16
N HIS E 95 -15.60 -23.20 -27.89
CA HIS E 95 -16.50 -22.30 -28.63
C HIS E 95 -16.14 -22.26 -30.12
N MET E 96 -14.84 -22.19 -30.43
CA MET E 96 -14.34 -22.13 -31.79
C MET E 96 -14.38 -23.50 -32.47
N ALA E 97 -14.28 -24.61 -31.68
CA ALA E 97 -14.36 -25.97 -32.22
C ALA E 97 -15.79 -26.23 -32.73
N LEU E 98 -16.79 -25.74 -31.96
CA LEU E 98 -18.22 -25.84 -32.28
C LEU E 98 -18.55 -25.03 -33.55
N VAL E 99 -17.84 -23.91 -33.76
CA VAL E 99 -17.98 -23.06 -34.95
C VAL E 99 -17.57 -23.90 -36.18
N GLN E 100 -16.38 -24.54 -36.12
CA GLN E 100 -15.82 -25.38 -37.18
C GLN E 100 -16.67 -26.62 -37.45
N LEU E 101 -17.18 -27.28 -36.38
CA LEU E 101 -18.00 -28.49 -36.50
C LEU E 101 -19.27 -28.21 -37.29
N GLU E 102 -19.89 -27.04 -37.05
CA GLU E 102 -21.08 -26.58 -37.77
C GLU E 102 -20.71 -26.30 -39.23
N ARG E 103 -19.58 -25.57 -39.45
CA ARG E 103 -19.07 -25.19 -40.78
C ARG E 103 -18.84 -26.38 -41.70
N VAL E 104 -18.38 -27.52 -41.15
CA VAL E 104 -18.10 -28.73 -41.93
C VAL E 104 -19.31 -29.71 -41.97
N GLY E 105 -20.43 -29.30 -41.37
CA GLY E 105 -21.67 -30.08 -41.35
C GLY E 105 -21.71 -31.23 -40.36
N LEU E 106 -20.75 -31.27 -39.40
CA LEU E 106 -20.69 -32.32 -38.37
C LEU E 106 -21.51 -31.96 -37.10
N LEU E 107 -22.09 -30.76 -37.09
CA LEU E 107 -22.93 -30.24 -36.01
C LEU E 107 -24.26 -29.79 -36.65
N ARG E 108 -25.38 -30.39 -36.22
CA ARG E 108 -26.69 -30.06 -36.76
C ARG E 108 -27.31 -28.86 -36.03
N PHE E 109 -27.27 -28.87 -34.68
CA PHE E 109 -27.84 -27.80 -33.85
C PHE E 109 -27.08 -27.63 -32.53
N LEU E 110 -27.12 -26.39 -31.99
CA LEU E 110 -26.46 -26.03 -30.73
C LEU E 110 -27.47 -25.44 -29.73
N VAL E 111 -27.64 -26.13 -28.60
CA VAL E 111 -28.54 -25.71 -27.53
C VAL E 111 -27.69 -25.19 -26.39
N SER E 112 -27.88 -23.92 -26.01
CA SER E 112 -27.07 -23.35 -24.93
C SER E 112 -27.89 -22.73 -23.81
N GLN E 113 -27.39 -22.91 -22.57
CA GLN E 113 -27.96 -22.38 -21.33
C GLN E 113 -27.23 -21.09 -20.94
N ASN E 114 -26.11 -20.78 -21.63
CA ASN E 114 -25.23 -19.64 -21.37
C ASN E 114 -25.80 -18.31 -21.83
N VAL E 115 -25.66 -17.28 -20.97
CA VAL E 115 -26.11 -15.90 -21.19
C VAL E 115 -24.93 -14.99 -21.61
N ASP E 116 -23.68 -15.50 -21.48
CA ASP E 116 -22.41 -14.79 -21.75
C ASP E 116 -22.28 -14.21 -23.17
N GLY E 117 -23.10 -14.68 -24.10
CA GLY E 117 -23.13 -14.26 -25.50
C GLY E 117 -21.89 -14.61 -26.32
N LEU E 118 -21.11 -15.62 -25.87
CA LEU E 118 -19.88 -16.04 -26.56
C LEU E 118 -20.13 -16.88 -27.81
N HIS E 119 -21.27 -17.63 -27.88
CA HIS E 119 -21.59 -18.43 -29.06
C HIS E 119 -21.87 -17.52 -30.27
N VAL E 120 -22.69 -16.45 -30.08
CA VAL E 120 -23.02 -15.47 -31.13
C VAL E 120 -21.74 -14.71 -31.55
N ARG E 121 -20.96 -14.20 -30.56
CA ARG E 121 -19.73 -13.44 -30.78
C ARG E 121 -18.62 -14.24 -31.47
N SER E 122 -18.61 -15.60 -31.28
CA SER E 122 -17.63 -16.49 -31.92
C SER E 122 -17.87 -16.66 -33.44
N GLY E 123 -19.06 -16.23 -33.90
CA GLY E 123 -19.45 -16.31 -35.30
C GLY E 123 -20.34 -17.49 -35.62
N PHE E 124 -20.86 -18.20 -34.58
CA PHE E 124 -21.75 -19.35 -34.74
C PHE E 124 -23.10 -18.89 -35.33
N PRO E 125 -23.62 -19.56 -36.40
CA PRO E 125 -24.90 -19.10 -36.99
C PRO E 125 -26.07 -19.20 -36.03
N ARG E 126 -26.78 -18.06 -35.86
CA ARG E 126 -27.91 -17.88 -34.95
C ARG E 126 -29.13 -18.76 -35.29
N ASP E 127 -29.26 -19.18 -36.57
CA ASP E 127 -30.36 -20.04 -37.03
C ASP E 127 -30.16 -21.53 -36.62
N LYS E 128 -28.94 -21.90 -36.16
CA LYS E 128 -28.61 -23.25 -35.69
C LYS E 128 -28.31 -23.23 -34.17
N LEU E 129 -28.73 -22.15 -33.48
CA LEU E 129 -28.50 -21.93 -32.07
C LEU E 129 -29.78 -21.54 -31.31
N ALA E 130 -29.98 -22.19 -30.14
CA ALA E 130 -31.07 -21.93 -29.20
C ALA E 130 -30.45 -21.40 -27.90
N GLU E 131 -30.75 -20.15 -27.55
CA GLU E 131 -30.25 -19.53 -26.32
C GLU E 131 -31.41 -19.53 -25.33
N LEU E 132 -31.56 -20.67 -24.62
CA LEU E 132 -32.65 -20.97 -23.68
C LEU E 132 -32.81 -20.01 -22.51
N HIS E 133 -31.69 -19.49 -21.97
CA HIS E 133 -31.75 -18.59 -20.83
C HIS E 133 -31.49 -17.14 -21.24
N GLY E 134 -31.33 -16.92 -22.54
CA GLY E 134 -31.12 -15.60 -23.11
C GLY E 134 -29.68 -15.30 -23.44
N ASN E 135 -29.43 -14.03 -23.80
CA ASN E 135 -28.13 -13.48 -24.17
C ASN E 135 -28.08 -12.04 -23.63
N MET E 136 -27.08 -11.70 -22.81
CA MET E 136 -27.01 -10.37 -22.21
C MET E 136 -26.60 -9.25 -23.20
N PHE E 137 -26.25 -9.59 -24.45
CA PHE E 137 -25.93 -8.62 -25.50
C PHE E 137 -27.14 -8.43 -26.42
N VAL E 138 -28.15 -9.31 -26.31
CA VAL E 138 -29.35 -9.32 -27.16
C VAL E 138 -30.59 -8.75 -26.44
N GLU E 139 -31.18 -7.69 -27.04
CA GLU E 139 -32.42 -7.08 -26.57
C GLU E 139 -33.50 -7.30 -27.63
N GLU E 140 -34.72 -7.60 -27.18
CA GLU E 140 -35.87 -7.90 -28.03
C GLU E 140 -36.99 -6.86 -27.90
N CYS E 141 -37.65 -6.55 -29.03
CA CYS E 141 -38.79 -5.63 -29.08
C CYS E 141 -40.03 -6.36 -28.57
N ALA E 142 -40.78 -5.75 -27.65
CA ALA E 142 -41.99 -6.34 -27.07
C ALA E 142 -43.17 -6.40 -28.06
N LYS E 143 -43.13 -5.58 -29.14
CA LYS E 143 -44.21 -5.50 -30.15
C LYS E 143 -43.99 -6.40 -31.38
N CYS E 144 -42.84 -6.27 -32.08
CA CYS E 144 -42.58 -7.05 -33.31
C CYS E 144 -41.62 -8.25 -33.11
N LYS E 145 -41.05 -8.43 -31.89
CA LYS E 145 -40.13 -9.51 -31.50
C LYS E 145 -38.75 -9.48 -32.23
N THR E 146 -38.42 -8.36 -32.92
CA THR E 146 -37.14 -8.18 -33.63
C THR E 146 -36.01 -8.06 -32.60
N GLN E 147 -34.98 -8.90 -32.74
CA GLN E 147 -33.83 -8.94 -31.83
C GLN E 147 -32.66 -8.06 -32.31
N TYR E 148 -31.96 -7.44 -31.35
CA TYR E 148 -30.82 -6.56 -31.61
C TYR E 148 -29.59 -7.09 -30.86
N VAL E 149 -28.55 -7.50 -31.62
CA VAL E 149 -27.29 -8.01 -31.04
C VAL E 149 -26.36 -6.82 -30.85
N ARG E 150 -26.19 -6.38 -29.58
CA ARG E 150 -25.34 -5.23 -29.23
C ARG E 150 -23.89 -5.64 -28.95
N ASP E 151 -22.95 -4.69 -29.15
CA ASP E 151 -21.52 -4.87 -28.92
C ASP E 151 -21.18 -4.81 -27.42
N THR E 152 -22.10 -4.27 -26.61
CA THR E 152 -21.98 -4.13 -25.16
C THR E 152 -23.17 -4.83 -24.48
N VAL E 153 -23.00 -5.20 -23.19
CA VAL E 153 -24.06 -5.88 -22.43
C VAL E 153 -25.27 -4.96 -22.20
N VAL E 154 -26.48 -5.54 -22.31
CA VAL E 154 -27.75 -4.86 -22.07
C VAL E 154 -27.85 -4.69 -20.54
N GLY E 155 -28.04 -3.45 -20.10
CA GLY E 155 -28.07 -3.05 -18.69
C GLY E 155 -29.11 -3.68 -17.78
N THR E 156 -30.18 -4.28 -18.34
CA THR E 156 -31.25 -4.88 -17.53
C THR E 156 -31.25 -6.42 -17.61
N MET E 157 -31.90 -7.06 -16.62
CA MET E 157 -32.06 -8.52 -16.49
C MET E 157 -33.49 -8.81 -15.98
N GLY E 158 -34.11 -9.87 -16.48
CA GLY E 158 -35.47 -10.27 -16.11
C GLY E 158 -36.55 -9.81 -17.06
N LEU E 159 -36.21 -9.67 -18.38
CA LEU E 159 -37.08 -9.24 -19.49
C LEU E 159 -37.68 -7.82 -19.24
N LYS E 160 -36.86 -6.92 -18.65
CA LYS E 160 -37.23 -5.55 -18.31
C LYS E 160 -36.84 -4.55 -19.40
N ALA E 161 -37.56 -3.40 -19.47
CA ALA E 161 -37.32 -2.31 -20.43
C ALA E 161 -35.92 -1.71 -20.26
N THR E 162 -35.19 -1.58 -21.39
CA THR E 162 -33.81 -1.07 -21.43
C THR E 162 -33.74 0.46 -21.55
N GLY E 163 -34.76 1.05 -22.19
CA GLY E 163 -34.84 2.48 -22.43
C GLY E 163 -34.86 2.80 -23.92
N ARG E 164 -34.19 1.95 -24.72
CA ARG E 164 -34.11 2.08 -26.17
C ARG E 164 -35.40 1.59 -26.83
N LEU E 165 -35.74 2.16 -27.99
CA LEU E 165 -36.95 1.79 -28.74
C LEU E 165 -36.58 1.11 -30.07
N CYS E 166 -37.56 0.40 -30.68
CA CYS E 166 -37.37 -0.32 -31.95
C CYS E 166 -37.12 0.65 -33.11
N THR E 167 -36.29 0.24 -34.08
CA THR E 167 -35.91 1.07 -35.22
C THR E 167 -36.44 0.55 -36.57
N VAL E 168 -37.12 -0.63 -36.58
CA VAL E 168 -37.66 -1.22 -37.81
C VAL E 168 -38.88 -0.43 -38.31
N ALA E 169 -38.97 -0.22 -39.64
CA ALA E 169 -40.05 0.52 -40.29
C ALA E 169 -41.06 -0.44 -40.94
N ALA E 176 -43.05 3.43 -38.55
CA ALA E 176 -42.08 2.64 -37.79
C ALA E 176 -42.73 1.93 -36.59
N CYS E 177 -42.08 0.86 -36.07
CA CYS E 177 -42.57 0.08 -34.93
C CYS E 177 -42.49 0.88 -33.62
N ARG E 178 -41.26 1.38 -33.27
CA ARG E 178 -40.93 2.17 -32.07
C ARG E 178 -41.32 1.45 -30.74
N GLY E 179 -41.38 0.11 -30.78
CA GLY E 179 -41.70 -0.73 -29.64
C GLY E 179 -40.62 -0.75 -28.57
N GLU E 180 -41.00 -1.09 -27.32
CA GLU E 180 -40.11 -1.11 -26.16
C GLU E 180 -39.10 -2.27 -26.23
N LEU E 181 -37.80 -1.94 -26.21
CA LEU E 181 -36.76 -2.97 -26.24
C LEU E 181 -36.50 -3.47 -24.84
N ARG E 182 -36.62 -4.79 -24.65
CA ARG E 182 -36.43 -5.48 -23.37
C ARG E 182 -35.30 -6.49 -23.49
N ASP E 183 -34.62 -6.78 -22.36
CA ASP E 183 -33.54 -7.78 -22.31
C ASP E 183 -34.10 -9.19 -22.55
N THR E 184 -33.20 -10.16 -22.81
CA THR E 184 -33.61 -11.54 -23.08
C THR E 184 -33.26 -12.46 -21.90
N ILE E 185 -32.66 -11.90 -20.83
CA ILE E 185 -32.26 -12.64 -19.62
C ILE E 185 -33.49 -13.11 -18.85
N LEU E 186 -33.61 -14.43 -18.66
CA LEU E 186 -34.70 -15.05 -17.92
C LEU E 186 -34.41 -15.01 -16.42
N ASP E 187 -35.48 -14.84 -15.62
CA ASP E 187 -35.42 -14.86 -14.15
C ASP E 187 -35.80 -16.29 -13.71
N TRP E 188 -36.05 -16.51 -12.41
CA TRP E 188 -36.42 -17.82 -11.88
C TRP E 188 -37.88 -18.18 -12.17
N GLU E 189 -38.79 -17.18 -12.25
CA GLU E 189 -40.23 -17.40 -12.50
C GLU E 189 -40.60 -17.34 -14.00
N ASP E 190 -39.81 -16.61 -14.82
CA ASP E 190 -40.05 -16.45 -16.26
C ASP E 190 -39.98 -17.77 -17.04
N SER E 191 -40.81 -17.87 -18.09
CA SER E 191 -40.89 -19.03 -18.98
C SER E 191 -39.87 -18.91 -20.11
N LEU E 192 -39.35 -20.06 -20.59
CA LEU E 192 -38.36 -20.14 -21.66
C LEU E 192 -38.90 -19.62 -23.02
N PRO E 193 -38.05 -18.99 -23.88
CA PRO E 193 -38.55 -18.48 -25.18
C PRO E 193 -39.13 -19.57 -26.07
N ASP E 194 -40.37 -19.35 -26.56
CA ASP E 194 -41.13 -20.29 -27.37
C ASP E 194 -40.35 -20.82 -28.57
N ARG E 195 -39.79 -19.92 -29.43
CA ARG E 195 -39.02 -20.27 -30.62
C ARG E 195 -37.77 -21.09 -30.28
N ASP E 196 -36.95 -20.62 -29.31
CA ASP E 196 -35.71 -21.27 -28.89
C ASP E 196 -35.93 -22.64 -28.26
N LEU E 197 -36.96 -22.81 -27.40
CA LEU E 197 -37.29 -24.09 -26.75
C LEU E 197 -37.85 -25.10 -27.77
N ALA E 198 -38.75 -24.65 -28.68
CA ALA E 198 -39.35 -25.50 -29.72
C ALA E 198 -38.29 -26.04 -30.68
N LEU E 199 -37.31 -25.18 -31.11
CA LEU E 199 -36.22 -25.59 -31.99
C LEU E 199 -35.24 -26.51 -31.27
N ALA E 200 -34.96 -26.24 -29.97
CA ALA E 200 -34.08 -27.06 -29.13
C ALA E 200 -34.69 -28.46 -28.89
N ASP E 201 -36.02 -28.53 -28.67
CA ASP E 201 -36.75 -29.78 -28.45
C ASP E 201 -36.80 -30.62 -29.73
N GLU E 202 -37.10 -29.96 -30.89
CA GLU E 202 -37.17 -30.58 -32.22
C GLU E 202 -35.83 -31.21 -32.59
N ALA E 203 -34.72 -30.45 -32.43
CA ALA E 203 -33.36 -30.88 -32.73
C ALA E 203 -32.92 -32.07 -31.88
N SER E 204 -33.17 -32.02 -30.55
CA SER E 204 -32.81 -33.08 -29.60
C SER E 204 -33.58 -34.39 -29.87
N ARG E 205 -34.90 -34.30 -30.19
CA ARG E 205 -35.75 -35.45 -30.47
C ARG E 205 -35.35 -36.17 -31.78
N ASN E 206 -35.00 -35.40 -32.82
CA ASN E 206 -34.59 -35.92 -34.14
C ASN E 206 -33.10 -36.32 -34.20
N ALA E 207 -32.32 -36.02 -33.14
CA ALA E 207 -30.89 -36.34 -33.09
C ALA E 207 -30.62 -37.79 -32.78
N ASP E 208 -29.55 -38.36 -33.38
CA ASP E 208 -29.12 -39.73 -33.10
C ASP E 208 -27.89 -39.67 -32.16
N LEU E 209 -27.44 -38.43 -31.85
CA LEU E 209 -26.32 -38.15 -30.94
C LEU E 209 -26.45 -36.77 -30.30
N SER E 210 -26.47 -36.77 -28.98
CA SER E 210 -26.55 -35.60 -28.13
C SER E 210 -25.27 -35.55 -27.28
N ILE E 211 -24.52 -34.43 -27.37
CA ILE E 211 -23.29 -34.24 -26.60
C ILE E 211 -23.46 -33.04 -25.66
N THR E 212 -23.31 -33.26 -24.34
CA THR E 212 -23.41 -32.19 -23.35
C THR E 212 -21.99 -31.75 -22.96
N LEU E 213 -21.74 -30.42 -22.97
CA LEU E 213 -20.44 -29.86 -22.65
C LEU E 213 -20.54 -28.82 -21.53
N GLY E 214 -19.83 -29.07 -20.44
CA GLY E 214 -19.77 -28.16 -19.29
C GLY E 214 -21.09 -27.76 -18.65
N THR E 215 -22.07 -28.68 -18.59
CA THR E 215 -23.38 -28.43 -17.95
C THR E 215 -23.67 -29.51 -16.92
N SER E 216 -24.16 -29.11 -15.73
CA SER E 216 -24.52 -30.02 -14.63
C SER E 216 -25.87 -30.71 -14.90
N LEU E 217 -26.67 -30.16 -15.86
CA LEU E 217 -27.99 -30.65 -16.30
C LEU E 217 -29.04 -30.70 -15.16
N GLN E 218 -28.91 -29.77 -14.18
CA GLN E 218 -29.81 -29.70 -13.00
C GLN E 218 -31.06 -28.83 -13.22
N ILE E 219 -30.99 -27.87 -14.17
CA ILE E 219 -32.09 -26.96 -14.46
C ILE E 219 -32.98 -27.49 -15.58
N ARG E 220 -34.29 -27.65 -15.30
CA ARG E 220 -35.28 -28.13 -16.26
C ARG E 220 -35.99 -26.93 -16.95
N PRO E 221 -36.47 -27.06 -18.24
CA PRO E 221 -36.45 -28.25 -19.11
C PRO E 221 -35.12 -28.43 -19.87
N SER E 222 -34.19 -27.46 -19.73
CA SER E 222 -32.87 -27.44 -20.39
C SER E 222 -32.04 -28.71 -20.17
N GLY E 223 -31.97 -29.17 -18.91
CA GLY E 223 -31.24 -30.37 -18.51
C GLY E 223 -31.84 -31.67 -19.00
N ASN E 224 -33.15 -31.65 -19.31
CA ASN E 224 -33.91 -32.82 -19.78
C ASN E 224 -33.89 -32.99 -21.31
N LEU E 225 -33.52 -31.92 -22.06
CA LEU E 225 -33.46 -31.93 -23.53
C LEU E 225 -32.50 -33.03 -24.09
N PRO E 226 -31.28 -33.27 -23.51
CA PRO E 226 -30.44 -34.36 -24.05
C PRO E 226 -31.03 -35.76 -23.86
N LEU E 227 -32.02 -35.92 -22.93
CA LEU E 227 -32.71 -37.19 -22.67
C LEU E 227 -33.73 -37.53 -23.75
N ALA E 228 -34.30 -36.48 -24.42
CA ALA E 228 -35.27 -36.62 -25.51
C ALA E 228 -34.66 -37.37 -26.69
N THR E 229 -33.31 -37.40 -26.77
CA THR E 229 -32.52 -38.10 -27.77
C THR E 229 -32.47 -39.59 -27.38
N LYS E 230 -32.07 -39.88 -26.11
CA LYS E 230 -31.93 -41.23 -25.55
C LYS E 230 -33.23 -42.05 -25.58
N ARG E 231 -34.36 -41.50 -25.10
CA ARG E 231 -35.63 -42.24 -25.08
C ARG E 231 -36.17 -42.51 -26.51
N ARG E 232 -35.83 -41.62 -27.48
CA ARG E 232 -36.22 -41.74 -28.88
C ARG E 232 -35.24 -42.61 -29.72
N GLY E 233 -34.21 -43.17 -29.05
CA GLY E 233 -33.26 -44.08 -29.70
C GLY E 233 -31.81 -43.66 -29.83
N GLY E 234 -31.55 -42.34 -29.81
CA GLY E 234 -30.22 -41.76 -29.98
C GLY E 234 -29.24 -42.00 -28.85
N ARG E 235 -27.94 -41.74 -29.10
CA ARG E 235 -26.86 -41.88 -28.12
C ARG E 235 -26.67 -40.58 -27.33
N LEU E 236 -26.20 -40.69 -26.08
CA LEU E 236 -25.94 -39.55 -25.21
C LEU E 236 -24.50 -39.57 -24.68
N VAL E 237 -23.78 -38.45 -24.87
CA VAL E 237 -22.40 -38.25 -24.40
C VAL E 237 -22.38 -37.06 -23.43
N ILE E 238 -21.86 -37.26 -22.22
CA ILE E 238 -21.76 -36.20 -21.22
C ILE E 238 -20.28 -35.90 -20.93
N VAL E 239 -19.87 -34.65 -21.14
CA VAL E 239 -18.51 -34.15 -20.87
C VAL E 239 -18.62 -33.11 -19.75
N ASN E 240 -18.15 -33.47 -18.54
CA ASN E 240 -18.22 -32.61 -17.35
C ASN E 240 -17.21 -33.04 -16.30
N LEU E 241 -16.66 -32.08 -15.54
CA LEU E 241 -15.71 -32.36 -14.46
C LEU E 241 -16.45 -32.97 -13.24
N GLN E 242 -17.59 -32.36 -12.86
CA GLN E 242 -18.45 -32.79 -11.74
C GLN E 242 -19.50 -33.81 -12.24
N PRO E 243 -20.16 -34.58 -11.32
CA PRO E 243 -21.23 -35.49 -11.78
C PRO E 243 -22.47 -34.70 -12.24
N THR E 244 -23.26 -35.27 -13.17
CA THR E 244 -24.47 -34.62 -13.67
C THR E 244 -25.72 -35.37 -13.21
N LYS E 245 -26.90 -34.73 -13.35
CA LYS E 245 -28.21 -35.29 -12.98
C LYS E 245 -28.56 -36.57 -13.75
N HIS E 246 -28.18 -36.64 -15.05
CA HIS E 246 -28.50 -37.76 -15.93
C HIS E 246 -27.26 -38.60 -16.34
N ASP E 247 -26.30 -38.76 -15.39
CA ASP E 247 -25.07 -39.55 -15.58
C ASP E 247 -25.34 -41.01 -15.95
N ARG E 248 -26.36 -41.62 -15.31
CA ARG E 248 -26.75 -43.02 -15.51
C ARG E 248 -27.30 -43.32 -16.92
N HIS E 249 -27.87 -42.31 -17.61
CA HIS E 249 -28.43 -42.47 -18.96
C HIS E 249 -27.40 -42.25 -20.10
N ALA E 250 -26.17 -41.80 -19.77
CA ALA E 250 -25.14 -41.54 -20.78
C ALA E 250 -24.48 -42.82 -21.29
N ASP E 251 -24.27 -42.89 -22.63
CA ASP E 251 -23.61 -44.00 -23.31
C ASP E 251 -22.09 -43.87 -23.15
N LEU E 252 -21.61 -42.62 -23.00
CA LEU E 252 -20.21 -42.25 -22.81
C LEU E 252 -20.14 -41.07 -21.84
N ARG E 253 -19.35 -41.22 -20.77
CA ARG E 253 -19.15 -40.17 -19.78
C ARG E 253 -17.68 -39.79 -19.74
N ILE E 254 -17.38 -38.52 -20.05
CA ILE E 254 -15.99 -38.02 -20.08
C ILE E 254 -15.78 -37.00 -18.95
N HIS E 255 -14.80 -37.28 -18.08
CA HIS E 255 -14.47 -36.44 -16.93
C HIS E 255 -13.12 -35.75 -17.14
N GLY E 256 -13.19 -34.54 -17.67
CA GLY E 256 -12.03 -33.70 -17.97
C GLY E 256 -12.42 -32.30 -18.42
N TYR E 257 -11.40 -31.47 -18.70
CA TYR E 257 -11.60 -30.10 -19.17
C TYR E 257 -12.11 -30.14 -20.60
N VAL E 258 -13.22 -29.41 -20.88
CA VAL E 258 -13.87 -29.38 -22.20
C VAL E 258 -12.91 -28.95 -23.32
N ASP E 259 -11.97 -28.01 -23.04
CA ASP E 259 -11.00 -27.54 -24.03
C ASP E 259 -10.04 -28.67 -24.43
N GLU E 260 -9.58 -29.49 -23.45
CA GLU E 260 -8.68 -30.62 -23.72
C GLU E 260 -9.39 -31.72 -24.52
N VAL E 261 -10.67 -31.99 -24.19
CA VAL E 261 -11.53 -32.98 -24.84
C VAL E 261 -11.81 -32.57 -26.30
N MET E 262 -12.21 -31.29 -26.52
CA MET E 262 -12.53 -30.77 -27.84
C MET E 262 -11.29 -30.63 -28.73
N THR E 263 -10.11 -30.26 -28.15
CA THR E 263 -8.85 -30.15 -28.91
C THR E 263 -8.45 -31.55 -29.43
N ARG E 264 -8.54 -32.58 -28.57
CA ARG E 264 -8.25 -33.97 -28.93
C ARG E 264 -9.27 -34.49 -29.95
N LEU E 265 -10.54 -34.05 -29.84
CA LEU E 265 -11.62 -34.45 -30.76
C LEU E 265 -11.36 -33.92 -32.19
N MET E 266 -11.04 -32.62 -32.31
CA MET E 266 -10.77 -31.96 -33.60
C MET E 266 -9.57 -32.59 -34.29
N GLU E 267 -8.55 -33.02 -33.50
CA GLU E 267 -7.35 -33.69 -34.01
C GLU E 267 -7.71 -35.05 -34.61
N HIS E 268 -8.61 -35.81 -33.95
CA HIS E 268 -9.04 -37.12 -34.44
C HIS E 268 -9.90 -36.97 -35.71
N LEU E 269 -10.74 -35.91 -35.78
CA LEU E 269 -11.60 -35.62 -36.94
C LEU E 269 -10.82 -35.00 -38.12
N GLY E 270 -9.56 -34.62 -37.87
CA GLY E 270 -8.68 -33.99 -38.86
C GLY E 270 -9.06 -32.55 -39.15
N LEU E 271 -9.67 -31.88 -38.17
CA LEU E 271 -10.12 -30.49 -38.28
C LEU E 271 -9.28 -29.56 -37.44
N GLU E 272 -9.07 -28.33 -37.95
CA GLU E 272 -8.31 -27.31 -37.25
C GLU E 272 -9.29 -26.36 -36.55
N ILE E 273 -8.92 -25.87 -35.36
CA ILE E 273 -9.76 -24.92 -34.61
C ILE E 273 -9.53 -23.53 -35.24
N PRO E 274 -10.58 -22.89 -35.81
CA PRO E 274 -10.39 -21.59 -36.48
C PRO E 274 -10.06 -20.44 -35.55
N ALA E 275 -9.39 -19.42 -36.10
CA ALA E 275 -9.00 -18.21 -35.40
C ALA E 275 -10.20 -17.31 -35.18
N TRP E 276 -10.19 -16.57 -34.06
CA TRP E 276 -11.24 -15.62 -33.72
C TRP E 276 -10.67 -14.21 -33.93
N ASP E 277 -11.24 -13.47 -34.92
CA ASP E 277 -10.79 -12.11 -35.26
C ASP E 277 -11.75 -11.04 -34.69
N GLY E 278 -12.14 -11.21 -33.44
CA GLY E 278 -13.02 -10.28 -32.75
C GLY E 278 -14.50 -10.63 -32.86
N PRO E 279 -15.38 -9.89 -32.12
CA PRO E 279 -16.83 -10.22 -32.15
C PRO E 279 -17.47 -10.04 -33.52
N ARG E 280 -18.13 -11.10 -34.03
CA ARG E 280 -18.82 -11.12 -35.32
C ARG E 280 -20.14 -11.90 -35.22
N VAL E 281 -21.22 -11.35 -35.80
CA VAL E 281 -22.56 -11.94 -35.78
C VAL E 281 -22.90 -12.55 -37.15
N LEU E 282 -23.26 -13.85 -37.16
CA LEU E 282 -23.69 -14.58 -38.34
C LEU E 282 -25.14 -15.04 -38.09
N GLU E 283 -26.08 -14.47 -38.86
CA GLU E 283 -27.50 -14.77 -38.71
C GLU E 283 -27.87 -16.15 -39.23
N ARG E 284 -27.40 -16.50 -40.45
CA ARG E 284 -27.76 -17.77 -41.09
C ARG E 284 -26.56 -18.62 -41.46
N ALA E 285 -26.73 -19.95 -41.32
CA ALA E 285 -25.72 -20.95 -41.64
C ALA E 285 -25.52 -21.04 -43.15
N LEU E 286 -24.27 -21.22 -43.56
CA LEU E 286 -23.88 -21.35 -44.97
C LEU E 286 -23.86 -22.86 -45.32
N PRO E 287 -23.85 -23.28 -46.63
CA PRO E 287 -23.76 -24.72 -46.94
C PRO E 287 -22.46 -25.33 -46.37
N PRO E 288 -22.44 -26.63 -45.99
CA PRO E 288 -21.22 -27.18 -45.37
C PRO E 288 -19.94 -27.07 -46.21
N LEU E 289 -18.84 -26.69 -45.54
CA LEU E 289 -17.51 -26.56 -46.13
C LEU E 289 -16.91 -27.97 -46.30
N PRO E 290 -15.87 -28.18 -47.16
CA PRO E 290 -15.30 -29.53 -47.29
C PRO E 290 -14.72 -30.08 -45.98
N ARG E 291 -14.92 -31.38 -45.73
CA ARG E 291 -14.44 -32.04 -44.52
C ARG E 291 -13.63 -33.30 -44.87
N PRO E 292 -12.68 -33.76 -44.01
CA PRO E 292 -11.90 -34.97 -44.36
C PRO E 292 -12.77 -36.23 -44.49
N PRO E 293 -12.42 -37.19 -45.39
CA PRO E 293 -13.23 -38.42 -45.51
C PRO E 293 -13.26 -39.25 -44.22
N THR E 294 -14.39 -39.95 -43.97
CA THR E 294 -14.68 -40.72 -42.76
C THR E 294 -13.82 -42.02 -42.67
N PRO E 295 -13.22 -42.35 -41.49
CA PRO E 295 -12.46 -43.60 -41.39
C PRO E 295 -13.35 -44.85 -41.45
N LYS E 296 -12.76 -46.00 -41.77
CA LYS E 296 -13.45 -47.29 -41.88
C LYS E 296 -13.73 -47.87 -40.50
N ALA F 13 0.45 55.61 7.86
CA ALA F 13 0.14 56.61 8.88
C ALA F 13 0.36 56.09 10.30
N ASP F 14 -0.18 54.89 10.62
CA ASP F 14 -0.08 54.27 11.94
C ASP F 14 1.08 53.27 12.02
N LYS F 15 2.12 53.63 12.80
CA LYS F 15 3.32 52.81 13.00
C LYS F 15 3.09 51.75 14.08
N GLY F 16 2.62 52.17 15.26
CA GLY F 16 2.38 51.28 16.39
C GLY F 16 3.10 51.71 17.66
N LYS F 17 3.41 50.73 18.54
CA LYS F 17 4.11 51.00 19.80
C LYS F 17 5.61 51.18 19.55
N CYS F 18 6.13 52.40 19.77
CA CYS F 18 7.53 52.77 19.54
C CYS F 18 8.30 53.03 20.83
N GLY F 19 9.61 52.75 20.79
CA GLY F 19 10.57 52.96 21.87
C GLY F 19 10.29 52.25 23.17
N LEU F 20 9.75 51.01 23.11
CA LEU F 20 9.45 50.19 24.28
C LEU F 20 10.74 49.82 25.02
N PRO F 21 10.74 49.65 26.38
CA PRO F 21 12.00 49.31 27.07
C PRO F 21 12.57 47.97 26.64
N GLU F 22 13.90 47.89 26.56
CA GLU F 22 14.60 46.69 26.14
C GLU F 22 14.80 45.74 27.32
N ILE F 23 14.62 44.43 27.06
CA ILE F 23 14.81 43.38 28.07
C ILE F 23 16.06 42.57 27.68
N PHE F 24 16.90 42.25 28.68
CA PHE F 24 18.13 41.51 28.49
C PHE F 24 18.17 40.28 29.41
N ASP F 25 18.37 39.09 28.82
CA ASP F 25 18.46 37.85 29.59
C ASP F 25 19.86 37.76 30.21
N PRO F 26 20.00 37.37 31.52
CA PRO F 26 21.35 37.23 32.11
C PRO F 26 22.15 36.09 31.45
N PRO F 27 23.52 36.09 31.54
CA PRO F 27 24.31 35.02 30.86
C PRO F 27 23.85 33.58 31.13
N GLU F 28 23.40 33.27 32.36
CA GLU F 28 22.94 31.93 32.74
C GLU F 28 21.61 31.55 32.06
N GLU F 29 20.62 32.48 32.04
CA GLU F 29 19.29 32.29 31.44
C GLU F 29 19.38 32.25 29.90
N LEU F 30 20.31 33.04 29.34
CA LEU F 30 20.54 33.14 27.89
C LEU F 30 21.13 31.84 27.34
N GLU F 31 22.16 31.27 28.03
CA GLU F 31 22.85 30.03 27.63
C GLU F 31 21.91 28.84 27.58
N ARG F 32 21.01 28.70 28.58
CA ARG F 32 20.02 27.63 28.68
C ARG F 32 18.97 27.73 27.56
N LYS F 33 18.57 28.97 27.21
CA LYS F 33 17.59 29.24 26.13
C LYS F 33 18.15 28.92 24.73
N VAL F 34 19.45 29.18 24.48
CA VAL F 34 20.10 28.88 23.20
C VAL F 34 20.21 27.34 23.05
N TRP F 35 20.46 26.62 24.17
CA TRP F 35 20.51 25.15 24.21
C TRP F 35 19.12 24.57 23.92
N GLU F 36 18.05 25.23 24.44
CA GLU F 36 16.66 24.85 24.22
C GLU F 36 16.28 25.09 22.75
N LEU F 37 16.81 26.21 22.15
CA LEU F 37 16.61 26.56 20.73
C LEU F 37 17.29 25.54 19.84
N ALA F 38 18.53 25.12 20.20
CA ALA F 38 19.31 24.10 19.46
C ALA F 38 18.55 22.77 19.40
N ARG F 39 17.93 22.37 20.55
CA ARG F 39 17.13 21.15 20.70
C ARG F 39 15.93 21.20 19.75
N LEU F 40 15.26 22.36 19.67
CA LEU F 40 14.10 22.60 18.81
C LEU F 40 14.46 22.51 17.33
N VAL F 41 15.67 23.02 16.94
CA VAL F 41 16.19 22.99 15.56
C VAL F 41 16.48 21.52 15.15
N TRP F 42 17.19 20.75 16.02
CA TRP F 42 17.56 19.34 15.79
C TRP F 42 16.34 18.41 15.61
N GLN F 43 15.25 18.69 16.37
CA GLN F 43 14.03 17.88 16.38
C GLN F 43 13.01 18.24 15.29
N SER F 44 13.12 19.43 14.69
CA SER F 44 12.17 19.92 13.69
C SER F 44 12.55 19.54 12.26
N SER F 45 11.53 19.21 11.44
CA SER F 45 11.65 18.84 10.03
C SER F 45 11.62 20.07 9.10
N SER F 46 10.69 21.01 9.36
CA SER F 46 10.51 22.23 8.58
C SER F 46 10.73 23.48 9.44
N VAL F 47 11.95 24.07 9.37
CA VAL F 47 12.31 25.26 10.14
C VAL F 47 12.18 26.51 9.25
N VAL F 48 11.33 27.48 9.70
CA VAL F 48 11.10 28.74 8.99
C VAL F 48 11.56 29.91 9.86
N PHE F 49 12.45 30.74 9.31
CA PHE F 49 12.95 31.92 9.99
C PHE F 49 12.22 33.16 9.52
N HIS F 50 11.87 34.03 10.47
CA HIS F 50 11.16 35.30 10.25
C HIS F 50 12.10 36.41 10.74
N THR F 51 12.54 37.31 9.83
CA THR F 51 13.47 38.37 10.24
C THR F 51 12.91 39.78 9.95
N GLY F 52 13.31 40.71 10.79
CA GLY F 52 12.96 42.11 10.71
C GLY F 52 14.18 43.01 10.71
N ALA F 53 13.97 44.31 10.99
CA ALA F 53 15.03 45.33 10.97
C ALA F 53 16.11 45.16 12.08
N GLY F 54 15.82 44.35 13.10
CA GLY F 54 16.72 44.08 14.22
C GLY F 54 17.98 43.30 13.90
N ILE F 55 17.95 42.49 12.85
CA ILE F 55 19.09 41.67 12.40
C ILE F 55 20.09 42.53 11.58
N SER F 56 19.66 43.75 11.21
CA SER F 56 20.41 44.69 10.41
C SER F 56 20.85 45.94 11.20
N THR F 57 20.64 45.96 12.54
CA THR F 57 21.07 47.06 13.41
C THR F 57 22.60 47.00 13.63
N ALA F 58 23.17 45.79 13.78
CA ALA F 58 24.61 45.56 13.98
C ALA F 58 25.45 45.88 12.73
N SER F 59 24.79 46.20 11.60
CA SER F 59 25.46 46.57 10.34
C SER F 59 25.47 48.10 10.09
N GLY F 60 24.77 48.86 10.94
CA GLY F 60 24.69 50.30 10.84
C GLY F 60 23.35 50.84 10.39
N ILE F 61 22.40 49.93 10.03
CA ILE F 61 21.05 50.29 9.57
C ILE F 61 20.10 50.30 10.79
N PRO F 62 19.49 51.47 11.14
CA PRO F 62 18.60 51.50 12.31
C PRO F 62 17.28 50.78 12.08
N ASP F 63 16.65 50.28 13.16
CA ASP F 63 15.36 49.63 13.06
C ASP F 63 14.24 50.71 13.00
N PHE F 64 12.97 50.34 13.20
CA PHE F 64 11.87 51.29 13.12
C PHE F 64 11.30 51.69 14.48
N ARG F 65 11.15 50.71 15.40
CA ARG F 65 10.50 50.94 16.71
C ARG F 65 11.43 50.72 17.93
N GLY F 66 12.73 50.53 17.69
CA GLY F 66 13.73 50.37 18.74
C GLY F 66 14.02 51.67 19.47
N PRO F 67 14.81 51.66 20.58
CA PRO F 67 15.08 52.93 21.31
C PRO F 67 15.53 54.10 20.43
N HIS F 68 16.32 53.82 19.36
CA HIS F 68 16.81 54.83 18.42
C HIS F 68 16.30 54.55 16.98
N GLY F 69 15.13 53.91 16.89
CA GLY F 69 14.48 53.55 15.63
C GLY F 69 13.99 54.73 14.82
N VAL F 70 13.68 54.51 13.51
CA VAL F 70 13.20 55.53 12.56
C VAL F 70 11.94 56.27 13.10
N TRP F 71 10.87 55.51 13.44
CA TRP F 71 9.63 56.10 13.96
C TRP F 71 9.81 56.67 15.38
N THR F 72 10.64 56.01 16.22
CA THR F 72 10.93 56.41 17.60
C THR F 72 11.63 57.78 17.64
N MET F 73 12.66 57.99 16.79
CA MET F 73 13.40 59.25 16.70
C MET F 73 12.50 60.36 16.13
N GLU F 74 11.61 60.02 15.17
CA GLU F 74 10.65 60.95 14.55
C GLU F 74 9.71 61.53 15.62
N GLU F 75 9.25 60.67 16.57
CA GLU F 75 8.39 61.01 17.71
C GLU F 75 9.12 61.98 18.67
N ARG F 76 10.47 61.84 18.75
CA ARG F 76 11.34 62.66 19.60
C ARG F 76 11.85 63.94 18.87
N GLY F 77 11.40 64.13 17.63
CA GLY F 77 11.79 65.27 16.80
C GLY F 77 13.22 65.20 16.31
N LEU F 78 13.74 63.97 16.16
CA LEU F 78 15.10 63.71 15.69
C LEU F 78 15.06 62.83 14.45
N ALA F 79 16.20 62.71 13.77
CA ALA F 79 16.32 61.90 12.55
C ALA F 79 17.04 60.57 12.85
N PRO F 80 16.69 59.44 12.17
CA PRO F 80 17.43 58.18 12.43
C PRO F 80 18.86 58.28 11.89
N LYS F 81 19.80 57.58 12.55
CA LYS F 81 21.20 57.61 12.16
C LYS F 81 21.60 56.33 11.44
N PHE F 82 22.20 56.50 10.25
CA PHE F 82 22.73 55.43 9.42
C PHE F 82 24.26 55.51 9.53
N ASP F 83 24.89 54.40 9.92
CA ASP F 83 26.35 54.32 10.08
C ASP F 83 26.98 53.68 8.84
N THR F 84 26.15 53.57 7.77
CA THR F 84 26.49 53.00 6.47
C THR F 84 25.43 53.38 5.42
N THR F 85 25.78 53.21 4.13
CA THR F 85 24.85 53.33 3.01
C THR F 85 24.37 51.89 2.81
N PHE F 86 23.23 51.68 2.12
CA PHE F 86 22.75 50.33 1.86
C PHE F 86 23.74 49.52 0.99
N GLU F 87 24.50 50.21 0.11
CA GLU F 87 25.51 49.62 -0.78
C GLU F 87 26.78 49.20 -0.04
N SER F 88 27.22 50.00 0.96
CA SER F 88 28.44 49.69 1.73
C SER F 88 28.14 48.81 2.97
N ALA F 89 26.85 48.53 3.25
CA ALA F 89 26.45 47.71 4.39
C ALA F 89 26.86 46.26 4.18
N ARG F 90 27.46 45.64 5.19
CA ARG F 90 27.86 44.25 5.09
C ARG F 90 26.91 43.35 5.90
N PRO F 91 26.51 42.17 5.37
CA PRO F 91 25.62 41.27 6.14
C PRO F 91 26.24 40.92 7.49
N THR F 92 25.41 40.88 8.56
CA THR F 92 25.83 40.57 9.92
C THR F 92 26.18 39.08 10.10
N GLN F 93 26.60 38.70 11.33
CA GLN F 93 26.87 37.31 11.72
C GLN F 93 25.57 36.50 11.60
N THR F 94 24.41 37.12 11.92
CA THR F 94 23.07 36.52 11.83
C THR F 94 22.73 36.23 10.35
N HIS F 95 22.94 37.21 9.43
CA HIS F 95 22.67 37.02 7.98
C HIS F 95 23.49 35.82 7.45
N MET F 96 24.79 35.74 7.81
CA MET F 96 25.69 34.68 7.37
C MET F 96 25.40 33.35 8.04
N ALA F 97 24.84 33.39 9.28
CA ALA F 97 24.44 32.19 10.05
C ALA F 97 23.26 31.52 9.34
N LEU F 98 22.32 32.34 8.80
CA LEU F 98 21.13 31.92 8.05
C LEU F 98 21.52 31.32 6.70
N VAL F 99 22.61 31.83 6.08
CA VAL F 99 23.16 31.32 4.81
C VAL F 99 23.61 29.86 5.04
N GLN F 100 24.42 29.62 6.10
CA GLN F 100 24.94 28.31 6.49
C GLN F 100 23.83 27.33 6.88
N LEU F 101 22.82 27.81 7.65
CA LEU F 101 21.71 26.97 8.11
C LEU F 101 20.93 26.41 6.92
N GLU F 102 20.71 27.24 5.88
CA GLU F 102 20.05 26.83 4.64
C GLU F 102 20.94 25.82 3.89
N ARG F 103 22.26 26.10 3.79
CA ARG F 103 23.25 25.26 3.10
C ARG F 103 23.31 23.84 3.66
N VAL F 104 23.16 23.68 4.99
CA VAL F 104 23.21 22.36 5.64
C VAL F 104 21.80 21.71 5.78
N GLY F 105 20.77 22.37 5.24
CA GLY F 105 19.39 21.88 5.25
C GLY F 105 18.65 22.04 6.56
N LEU F 106 19.18 22.87 7.49
CA LEU F 106 18.55 23.12 8.80
C LEU F 106 17.57 24.31 8.75
N LEU F 107 17.47 24.97 7.57
CA LEU F 107 16.57 26.10 7.30
C LEU F 107 15.78 25.75 6.05
N ARG F 108 14.43 25.69 6.17
CA ARG F 108 13.56 25.36 5.05
C ARG F 108 13.21 26.60 4.22
N PHE F 109 12.81 27.70 4.91
CA PHE F 109 12.42 28.96 4.25
C PHE F 109 12.72 30.18 5.11
N LEU F 110 12.93 31.34 4.46
CA LEU F 110 13.24 32.60 5.13
C LEU F 110 12.28 33.68 4.69
N VAL F 111 11.56 34.25 5.68
CA VAL F 111 10.57 35.30 5.51
C VAL F 111 11.15 36.63 6.06
N SER F 112 11.42 37.61 5.18
CA SER F 112 11.97 38.87 5.69
C SER F 112 11.12 40.09 5.32
N GLN F 113 11.03 41.02 6.27
CA GLN F 113 10.32 42.28 6.17
C GLN F 113 11.29 43.41 5.73
N ASN F 114 12.60 43.08 5.66
CA ASN F 114 13.67 44.01 5.32
C ASN F 114 13.75 44.35 3.83
N VAL F 115 13.95 45.64 3.54
CA VAL F 115 14.11 46.20 2.19
C VAL F 115 15.60 46.46 1.88
N ASP F 116 16.48 46.38 2.91
CA ASP F 116 17.92 46.63 2.85
C ASP F 116 18.70 45.78 1.80
N GLY F 117 18.11 44.67 1.36
CA GLY F 117 18.71 43.76 0.38
C GLY F 117 19.93 43.00 0.87
N LEU F 118 20.10 42.86 2.20
CA LEU F 118 21.27 42.15 2.76
C LEU F 118 21.16 40.62 2.66
N HIS F 119 19.93 40.04 2.66
CA HIS F 119 19.75 38.58 2.53
C HIS F 119 20.20 38.09 1.15
N VAL F 120 19.79 38.80 0.08
CA VAL F 120 20.17 38.50 -1.31
C VAL F 120 21.70 38.67 -1.48
N ARG F 121 22.25 39.80 -1.02
CA ARG F 121 23.67 40.15 -1.11
C ARG F 121 24.59 39.20 -0.33
N SER F 122 24.07 38.57 0.77
CA SER F 122 24.81 37.59 1.58
C SER F 122 25.03 36.24 0.84
N GLY F 123 24.27 36.04 -0.25
CA GLY F 123 24.33 34.82 -1.06
C GLY F 123 23.23 33.81 -0.74
N PHE F 124 22.20 34.24 0.04
CA PHE F 124 21.07 33.38 0.41
C PHE F 124 20.21 33.08 -0.84
N PRO F 125 19.81 31.80 -1.09
CA PRO F 125 19.02 31.50 -2.31
C PRO F 125 17.67 32.19 -2.34
N ARG F 126 17.41 32.92 -3.46
CA ARG F 126 16.20 33.69 -3.67
C ARG F 126 14.91 32.84 -3.74
N ASP F 127 15.04 31.54 -4.12
CA ASP F 127 13.91 30.60 -4.20
C ASP F 127 13.46 30.09 -2.81
N LYS F 128 14.26 30.34 -1.74
CA LYS F 128 13.93 29.99 -0.36
C LYS F 128 13.74 31.26 0.49
N LEU F 129 13.53 32.41 -0.18
CA LEU F 129 13.36 33.71 0.45
C LEU F 129 12.13 34.48 -0.06
N ALA F 130 11.37 35.08 0.88
CA ALA F 130 10.21 35.93 0.59
C ALA F 130 10.50 37.31 1.15
N GLU F 131 10.63 38.30 0.26
CA GLU F 131 10.90 39.68 0.62
C GLU F 131 9.55 40.41 0.54
N LEU F 132 8.79 40.33 1.64
CA LEU F 132 7.42 40.84 1.81
C LEU F 132 7.25 42.34 1.57
N HIS F 133 8.25 43.16 1.95
CA HIS F 133 8.13 44.60 1.78
C HIS F 133 8.98 45.12 0.58
N GLY F 134 9.59 44.18 -0.14
CA GLY F 134 10.43 44.45 -1.30
C GLY F 134 11.92 44.46 -1.03
N ASN F 135 12.71 44.90 -2.03
CA ASN F 135 14.17 44.99 -1.98
C ASN F 135 14.55 46.24 -2.77
N MET F 136 15.30 47.18 -2.14
CA MET F 136 15.65 48.44 -2.81
C MET F 136 16.72 48.29 -3.90
N PHE F 137 17.32 47.10 -4.06
CA PHE F 137 18.29 46.82 -5.12
C PHE F 137 17.61 46.09 -6.28
N VAL F 138 16.36 45.60 -6.07
CA VAL F 138 15.61 44.82 -7.06
C VAL F 138 14.50 45.65 -7.75
N GLU F 139 14.57 45.72 -9.09
CA GLU F 139 13.56 46.35 -9.94
C GLU F 139 12.91 45.28 -10.82
N GLU F 140 11.58 45.39 -11.00
CA GLU F 140 10.76 44.43 -11.74
C GLU F 140 10.15 45.04 -13.00
N CYS F 141 10.08 44.24 -14.10
CA CYS F 141 9.47 44.64 -15.36
C CYS F 141 7.95 44.54 -15.22
N ALA F 142 7.23 45.59 -15.61
CA ALA F 142 5.76 45.62 -15.51
C ALA F 142 5.06 44.69 -16.51
N LYS F 143 5.76 44.29 -17.61
CA LYS F 143 5.21 43.43 -18.66
C LYS F 143 5.50 41.93 -18.47
N CYS F 144 6.77 41.52 -18.31
CA CYS F 144 7.12 40.09 -18.19
C CYS F 144 7.42 39.64 -16.74
N LYS F 145 7.43 40.57 -15.76
CA LYS F 145 7.68 40.35 -14.32
C LYS F 145 9.12 39.88 -13.99
N THR F 146 10.07 39.97 -14.97
CA THR F 146 11.48 39.59 -14.78
C THR F 146 12.14 40.59 -13.82
N GLN F 147 12.77 40.08 -12.75
CA GLN F 147 13.43 40.88 -11.72
C GLN F 147 14.92 41.07 -12.01
N TYR F 148 15.45 42.27 -11.67
CA TYR F 148 16.84 42.65 -11.88
C TYR F 148 17.46 43.04 -10.54
N VAL F 149 18.46 42.27 -10.08
CA VAL F 149 19.17 42.56 -8.83
C VAL F 149 20.36 43.46 -9.15
N ARG F 150 20.25 44.75 -8.81
CA ARG F 150 21.27 45.76 -9.08
C ARG F 150 22.29 45.88 -7.97
N ASP F 151 23.52 46.33 -8.32
CA ASP F 151 24.62 46.53 -7.38
C ASP F 151 24.45 47.81 -6.55
N THR F 152 23.57 48.71 -7.02
CA THR F 152 23.24 49.98 -6.37
C THR F 152 21.73 50.05 -6.11
N VAL F 153 21.32 50.88 -5.14
CA VAL F 153 19.89 51.03 -4.78
C VAL F 153 19.10 51.66 -5.94
N VAL F 154 17.87 51.14 -6.16
CA VAL F 154 16.92 51.64 -7.16
C VAL F 154 16.40 52.99 -6.60
N GLY F 155 16.54 54.04 -7.40
CA GLY F 155 16.19 55.41 -7.04
C GLY F 155 14.75 55.73 -6.68
N THR F 156 13.79 54.85 -7.04
CA THR F 156 12.36 55.06 -6.77
C THR F 156 11.83 54.12 -5.68
N MET F 157 10.69 54.52 -5.06
CA MET F 157 9.98 53.79 -4.01
C MET F 157 8.47 53.93 -4.25
N GLY F 158 7.73 52.85 -4.02
CA GLY F 158 6.28 52.80 -4.21
C GLY F 158 5.82 52.19 -5.54
N LEU F 159 6.62 51.24 -6.09
CA LEU F 159 6.42 50.51 -7.38
C LEU F 159 6.34 51.48 -8.59
N LYS F 160 7.13 52.56 -8.55
CA LYS F 160 7.19 53.60 -9.59
C LYS F 160 8.26 53.31 -10.63
N ALA F 161 8.09 53.86 -11.86
CA ALA F 161 9.01 53.70 -13.00
C ALA F 161 10.40 54.29 -12.67
N THR F 162 11.45 53.51 -12.93
CA THR F 162 12.84 53.87 -12.65
C THR F 162 13.51 54.64 -13.80
N GLY F 163 13.07 54.37 -15.03
CA GLY F 163 13.60 54.98 -16.24
C GLY F 163 14.21 53.95 -17.17
N ARG F 164 14.76 52.87 -16.58
CA ARG F 164 15.38 51.76 -17.31
C ARG F 164 14.31 50.83 -17.91
N LEU F 165 14.64 50.17 -19.02
CA LEU F 165 13.74 49.26 -19.73
C LEU F 165 14.24 47.82 -19.66
N CYS F 166 13.34 46.83 -19.91
CA CYS F 166 13.66 45.39 -19.89
C CYS F 166 14.64 45.02 -21.01
N THR F 167 15.52 44.05 -20.73
CA THR F 167 16.55 43.60 -21.67
C THR F 167 16.34 42.16 -22.18
N VAL F 168 15.33 41.43 -21.64
CA VAL F 168 15.05 40.04 -22.05
C VAL F 168 14.43 39.97 -23.45
N ALA F 176 12.49 41.58 -28.48
CA ALA F 176 12.74 41.91 -27.08
C ALA F 176 11.50 42.45 -26.37
N CYS F 177 11.47 42.35 -25.02
CA CYS F 177 10.36 42.81 -24.18
C CYS F 177 10.30 44.34 -24.12
N ARG F 178 11.40 45.00 -23.70
CA ARG F 178 11.58 46.46 -23.56
C ARG F 178 10.53 47.11 -22.60
N GLY F 179 10.00 46.31 -21.68
CA GLY F 179 9.01 46.74 -20.69
C GLY F 179 9.57 47.68 -19.64
N GLU F 180 8.69 48.51 -19.04
CA GLU F 180 9.03 49.50 -18.04
C GLU F 180 9.48 48.84 -16.72
N LEU F 181 10.71 49.18 -16.24
CA LEU F 181 11.22 48.63 -14.98
C LEU F 181 10.79 49.51 -13.81
N ARG F 182 10.13 48.90 -12.81
CA ARG F 182 9.61 49.57 -11.61
C ARG F 182 10.25 48.98 -10.36
N ASP F 183 10.35 49.79 -9.28
CA ASP F 183 10.90 49.33 -7.99
C ASP F 183 9.98 48.28 -7.34
N THR F 184 10.48 47.59 -6.31
CA THR F 184 9.72 46.55 -5.59
C THR F 184 9.32 47.03 -4.17
N ILE F 185 9.68 48.26 -3.81
CA ILE F 185 9.39 48.87 -2.51
C ILE F 185 7.89 49.16 -2.38
N LEU F 186 7.29 48.62 -1.32
CA LEU F 186 5.88 48.81 -0.96
C LEU F 186 5.72 50.12 -0.18
N ASP F 187 4.48 50.66 -0.12
CA ASP F 187 4.17 51.89 0.60
C ASP F 187 3.09 51.63 1.68
N TRP F 188 2.78 52.66 2.52
CA TRP F 188 1.78 52.62 3.60
C TRP F 188 0.36 52.18 3.12
N GLU F 189 0.12 52.15 1.78
CA GLU F 189 -1.16 51.78 1.17
C GLU F 189 -1.08 50.55 0.24
N ASP F 190 0.07 50.33 -0.43
CA ASP F 190 0.26 49.22 -1.38
C ASP F 190 0.11 47.82 -0.74
N SER F 191 -0.36 46.85 -1.55
CA SER F 191 -0.57 45.46 -1.17
C SER F 191 0.72 44.65 -1.33
N LEU F 192 0.89 43.60 -0.51
CA LEU F 192 2.05 42.72 -0.49
C LEU F 192 2.19 41.90 -1.80
N PRO F 193 3.44 41.63 -2.31
CA PRO F 193 3.59 40.89 -3.56
C PRO F 193 3.01 39.49 -3.52
N ASP F 194 2.46 39.11 -4.69
CA ASP F 194 1.79 37.87 -5.07
C ASP F 194 2.53 36.61 -4.65
N ARG F 195 3.63 36.29 -5.36
CA ARG F 195 4.44 35.10 -5.14
C ARG F 195 5.08 35.05 -3.75
N ASP F 196 5.60 36.20 -3.26
CA ASP F 196 6.29 36.27 -1.98
C ASP F 196 5.38 35.93 -0.79
N LEU F 197 4.19 36.55 -0.70
CA LEU F 197 3.23 36.33 0.39
C LEU F 197 2.68 34.89 0.38
N ALA F 198 2.34 34.35 -0.81
CA ALA F 198 1.82 32.99 -0.96
C ALA F 198 2.85 31.95 -0.51
N LEU F 199 4.15 32.14 -0.88
CA LEU F 199 5.25 31.25 -0.49
C LEU F 199 5.55 31.37 1.02
N ALA F 200 5.47 32.61 1.56
CA ALA F 200 5.69 32.89 2.99
C ALA F 200 4.58 32.27 3.84
N ASP F 201 3.31 32.34 3.37
CA ASP F 201 2.14 31.76 4.06
C ASP F 201 2.20 30.23 4.04
N GLU F 202 2.55 29.63 2.87
CA GLU F 202 2.69 28.18 2.67
C GLU F 202 3.75 27.62 3.64
N ALA F 203 4.95 28.26 3.67
CA ALA F 203 6.08 27.85 4.52
C ALA F 203 5.73 27.93 6.01
N SER F 204 5.06 29.05 6.42
CA SER F 204 4.61 29.32 7.80
C SER F 204 3.58 28.28 8.31
N ARG F 205 2.60 27.90 7.46
CA ARG F 205 1.56 26.93 7.79
C ARG F 205 2.06 25.48 7.87
N ASN F 206 3.07 25.12 7.05
CA ASN F 206 3.65 23.76 6.99
C ASN F 206 4.90 23.56 7.90
N ALA F 207 5.37 24.62 8.58
CA ALA F 207 6.51 24.54 9.48
C ALA F 207 6.14 23.93 10.83
N ASP F 208 7.07 23.17 11.44
CA ASP F 208 6.89 22.62 12.78
C ASP F 208 7.69 23.48 13.78
N LEU F 209 8.44 24.49 13.24
CA LEU F 209 9.22 25.45 14.00
C LEU F 209 9.39 26.78 13.25
N SER F 210 8.95 27.89 13.90
CA SER F 210 9.07 29.26 13.38
C SER F 210 9.88 30.13 14.33
N ILE F 211 11.06 30.59 13.87
CA ILE F 211 11.96 31.41 14.68
C ILE F 211 11.93 32.84 14.16
N THR F 212 11.58 33.80 15.04
CA THR F 212 11.55 35.21 14.69
C THR F 212 12.83 35.87 15.19
N LEU F 213 13.51 36.65 14.32
CA LEU F 213 14.76 37.33 14.68
C LEU F 213 14.67 38.83 14.41
N GLY F 214 14.84 39.62 15.48
CA GLY F 214 14.86 41.09 15.43
C GLY F 214 13.66 41.75 14.78
N THR F 215 12.46 41.23 15.07
CA THR F 215 11.20 41.77 14.54
C THR F 215 10.22 41.99 15.69
N SER F 216 9.53 43.15 15.68
CA SER F 216 8.54 43.49 16.71
C SER F 216 7.19 42.79 16.47
N LEU F 217 6.99 42.25 15.24
CA LEU F 217 5.80 41.52 14.76
C LEU F 217 4.50 42.35 14.87
N GLN F 218 4.61 43.69 14.73
CA GLN F 218 3.48 44.63 14.83
C GLN F 218 2.76 44.89 13.49
N ILE F 219 3.46 44.67 12.35
CA ILE F 219 2.89 44.89 11.02
C ILE F 219 2.28 43.60 10.45
N ARG F 220 0.97 43.64 10.13
CA ARG F 220 0.22 42.51 9.57
C ARG F 220 0.23 42.60 8.01
N PRO F 221 0.19 41.48 7.24
CA PRO F 221 0.09 40.07 7.68
C PRO F 221 1.45 39.44 8.06
N SER F 222 2.56 40.18 7.84
CA SER F 222 3.94 39.76 8.12
C SER F 222 4.16 39.26 9.55
N GLY F 223 3.67 40.01 10.54
CA GLY F 223 3.78 39.68 11.96
C GLY F 223 2.95 38.48 12.39
N ASN F 224 1.90 38.13 11.62
CA ASN F 224 1.00 37.03 11.90
C ASN F 224 1.48 35.68 11.31
N LEU F 225 2.50 35.70 10.43
CA LEU F 225 3.04 34.49 9.80
C LEU F 225 3.68 33.49 10.82
N PRO F 226 4.45 33.93 11.87
CA PRO F 226 4.96 32.94 12.85
C PRO F 226 3.88 32.39 13.77
N LEU F 227 2.72 33.10 13.84
CA LEU F 227 1.56 32.67 14.65
C LEU F 227 0.92 31.44 14.01
N ALA F 228 0.87 31.41 12.65
CA ALA F 228 0.32 30.33 11.82
C ALA F 228 0.99 28.97 12.09
N THR F 229 2.27 28.98 12.51
CA THR F 229 3.04 27.79 12.86
C THR F 229 2.51 27.22 14.20
N LYS F 230 2.52 28.05 15.27
CA LYS F 230 2.05 27.69 16.62
C LYS F 230 0.57 27.29 16.59
N ARG F 231 -0.24 28.01 15.78
CA ARG F 231 -1.67 27.77 15.58
C ARG F 231 -1.96 26.34 15.09
N ARG F 232 -1.12 25.82 14.16
CA ARG F 232 -1.28 24.50 13.55
C ARG F 232 -0.63 23.34 14.37
N GLY F 233 -0.08 23.65 15.55
CA GLY F 233 0.56 22.67 16.42
C GLY F 233 2.07 22.74 16.46
N GLY F 234 2.65 23.59 15.62
CA GLY F 234 4.10 23.79 15.56
C GLY F 234 4.64 24.60 16.73
N ARG F 235 5.96 24.74 16.82
CA ARG F 235 6.59 25.52 17.90
C ARG F 235 6.96 26.93 17.41
N LEU F 236 6.96 27.90 18.34
CA LEU F 236 7.31 29.29 18.03
C LEU F 236 8.40 29.80 18.97
N VAL F 237 9.50 30.33 18.38
CA VAL F 237 10.63 30.91 19.12
C VAL F 237 10.78 32.39 18.72
N ILE F 238 10.78 33.29 19.71
CA ILE F 238 10.92 34.73 19.46
C ILE F 238 12.23 35.23 20.08
N VAL F 239 13.10 35.80 19.22
CA VAL F 239 14.37 36.40 19.62
C VAL F 239 14.27 37.91 19.32
N ASN F 240 14.16 38.75 20.37
CA ASN F 240 14.03 40.21 20.26
C ASN F 240 14.40 40.88 21.57
N LEU F 241 15.03 42.07 21.50
CA LEU F 241 15.42 42.85 22.68
C LEU F 241 14.18 43.44 23.37
N GLN F 242 13.27 44.03 22.57
CA GLN F 242 12.01 44.64 23.02
C GLN F 242 10.88 43.57 23.06
N PRO F 243 9.73 43.82 23.75
CA PRO F 243 8.63 42.85 23.70
C PRO F 243 7.95 42.85 22.32
N THR F 244 7.36 41.72 21.92
CA THR F 244 6.68 41.61 20.62
C THR F 244 5.16 41.44 20.81
N LYS F 245 4.39 41.62 19.72
CA LYS F 245 2.93 41.51 19.69
C LYS F 245 2.44 40.11 20.10
N HIS F 246 3.16 39.04 19.70
CA HIS F 246 2.77 37.65 19.96
C HIS F 246 3.69 36.93 20.97
N ASP F 247 4.17 37.66 22.00
CA ASP F 247 5.03 37.15 23.07
C ASP F 247 4.39 36.01 23.85
N ARG F 248 3.06 36.11 24.12
CA ARG F 248 2.28 35.13 24.88
C ARG F 248 2.15 33.77 24.17
N HIS F 249 2.24 33.74 22.82
CA HIS F 249 2.11 32.50 22.03
C HIS F 249 3.45 31.75 21.83
N ALA F 250 4.59 32.38 22.20
CA ALA F 250 5.92 31.78 22.02
C ALA F 250 6.22 30.66 23.03
N ASP F 251 6.80 29.55 22.54
CA ASP F 251 7.22 28.40 23.34
C ASP F 251 8.55 28.71 24.02
N LEU F 252 9.35 29.59 23.39
CA LEU F 252 10.66 30.03 23.87
C LEU F 252 10.84 31.51 23.50
N ARG F 253 11.14 32.34 24.51
CA ARG F 253 11.35 33.77 24.32
C ARG F 253 12.78 34.12 24.73
N ILE F 254 13.58 34.63 23.79
CA ILE F 254 14.98 34.98 24.04
C ILE F 254 15.16 36.50 23.92
N HIS F 255 15.63 37.14 25.02
CA HIS F 255 15.88 38.58 25.08
C HIS F 255 17.38 38.86 25.09
N GLY F 256 17.90 39.15 23.91
CA GLY F 256 19.31 39.44 23.68
C GLY F 256 19.59 39.86 22.25
N TYR F 257 20.87 40.18 21.96
CA TYR F 257 21.31 40.57 20.62
C TYR F 257 21.30 39.34 19.72
N VAL F 258 20.66 39.44 18.53
CA VAL F 258 20.52 38.35 17.57
C VAL F 258 21.87 37.74 17.16
N ASP F 259 22.93 38.57 17.02
CA ASP F 259 24.28 38.10 16.69
C ASP F 259 24.86 37.19 17.77
N GLU F 260 24.64 37.55 19.07
CA GLU F 260 25.12 36.74 20.20
C GLU F 260 24.37 35.41 20.28
N VAL F 261 23.05 35.44 20.05
CA VAL F 261 22.15 34.27 20.07
C VAL F 261 22.51 33.30 18.94
N MET F 262 22.68 33.83 17.70
CA MET F 262 23.01 33.03 16.52
C MET F 262 24.43 32.46 16.60
N THR F 263 25.40 33.21 17.14
CA THR F 263 26.80 32.74 17.31
C THR F 263 26.82 31.54 18.27
N ARG F 264 26.10 31.65 19.42
CA ARG F 264 25.99 30.58 20.41
C ARG F 264 25.22 29.38 19.82
N LEU F 265 24.22 29.64 18.94
CA LEU F 265 23.42 28.58 18.29
C LEU F 265 24.28 27.75 17.33
N MET F 266 25.05 28.42 16.45
CA MET F 266 25.94 27.76 15.47
C MET F 266 26.98 26.91 16.15
N GLU F 267 27.48 27.36 17.33
CA GLU F 267 28.46 26.63 18.14
C GLU F 267 27.85 25.35 18.69
N HIS F 268 26.58 25.40 19.16
CA HIS F 268 25.90 24.21 19.67
C HIS F 268 25.61 23.21 18.54
N LEU F 269 25.26 23.71 17.34
CA LEU F 269 24.97 22.88 16.17
C LEU F 269 26.26 22.33 15.48
N GLY F 270 27.42 22.82 15.92
CA GLY F 270 28.73 22.43 15.39
C GLY F 270 28.99 23.00 14.00
N LEU F 271 28.39 24.17 13.71
CA LEU F 271 28.50 24.84 12.42
C LEU F 271 29.31 26.11 12.52
N GLU F 272 30.09 26.41 11.47
CA GLU F 272 30.90 27.62 11.39
C GLU F 272 30.15 28.67 10.58
N ILE F 273 30.28 29.95 10.96
CA ILE F 273 29.64 31.04 10.24
C ILE F 273 30.53 31.36 9.01
N PRO F 274 29.99 31.19 7.75
CA PRO F 274 30.83 31.40 6.57
C PRO F 274 31.24 32.84 6.31
N ALA F 275 32.35 33.00 5.57
CA ALA F 275 32.90 34.28 5.17
C ALA F 275 32.08 34.91 4.07
N TRP F 276 32.01 36.25 4.06
CA TRP F 276 31.31 37.01 3.03
C TRP F 276 32.37 37.66 2.13
N ASP F 277 32.42 37.24 0.85
CA ASP F 277 33.39 37.74 -0.13
C ASP F 277 32.76 38.78 -1.08
N GLY F 278 31.97 39.69 -0.51
CA GLY F 278 31.31 40.76 -1.27
C GLY F 278 29.92 40.40 -1.76
N PRO F 279 29.18 41.36 -2.36
CA PRO F 279 27.79 41.07 -2.80
C PRO F 279 27.72 40.03 -3.91
N ARG F 280 26.90 38.97 -3.68
CA ARG F 280 26.70 37.85 -4.62
C ARG F 280 25.25 37.40 -4.59
N VAL F 281 24.67 37.16 -5.79
CA VAL F 281 23.27 36.74 -5.97
C VAL F 281 23.18 35.24 -6.34
N LEU F 282 22.42 34.46 -5.55
CA LEU F 282 22.14 33.06 -5.78
C LEU F 282 20.63 32.92 -5.98
N GLU F 283 20.22 32.56 -7.22
CA GLU F 283 18.82 32.41 -7.59
C GLU F 283 18.16 31.17 -7.00
N ARG F 284 18.79 29.99 -7.14
N ARG F 284 18.80 30.00 -7.14
CA ARG F 284 18.21 28.73 -6.66
CA ARG F 284 18.25 28.70 -6.68
C ARG F 284 19.10 27.98 -5.68
C ARG F 284 19.12 28.02 -5.63
N ALA F 285 18.46 27.36 -4.66
CA ALA F 285 19.11 26.58 -3.58
C ALA F 285 19.70 25.30 -4.13
N LEU F 286 20.87 24.93 -3.61
CA LEU F 286 21.60 23.71 -3.98
C LEU F 286 21.18 22.57 -3.02
N PRO F 287 21.42 21.26 -3.33
CA PRO F 287 21.07 20.21 -2.35
C PRO F 287 21.85 20.39 -1.03
N PRO F 288 21.31 19.98 0.13
CA PRO F 288 22.01 20.23 1.40
C PRO F 288 23.42 19.67 1.49
N LEU F 289 24.35 20.50 2.03
CA LEU F 289 25.75 20.15 2.27
C LEU F 289 25.83 19.23 3.51
N PRO F 290 26.93 18.45 3.73
CA PRO F 290 27.00 17.61 4.94
C PRO F 290 26.92 18.41 6.24
N ARG F 291 26.20 17.88 7.24
CA ARG F 291 26.04 18.54 8.55
C ARG F 291 26.43 17.59 9.69
N PRO F 292 26.88 18.10 10.89
CA PRO F 292 27.26 17.18 11.98
C PRO F 292 26.11 16.29 12.46
N PRO F 293 26.38 15.04 12.91
CA PRO F 293 25.28 14.17 13.39
C PRO F 293 24.53 14.77 14.58
N THR F 294 23.23 14.47 14.68
CA THR F 294 22.30 14.97 15.71
C THR F 294 22.57 14.36 17.11
N PRO F 295 22.62 15.19 18.19
CA PRO F 295 22.81 14.61 19.54
C PRO F 295 21.57 13.85 20.03
N LYS F 296 21.73 13.00 21.05
CA LYS F 296 20.63 12.21 21.64
C LYS F 296 19.63 13.11 22.41
#